data_8YK2
#
_entry.id   8YK2
#
_cell.length_a   70.557
_cell.length_b   125.055
_cell.length_c   196.788
_cell.angle_alpha   90.000
_cell.angle_beta   90.000
_cell.angle_gamma   90.000
#
_symmetry.space_group_name_H-M   'P 21 21 21'
#
loop_
_entity.id
_entity.type
_entity.pdbx_description
1 polymer Alpha-galactosidase
2 non-polymer GLYCEROL
3 non-polymer 'SULFATE ION'
4 non-polymer 'SODIUM ION'
5 water water
#
_entity_poly.entity_id   1
_entity_poly.type   'polypeptide(L)'
_entity_poly.pdbx_seq_one_letter_code
;MASMTGGQQMGRDPNAGGDVVSVADYGAAADSGEDSAPAIIKAVDKAKELAAEGKNVTIAFPKGRYDIYPDKAERRTLYV
SNTVGTNSSYKDKKIGILLEDTKNITVDGQGSDFVFHGKMTTFAAINSRNVTFKNFSVDFQVPTVIDLTVEKVDAGAKTA
TVYVPEEYNYRLSGSNIEWYSDSSPYTGATYWTASNALPYVQLYDTKTGLTVRGDVWTNPIFQNVTGITDAGNHRLVFSY
SSMSDKLANATGISYQMRQTTRDHPGVFLWKDKDVTLKGIDFRFLHGFGVVGQSTDTITMDGLHFGTGEGTGRSTAGYAD
FVQMSGCKGVITVANSSFSNPHDDPINVHGTFLQVVEKISDTKIKVRYMHNETAGFPSFFVGDQVEFMTKGDMLPVSDSV
RTVTAVDGPDGQGGDMGAGSGSLTDIVLTLDSAIPSAVAVNSHVVENITYTPEVNIHDNVFKETPTRGILVTTRKKVTIE
NNLFDGMGMAGIYISNDAQSWYESGPTRDVTIRGNTFRRSGSDAILVEPTNPTVSTTDTVHKNMTIEGNTFYVNGNRVLN
AKSVSDLTFRDNKIYRENPDDTVTLGGDADVALAVGDTRRIDATASVSQVSGSRLFRLNGCKQVVFGGNTYDVGVKAGID
LANMGASEVNVSDDSAKVGADGLVPVTGSIAYVSDDAAVASVDQDGTITAVGLEHHHHHH
;
_entity_poly.pdbx_strand_id   B,A
#
# COMPACT_ATOMS: atom_id res chain seq x y z
N GLY A 18 -59.38 -12.44 17.51
CA GLY A 18 -58.64 -13.58 17.01
C GLY A 18 -58.64 -14.80 17.92
N ASP A 19 -58.32 -15.96 17.36
CA ASP A 19 -58.24 -17.20 18.10
C ASP A 19 -56.82 -17.41 18.62
N VAL A 20 -56.74 -18.14 19.74
CA VAL A 20 -55.46 -18.42 20.41
C VAL A 20 -55.26 -19.92 20.50
N VAL A 21 -54.05 -20.37 20.20
CA VAL A 21 -53.65 -21.76 20.31
C VAL A 21 -52.48 -21.81 21.29
N SER A 22 -52.68 -22.42 22.45
CA SER A 22 -51.67 -22.48 23.48
C SER A 22 -50.85 -23.75 23.32
N VAL A 23 -49.52 -23.60 23.34
CA VAL A 23 -48.65 -24.78 23.27
C VAL A 23 -48.85 -25.69 24.47
N ALA A 24 -49.33 -25.14 25.59
CA ALA A 24 -49.56 -25.94 26.79
C ALA A 24 -50.72 -26.93 26.63
N ASP A 25 -51.50 -26.83 25.56
CA ASP A 25 -52.56 -27.79 25.28
C ASP A 25 -52.08 -28.93 24.39
N TYR A 26 -50.80 -28.95 24.02
CA TYR A 26 -50.27 -30.01 23.17
C TYR A 26 -49.08 -30.71 23.80
N GLY A 27 -48.92 -30.55 25.11
CA GLY A 27 -47.96 -31.32 25.88
C GLY A 27 -46.74 -30.54 26.31
N ALA A 28 -46.59 -29.30 25.85
CA ALA A 28 -45.50 -28.46 26.31
C ALA A 28 -45.73 -28.04 27.75
N ALA A 29 -44.68 -28.09 28.56
CA ALA A 29 -44.74 -27.63 29.94
C ALA A 29 -43.62 -26.59 30.11
N ALA A 30 -44.01 -25.33 30.30
CA ALA A 30 -43.04 -24.29 30.59
C ALA A 30 -42.19 -24.66 31.80
N ASP A 31 -40.90 -24.38 31.71
CA ASP A 31 -39.96 -24.60 32.82
C ASP A 31 -39.86 -26.07 33.20
N SER A 32 -40.12 -26.98 32.25
CA SER A 32 -40.08 -28.41 32.55
C SER A 32 -38.76 -29.07 32.17
N GLY A 33 -37.99 -28.48 31.27
CA GLY A 33 -36.86 -29.16 30.71
C GLY A 33 -37.19 -30.25 29.74
N GLU A 34 -38.48 -30.46 29.42
CA GLU A 34 -38.88 -31.49 28.48
C GLU A 34 -38.91 -30.93 27.06
N ASP A 35 -38.74 -31.81 26.08
CA ASP A 35 -38.71 -31.36 24.69
C ASP A 35 -40.09 -30.82 24.29
N SER A 36 -40.11 -29.59 23.78
CA SER A 36 -41.34 -28.94 23.36
C SER A 36 -41.56 -28.97 21.85
N ALA A 37 -40.59 -29.47 21.08
CA ALA A 37 -40.74 -29.52 19.63
C ALA A 37 -42.02 -30.23 19.17
N PRO A 38 -42.39 -31.41 19.69
CA PRO A 38 -43.64 -32.03 19.21
C PRO A 38 -44.87 -31.20 19.51
N ALA A 39 -44.97 -30.60 20.71
CA ALA A 39 -46.12 -29.78 21.05
C ALA A 39 -46.24 -28.58 20.12
N ILE A 40 -45.10 -27.98 19.75
CA ILE A 40 -45.13 -26.82 18.86
C ILE A 40 -45.67 -27.20 17.50
N ILE A 41 -45.24 -28.34 16.97
CA ILE A 41 -45.74 -28.81 15.68
C ILE A 41 -47.26 -29.00 15.74
N LYS A 42 -47.75 -29.66 16.79
CA LYS A 42 -49.19 -29.82 16.97
C LYS A 42 -49.90 -28.48 17.06
N ALA A 43 -49.32 -27.53 17.80
CA ALA A 43 -49.96 -26.23 17.94
C ALA A 43 -49.99 -25.46 16.63
N VAL A 44 -48.92 -25.58 15.83
CA VAL A 44 -48.91 -24.93 14.52
C VAL A 44 -49.93 -25.55 13.59
N ASP A 45 -50.06 -26.89 13.63
CA ASP A 45 -51.07 -27.56 12.79
C ASP A 45 -52.46 -27.04 13.11
N LYS A 46 -52.77 -26.85 14.41
CA LYS A 46 -54.06 -26.30 14.79
C LYS A 46 -54.23 -24.87 14.33
N ALA A 47 -53.21 -24.04 14.54
CA ALA A 47 -53.27 -22.65 14.11
C ALA A 47 -53.50 -22.55 12.60
N LYS A 48 -52.88 -23.44 11.83
CA LYS A 48 -53.06 -23.43 10.38
C LYS A 48 -54.48 -23.81 9.98
N GLU A 49 -55.11 -24.72 10.72
CA GLU A 49 -56.52 -25.03 10.47
C GLU A 49 -57.36 -23.77 10.59
N LEU A 50 -57.27 -23.09 11.73
CA LEU A 50 -58.04 -21.88 11.97
C LEU A 50 -57.72 -20.80 10.95
N ALA A 51 -56.43 -20.67 10.59
CA ALA A 51 -56.06 -19.65 9.62
C ALA A 51 -56.69 -19.91 8.26
N ALA A 52 -56.80 -21.19 7.88
CA ALA A 52 -57.43 -21.53 6.62
C ALA A 52 -58.92 -21.21 6.64
N GLU A 53 -59.54 -21.20 7.83
CA GLU A 53 -60.91 -20.76 8.00
C GLU A 53 -61.06 -19.24 7.95
N GLY A 54 -59.96 -18.50 7.77
CA GLY A 54 -60.02 -17.04 7.71
C GLY A 54 -59.82 -16.33 9.02
N LYS A 55 -59.47 -17.05 10.09
CA LYS A 55 -59.27 -16.45 11.39
C LYS A 55 -57.84 -15.92 11.52
N ASN A 56 -57.69 -14.81 12.24
CA ASN A 56 -56.38 -14.31 12.66
C ASN A 56 -55.98 -15.01 13.94
N VAL A 57 -54.87 -15.75 13.90
CA VAL A 57 -54.51 -16.69 14.96
C VAL A 57 -53.26 -16.19 15.69
N THR A 58 -53.23 -16.38 17.00
CA THR A 58 -52.04 -16.23 17.82
C THR A 58 -51.67 -17.58 18.42
N ILE A 59 -50.42 -17.98 18.28
CA ILE A 59 -49.87 -19.14 18.97
C ILE A 59 -49.13 -18.61 20.19
N ALA A 60 -49.58 -18.99 21.37
CA ALA A 60 -49.12 -18.37 22.62
C ALA A 60 -48.31 -19.37 23.43
N PHE A 61 -47.25 -18.87 24.05
CA PHE A 61 -46.40 -19.63 24.96
C PHE A 61 -46.60 -19.08 26.37
N PRO A 62 -47.31 -19.77 27.25
CA PRO A 62 -47.34 -19.34 28.66
C PRO A 62 -45.92 -19.08 29.15
N LYS A 63 -45.71 -17.91 29.77
CA LYS A 63 -44.37 -17.39 29.95
C LYS A 63 -43.49 -18.36 30.73
N GLY A 64 -42.33 -18.68 30.16
CA GLY A 64 -41.34 -19.47 30.86
C GLY A 64 -40.30 -19.95 29.87
N ARG A 65 -39.47 -20.88 30.34
CA ARG A 65 -38.45 -21.48 29.50
C ARG A 65 -39.03 -22.68 28.74
N TYR A 66 -38.79 -22.73 27.44
CA TYR A 66 -39.15 -23.87 26.61
C TYR A 66 -37.90 -24.43 25.95
N ASP A 67 -37.67 -25.72 26.11
CA ASP A 67 -36.56 -26.40 25.47
C ASP A 67 -37.04 -27.07 24.19
N ILE A 68 -36.29 -26.87 23.11
CA ILE A 68 -36.71 -27.29 21.78
C ILE A 68 -35.54 -28.07 21.19
N TYR A 69 -35.71 -29.38 21.03
CA TYR A 69 -34.65 -30.23 20.55
C TYR A 69 -34.80 -30.46 19.05
N PRO A 70 -33.70 -30.78 18.36
CA PRO A 70 -33.79 -31.02 16.91
C PRO A 70 -34.33 -32.40 16.52
N ASP A 71 -34.35 -33.36 17.45
CA ASP A 71 -34.64 -34.75 17.10
C ASP A 71 -35.99 -34.88 16.40
N LYS A 72 -37.04 -34.35 17.01
CA LYS A 72 -38.40 -34.46 16.49
C LYS A 72 -38.86 -33.17 15.80
N ALA A 73 -37.97 -32.22 15.58
CA ALA A 73 -38.33 -31.00 14.87
C ALA A 73 -38.58 -31.31 13.39
N GLU A 74 -39.34 -30.43 12.74
CA GLU A 74 -39.54 -30.54 11.30
C GLU A 74 -38.20 -30.55 10.58
N ARG A 75 -38.09 -31.41 9.57
CA ARG A 75 -36.91 -31.48 8.72
C ARG A 75 -37.31 -31.10 7.31
N ARG A 76 -36.50 -30.25 6.69
CA ARG A 76 -36.79 -29.75 5.35
C ARG A 76 -35.50 -29.69 4.56
N THR A 77 -35.54 -30.20 3.33
CA THR A 77 -34.47 -29.96 2.37
C THR A 77 -34.59 -28.52 1.87
N LEU A 78 -33.55 -27.72 2.08
CA LEU A 78 -33.63 -26.30 1.75
C LEU A 78 -32.26 -25.83 1.29
N TYR A 79 -32.25 -24.98 0.27
CA TYR A 79 -31.03 -24.34 -0.21
C TYR A 79 -31.11 -22.86 0.15
N VAL A 80 -30.08 -22.37 0.85
CA VAL A 80 -30.15 -21.14 1.61
C VAL A 80 -29.01 -20.22 1.18
N SER A 81 -29.36 -19.03 0.70
CA SER A 81 -28.38 -18.04 0.26
C SER A 81 -27.29 -17.81 1.29
N ASN A 82 -26.04 -17.73 0.80
CA ASN A 82 -24.88 -17.33 1.58
C ASN A 82 -24.56 -18.31 2.71
N THR A 83 -24.86 -19.61 2.55
CA THR A 83 -24.49 -20.56 3.57
C THR A 83 -23.59 -21.67 3.00
N VAL A 84 -24.19 -22.72 2.43
CA VAL A 84 -23.40 -23.89 2.02
C VAL A 84 -23.65 -24.27 0.56
N GLY A 85 -24.38 -23.44 -0.18
CA GLY A 85 -24.61 -23.72 -1.59
C GLY A 85 -25.20 -25.10 -1.78
N THR A 86 -24.61 -25.88 -2.69
CA THR A 86 -25.14 -27.18 -3.10
C THR A 86 -24.75 -28.32 -2.19
N ASN A 87 -23.94 -28.09 -1.16
CA ASN A 87 -23.34 -29.15 -0.36
C ASN A 87 -24.39 -30.11 0.20
N SER A 88 -24.38 -31.38 -0.26
CA SER A 88 -25.41 -32.34 0.13
C SER A 88 -25.32 -32.74 1.59
N SER A 89 -24.15 -32.62 2.22
CA SER A 89 -24.03 -32.93 3.64
C SER A 89 -24.92 -32.07 4.51
N TYR A 90 -25.35 -30.91 4.03
CA TYR A 90 -26.06 -29.96 4.87
C TYR A 90 -27.40 -29.51 4.28
N LYS A 91 -27.91 -30.21 3.26
CA LYS A 91 -29.14 -29.80 2.60
C LYS A 91 -30.37 -29.90 3.49
N ASP A 92 -30.36 -30.76 4.51
CA ASP A 92 -31.52 -30.95 5.37
C ASP A 92 -31.39 -30.12 6.63
N LYS A 93 -32.43 -29.34 6.94
CA LYS A 93 -32.44 -28.46 8.10
C LYS A 93 -33.48 -28.95 9.10
N LYS A 94 -33.10 -28.94 10.39
CA LYS A 94 -34.06 -29.05 11.48
C LYS A 94 -34.50 -27.64 11.86
N ILE A 95 -35.80 -27.44 12.04
CA ILE A 95 -36.39 -26.13 12.27
C ILE A 95 -37.29 -26.19 13.50
N GLY A 96 -36.98 -25.37 14.52
CA GLY A 96 -37.67 -25.47 15.79
C GLY A 96 -39.13 -25.08 15.71
N ILE A 97 -39.44 -23.99 15.01
CA ILE A 97 -40.80 -23.50 14.84
C ILE A 97 -40.97 -23.16 13.36
N LEU A 98 -41.85 -23.90 12.67
CA LEU A 98 -42.02 -23.73 11.23
C LEU A 98 -43.45 -23.34 10.91
N LEU A 99 -43.62 -22.16 10.30
CA LEU A 99 -44.89 -21.74 9.71
C LEU A 99 -44.76 -21.92 8.20
N GLU A 100 -45.47 -22.90 7.64
CA GLU A 100 -45.36 -23.28 6.24
C GLU A 100 -46.73 -23.21 5.58
N ASP A 101 -46.81 -22.53 4.42
CA ASP A 101 -47.99 -22.56 3.56
C ASP A 101 -49.24 -22.02 4.28
N THR A 102 -49.10 -20.89 4.96
CA THR A 102 -50.18 -20.41 5.81
C THR A 102 -50.23 -18.89 5.78
N LYS A 103 -51.03 -18.31 6.68
CA LYS A 103 -51.26 -16.88 6.71
C LYS A 103 -51.79 -16.49 8.08
N ASN A 104 -51.62 -15.22 8.42
CA ASN A 104 -52.33 -14.58 9.54
C ASN A 104 -52.08 -15.29 10.88
N ILE A 105 -50.85 -15.74 11.10
CA ILE A 105 -50.47 -16.41 12.35
C ILE A 105 -49.39 -15.59 13.03
N THR A 106 -49.57 -15.35 14.33
CA THR A 106 -48.59 -14.68 15.17
C THR A 106 -48.09 -15.68 16.20
N VAL A 107 -46.79 -15.90 16.24
CA VAL A 107 -46.17 -16.63 17.34
C VAL A 107 -45.80 -15.58 18.38
N ASP A 108 -46.46 -15.65 19.54
CA ASP A 108 -46.25 -14.71 20.63
C ASP A 108 -45.66 -15.49 21.81
N GLY A 109 -44.36 -15.30 22.06
CA GLY A 109 -43.69 -15.98 23.16
C GLY A 109 -44.06 -15.46 24.53
N GLN A 110 -44.69 -14.29 24.61
CA GLN A 110 -45.15 -13.70 25.88
C GLN A 110 -44.01 -13.55 26.88
N GLY A 111 -42.80 -13.27 26.40
CA GLY A 111 -41.64 -13.13 27.25
C GLY A 111 -40.93 -14.42 27.59
N SER A 112 -41.30 -15.52 26.94
CA SER A 112 -40.66 -16.80 27.17
C SER A 112 -39.22 -16.83 26.67
N ASP A 113 -38.45 -17.80 27.18
CA ASP A 113 -37.06 -18.03 26.77
C ASP A 113 -37.02 -19.37 26.05
N PHE A 114 -36.70 -19.34 24.76
CA PHE A 114 -36.57 -20.56 23.98
C PHE A 114 -35.10 -20.97 24.00
N VAL A 115 -34.84 -22.20 24.44
CA VAL A 115 -33.49 -22.76 24.43
C VAL A 115 -33.49 -23.90 23.43
N PHE A 116 -32.74 -23.74 22.35
CA PHE A 116 -32.58 -24.75 21.33
C PHE A 116 -31.35 -25.60 21.66
N HIS A 117 -31.22 -26.73 20.97
CA HIS A 117 -30.19 -27.70 21.31
C HIS A 117 -29.55 -28.20 20.03
N GLY A 118 -28.28 -28.61 20.14
CA GLY A 118 -27.58 -29.13 18.98
C GLY A 118 -27.38 -28.06 17.92
N LYS A 119 -27.56 -28.46 16.67
CA LYS A 119 -27.44 -27.57 15.52
C LYS A 119 -28.76 -27.60 14.77
N MET A 120 -29.44 -26.46 14.71
CA MET A 120 -30.76 -26.38 14.09
C MET A 120 -31.08 -24.93 13.82
N THR A 121 -32.05 -24.72 12.93
CA THR A 121 -32.67 -23.42 12.73
C THR A 121 -33.69 -23.18 13.84
N THR A 122 -33.76 -21.94 14.32
CA THR A 122 -34.63 -21.67 15.46
C THR A 122 -36.08 -21.57 14.99
N PHE A 123 -36.39 -20.62 14.12
CA PHE A 123 -37.74 -20.58 13.58
C PHE A 123 -37.69 -20.18 12.11
N ALA A 124 -38.80 -20.41 11.42
CA ALA A 124 -38.85 -20.18 9.98
C ALA A 124 -40.29 -20.01 9.55
N ALA A 125 -40.47 -19.26 8.46
CA ALA A 125 -41.75 -19.14 7.76
C ALA A 125 -41.51 -19.34 6.28
N ILE A 126 -42.27 -20.24 5.66
CA ILE A 126 -42.08 -20.59 4.25
C ILE A 126 -43.41 -20.44 3.52
N ASN A 127 -43.40 -19.71 2.40
CA ASN A 127 -44.56 -19.55 1.54
C ASN A 127 -45.80 -19.12 2.35
N SER A 128 -45.62 -18.12 3.21
CA SER A 128 -46.66 -17.69 4.14
C SER A 128 -46.80 -16.17 4.07
N ARG A 129 -47.99 -15.67 4.47
CA ARG A 129 -48.32 -14.26 4.34
C ARG A 129 -48.78 -13.70 5.67
N ASN A 130 -48.36 -12.47 5.98
CA ASN A 130 -48.74 -11.76 7.19
C ASN A 130 -48.57 -12.63 8.44
N VAL A 131 -47.32 -13.08 8.66
CA VAL A 131 -46.94 -13.85 9.83
C VAL A 131 -46.00 -13.03 10.70
N THR A 132 -46.08 -13.26 12.01
CA THR A 132 -45.31 -12.48 12.98
C THR A 132 -44.69 -13.43 14.00
N PHE A 133 -43.45 -13.13 14.40
CA PHE A 133 -42.83 -13.76 15.56
C PHE A 133 -42.46 -12.65 16.53
N LYS A 134 -42.86 -12.78 17.80
CA LYS A 134 -42.58 -11.71 18.74
C LYS A 134 -42.48 -12.24 20.16
N ASN A 135 -41.77 -11.46 21.00
CA ASN A 135 -41.79 -11.53 22.47
C ASN A 135 -41.20 -12.84 23.02
N PHE A 136 -39.97 -13.14 22.62
CA PHE A 136 -39.24 -14.24 23.24
C PHE A 136 -37.74 -14.00 23.10
N SER A 137 -36.97 -14.75 23.89
CA SER A 137 -35.52 -14.83 23.73
C SER A 137 -35.16 -16.14 23.03
N VAL A 138 -34.00 -16.13 22.37
CA VAL A 138 -33.49 -17.26 21.61
C VAL A 138 -32.07 -17.54 22.10
N ASP A 139 -31.80 -18.80 22.45
CA ASP A 139 -30.50 -19.18 23.00
C ASP A 139 -30.28 -20.66 22.68
N PHE A 140 -29.06 -21.14 22.88
CA PHE A 140 -28.73 -22.55 22.70
C PHE A 140 -28.12 -23.06 23.99
N GLN A 141 -28.46 -24.31 24.34
CA GLN A 141 -27.96 -24.88 25.59
C GLN A 141 -26.43 -24.83 25.63
N VAL A 142 -25.78 -25.31 24.58
CA VAL A 142 -24.34 -25.22 24.41
C VAL A 142 -24.07 -24.52 23.09
N PRO A 143 -23.76 -23.22 23.11
CA PRO A 143 -23.49 -22.50 21.87
C PRO A 143 -22.31 -23.10 21.13
N THR A 144 -22.37 -23.02 19.81
CA THR A 144 -21.38 -23.61 18.93
C THR A 144 -20.22 -22.65 18.66
N VAL A 145 -20.26 -21.45 19.22
CA VAL A 145 -19.09 -20.60 19.35
C VAL A 145 -18.62 -20.69 20.79
N ILE A 146 -17.34 -21.03 20.98
CA ILE A 146 -16.77 -21.21 22.31
C ILE A 146 -15.91 -19.98 22.64
N ASP A 147 -16.38 -19.17 23.59
CA ASP A 147 -15.71 -17.92 23.97
C ASP A 147 -14.82 -18.19 25.17
N LEU A 148 -13.50 -18.11 24.99
CA LEU A 148 -12.52 -18.34 26.04
C LEU A 148 -11.75 -17.05 26.31
N THR A 149 -11.67 -16.64 27.56
CA THR A 149 -11.03 -15.38 27.91
C THR A 149 -9.72 -15.67 28.64
N VAL A 150 -8.63 -15.11 28.13
CA VAL A 150 -7.33 -15.18 28.82
C VAL A 150 -7.35 -14.11 29.91
N GLU A 151 -7.48 -14.53 31.16
CA GLU A 151 -7.56 -13.54 32.23
C GLU A 151 -6.19 -13.12 32.74
N LYS A 152 -5.22 -14.01 32.69
CA LYS A 152 -3.87 -13.74 33.21
C LYS A 152 -2.89 -14.53 32.38
N VAL A 153 -1.70 -13.97 32.22
CA VAL A 153 -0.57 -14.70 31.63
C VAL A 153 0.61 -14.56 32.58
N ASP A 154 1.36 -15.64 32.73
CA ASP A 154 2.58 -15.64 33.55
C ASP A 154 3.73 -16.08 32.65
N ALA A 155 4.48 -15.10 32.15
CA ALA A 155 5.54 -15.40 31.19
C ALA A 155 6.64 -16.25 31.81
N GLY A 156 6.98 -15.99 33.07
CA GLY A 156 8.01 -16.77 33.73
C GLY A 156 7.58 -18.21 33.96
N ALA A 157 6.37 -18.40 34.51
CA ALA A 157 5.86 -19.76 34.65
C ALA A 157 5.43 -20.37 33.32
N LYS A 158 5.29 -19.56 32.28
CA LYS A 158 4.78 -19.99 30.98
C LYS A 158 3.40 -20.62 31.13
N THR A 159 2.49 -19.86 31.72
CA THR A 159 1.11 -20.29 31.86
C THR A 159 0.18 -19.17 31.40
N ALA A 160 -1.06 -19.54 31.15
CA ALA A 160 -2.14 -18.61 30.92
C ALA A 160 -3.37 -19.15 31.64
N THR A 161 -4.08 -18.27 32.33
CA THR A 161 -5.29 -18.65 33.04
C THR A 161 -6.49 -18.26 32.19
N VAL A 162 -7.34 -19.25 31.89
CA VAL A 162 -8.37 -19.13 30.86
C VAL A 162 -9.73 -19.34 31.50
N TYR A 163 -10.62 -18.36 31.35
CA TYR A 163 -11.99 -18.50 31.82
C TYR A 163 -12.82 -19.23 30.77
N VAL A 164 -13.51 -20.28 31.21
CA VAL A 164 -14.37 -21.11 30.36
C VAL A 164 -15.80 -20.94 30.86
N PRO A 165 -16.67 -20.27 30.11
CA PRO A 165 -18.04 -20.05 30.60
C PRO A 165 -18.76 -21.34 30.93
N GLU A 166 -19.58 -21.28 31.98
CA GLU A 166 -20.35 -22.40 32.51
C GLU A 166 -21.07 -23.22 31.44
N GLU A 167 -21.48 -22.58 30.35
CA GLU A 167 -22.34 -23.24 29.36
C GLU A 167 -21.64 -24.38 28.63
N TYR A 168 -20.32 -24.35 28.55
CA TYR A 168 -19.61 -25.35 27.77
C TYR A 168 -19.31 -26.59 28.61
N ASN A 169 -19.32 -27.75 27.95
CA ASN A 169 -18.88 -29.00 28.56
C ASN A 169 -17.52 -29.38 28.00
N TYR A 170 -16.63 -29.84 28.87
CA TYR A 170 -15.33 -30.31 28.40
C TYR A 170 -14.82 -31.42 29.29
N ARG A 171 -13.89 -32.20 28.74
CA ARG A 171 -13.04 -33.08 29.51
C ARG A 171 -11.59 -32.79 29.14
N LEU A 172 -10.70 -32.94 30.12
CA LEU A 172 -9.27 -32.85 29.89
C LEU A 172 -8.70 -34.26 29.76
N SER A 173 -7.82 -34.44 28.78
CA SER A 173 -7.05 -35.68 28.66
C SER A 173 -5.68 -35.35 28.12
N GLY A 174 -4.65 -35.65 28.91
CA GLY A 174 -3.31 -35.23 28.56
C GLY A 174 -3.23 -33.72 28.50
N SER A 175 -2.68 -33.20 27.41
CA SER A 175 -2.65 -31.77 27.20
C SER A 175 -3.74 -31.31 26.23
N ASN A 176 -4.78 -32.13 26.08
CA ASN A 176 -5.89 -31.87 25.18
C ASN A 176 -7.15 -31.54 25.98
N ILE A 177 -7.99 -30.71 25.39
CA ILE A 177 -9.32 -30.45 25.94
C ILE A 177 -10.33 -30.90 24.90
N GLU A 178 -11.34 -31.65 25.33
CA GLU A 178 -12.35 -32.21 24.45
C GLU A 178 -13.68 -31.53 24.76
N TRP A 179 -14.22 -30.78 23.78
CA TRP A 179 -15.49 -30.09 23.92
C TRP A 179 -16.65 -31.00 23.54
N TYR A 180 -17.77 -30.89 24.26
CA TYR A 180 -18.93 -31.63 23.80
C TYR A 180 -20.20 -30.85 24.13
N SER A 181 -21.20 -31.06 23.30
CA SER A 181 -22.51 -30.44 23.50
C SER A 181 -23.25 -31.20 24.59
N ASP A 182 -24.51 -30.85 24.79
CA ASP A 182 -25.42 -31.67 25.58
C ASP A 182 -25.87 -32.87 24.75
N SER A 183 -26.65 -33.75 25.37
CA SER A 183 -27.03 -35.03 24.78
C SER A 183 -28.51 -35.04 24.42
N SER A 184 -28.85 -35.82 23.40
CA SER A 184 -30.24 -36.02 23.03
C SER A 184 -30.99 -36.70 24.18
N PRO A 185 -32.18 -36.20 24.54
CA PRO A 185 -32.99 -36.92 25.54
C PRO A 185 -33.64 -38.17 24.98
N TYR A 186 -33.59 -38.38 23.67
CA TYR A 186 -34.17 -39.55 23.02
C TYR A 186 -33.15 -40.67 22.85
N THR A 187 -31.95 -40.36 22.35
CA THR A 187 -30.94 -41.36 22.10
C THR A 187 -29.80 -41.35 23.10
N GLY A 188 -29.65 -40.29 23.89
CA GLY A 188 -28.52 -40.15 24.78
C GLY A 188 -27.22 -39.74 24.13
N ALA A 189 -27.19 -39.64 22.81
CA ALA A 189 -25.96 -39.31 22.10
C ALA A 189 -25.70 -37.81 22.09
N THR A 190 -24.43 -37.42 22.21
CA THR A 190 -24.06 -36.01 22.12
C THR A 190 -24.28 -35.50 20.71
N TYR A 191 -24.80 -34.27 20.61
CA TYR A 191 -25.05 -33.69 19.28
C TYR A 191 -23.75 -33.36 18.55
N TRP A 192 -22.72 -32.89 19.26
CA TRP A 192 -21.46 -32.60 18.60
C TRP A 192 -20.32 -32.61 19.61
N THR A 193 -19.11 -32.75 19.08
CA THR A 193 -17.89 -32.71 19.86
C THR A 193 -16.81 -32.04 19.03
N ALA A 194 -15.76 -31.59 19.70
CA ALA A 194 -14.62 -30.95 19.06
C ALA A 194 -13.45 -31.03 20.01
N SER A 195 -12.25 -30.71 19.53
CA SER A 195 -11.08 -30.71 20.41
C SER A 195 -10.23 -29.47 20.22
N ASN A 196 -9.66 -29.00 21.33
CA ASN A 196 -8.63 -27.95 21.34
C ASN A 196 -9.17 -26.74 20.58
N ALA A 197 -8.42 -26.18 19.63
CA ALA A 197 -8.87 -25.00 18.92
C ALA A 197 -9.85 -25.39 17.82
N LEU A 198 -11.02 -24.75 17.80
CA LEU A 198 -11.91 -24.85 16.65
C LEU A 198 -11.26 -24.12 15.46
N PRO A 199 -11.79 -24.26 14.24
CA PRO A 199 -11.03 -23.76 13.07
C PRO A 199 -10.80 -22.25 13.02
N TYR A 200 -11.78 -21.43 13.42
CA TYR A 200 -11.73 -19.98 13.26
C TYR A 200 -11.79 -19.32 14.63
N VAL A 201 -11.06 -18.22 14.81
CA VAL A 201 -11.13 -17.46 16.04
C VAL A 201 -11.07 -15.98 15.71
N GLN A 202 -11.79 -15.18 16.50
CA GLN A 202 -11.69 -13.73 16.46
C GLN A 202 -11.54 -13.25 17.90
N LEU A 203 -11.23 -11.94 18.06
CA LEU A 203 -10.73 -11.39 19.30
C LEU A 203 -11.65 -10.30 19.83
N TYR A 204 -12.19 -10.52 21.02
CA TYR A 204 -12.95 -9.49 21.73
C TYR A 204 -12.09 -8.99 22.89
N ASP A 205 -11.76 -7.70 22.87
CA ASP A 205 -10.96 -7.10 23.92
C ASP A 205 -11.91 -6.64 25.02
N THR A 206 -11.92 -7.37 26.15
CA THR A 206 -12.82 -7.03 27.24
C THR A 206 -12.49 -5.67 27.84
N LYS A 207 -11.28 -5.17 27.62
CA LYS A 207 -10.93 -3.86 28.17
C LYS A 207 -11.62 -2.75 27.39
N THR A 208 -11.59 -2.83 26.06
CA THR A 208 -12.06 -1.73 25.21
C THR A 208 -13.44 -1.97 24.61
N GLY A 209 -13.88 -3.22 24.52
CA GLY A 209 -15.11 -3.52 23.83
C GLY A 209 -14.96 -3.69 22.33
N LEU A 210 -13.74 -3.66 21.81
CA LEU A 210 -13.52 -3.77 20.37
C LEU A 210 -13.33 -5.23 19.99
N THR A 211 -13.96 -5.63 18.89
CA THR A 211 -13.87 -6.98 18.36
C THR A 211 -13.20 -6.90 16.99
N VAL A 212 -12.16 -7.72 16.80
CA VAL A 212 -11.41 -7.73 15.53
C VAL A 212 -11.10 -9.16 15.12
N ARG A 213 -10.79 -9.31 13.84
CA ARG A 213 -10.12 -10.50 13.34
C ARG A 213 -8.62 -10.24 13.32
N GLY A 214 -7.85 -11.15 13.94
CA GLY A 214 -6.41 -11.16 13.78
C GLY A 214 -6.05 -12.26 12.81
N ASP A 215 -5.14 -13.16 13.20
CA ASP A 215 -4.87 -14.38 12.42
C ASP A 215 -5.93 -15.39 12.80
N VAL A 216 -7.03 -15.41 12.03
CA VAL A 216 -8.21 -16.17 12.46
C VAL A 216 -7.97 -17.67 12.48
N TRP A 217 -6.94 -18.17 11.78
CA TRP A 217 -6.67 -19.61 11.75
C TRP A 217 -5.63 -20.06 12.77
N THR A 218 -5.14 -19.14 13.62
CA THR A 218 -4.12 -19.46 14.61
C THR A 218 -4.58 -18.97 15.98
N ASN A 219 -4.95 -19.89 16.87
CA ASN A 219 -5.41 -19.54 18.20
C ASN A 219 -4.26 -19.64 19.18
N PRO A 220 -3.81 -18.54 19.81
CA PRO A 220 -2.64 -18.62 20.68
C PRO A 220 -2.89 -19.39 21.98
N ILE A 221 -4.14 -19.58 22.39
CA ILE A 221 -4.40 -20.42 23.55
C ILE A 221 -3.89 -21.84 23.31
N PHE A 222 -3.91 -22.31 22.05
CA PHE A 222 -3.69 -23.72 21.76
C PHE A 222 -2.40 -24.01 20.99
N GLN A 223 -1.44 -23.08 21.00
CA GLN A 223 -0.11 -23.33 20.44
C GLN A 223 0.84 -23.74 21.55
N ASN A 224 1.58 -24.84 21.34
CA ASN A 224 2.68 -25.26 22.22
C ASN A 224 2.21 -25.57 23.64
N VAL A 225 0.99 -26.10 23.78
CA VAL A 225 0.45 -26.44 25.09
C VAL A 225 1.17 -27.68 25.62
N THR A 226 1.62 -27.62 26.87
CA THR A 226 2.20 -28.79 27.51
C THR A 226 1.37 -29.30 28.68
N GLY A 227 0.27 -28.65 29.02
CA GLY A 227 -0.57 -29.14 30.08
C GLY A 227 -1.79 -28.28 30.28
N ILE A 228 -2.87 -28.88 30.80
CA ILE A 228 -4.07 -28.16 31.18
C ILE A 228 -4.46 -28.62 32.57
N THR A 229 -4.71 -27.66 33.46
CA THR A 229 -5.04 -27.91 34.86
C THR A 229 -6.35 -27.24 35.18
N ASP A 230 -7.27 -27.97 35.80
CA ASP A 230 -8.51 -27.37 36.28
C ASP A 230 -8.23 -26.57 37.54
N ALA A 231 -8.49 -25.26 37.49
CA ALA A 231 -8.22 -24.38 38.62
C ALA A 231 -9.48 -24.01 39.38
N GLY A 232 -10.61 -24.62 39.05
CA GLY A 232 -11.86 -24.35 39.73
C GLY A 232 -12.48 -23.02 39.33
N ASN A 233 -13.75 -22.86 39.69
CA ASN A 233 -14.51 -21.64 39.42
C ASN A 233 -14.37 -21.21 37.97
N HIS A 234 -14.51 -22.18 37.06
CA HIS A 234 -14.59 -22.00 35.62
C HIS A 234 -13.29 -21.54 34.99
N ARG A 235 -12.16 -21.66 35.69
CA ARG A 235 -10.85 -21.32 35.14
C ARG A 235 -10.05 -22.58 34.87
N LEU A 236 -9.27 -22.55 33.79
CA LEU A 236 -8.24 -23.53 33.50
C LEU A 236 -6.89 -22.84 33.46
N VAL A 237 -5.85 -23.54 33.89
CA VAL A 237 -4.49 -23.06 33.70
C VAL A 237 -3.84 -23.89 32.60
N PHE A 238 -3.55 -23.24 31.48
CA PHE A 238 -2.76 -23.86 30.41
C PHE A 238 -1.29 -23.62 30.69
N SER A 239 -0.47 -24.63 30.44
CA SER A 239 0.99 -24.53 30.49
C SER A 239 1.55 -24.72 29.10
N TYR A 240 2.66 -24.04 28.83
CA TYR A 240 3.24 -23.91 27.50
C TYR A 240 4.74 -24.21 27.53
N SER A 241 5.23 -24.78 26.42
CA SER A 241 6.66 -24.98 26.27
C SER A 241 7.38 -23.66 26.01
N SER A 242 6.69 -22.69 25.40
CA SER A 242 7.24 -21.34 25.26
C SER A 242 6.12 -20.33 25.18
N MET A 243 6.46 -19.08 25.39
CA MET A 243 5.50 -17.99 25.44
C MET A 243 5.72 -17.13 24.19
N SER A 244 4.83 -17.26 23.21
CA SER A 244 4.88 -16.43 22.03
C SER A 244 4.48 -15.00 22.37
N ASP A 245 4.80 -14.07 21.45
CA ASP A 245 4.42 -12.68 21.66
C ASP A 245 2.90 -12.52 21.67
N LYS A 246 2.21 -13.24 20.79
CA LYS A 246 0.75 -13.21 20.79
C LYS A 246 0.19 -13.57 22.16
N LEU A 247 0.63 -14.71 22.72
CA LEU A 247 0.07 -15.15 23.99
C LEU A 247 0.50 -14.22 25.12
N ALA A 248 1.75 -13.75 25.10
CA ALA A 248 2.24 -12.83 26.14
C ALA A 248 1.34 -11.61 26.30
N ASN A 249 0.72 -11.16 25.20
CA ASN A 249 -0.13 -9.96 25.22
C ASN A 249 -1.63 -10.28 25.24
N ALA A 250 -2.01 -11.49 25.65
CA ALA A 250 -3.39 -11.95 25.51
C ALA A 250 -4.28 -11.58 26.68
N THR A 251 -3.76 -10.87 27.68
CA THR A 251 -4.53 -10.61 28.89
C THR A 251 -5.78 -9.78 28.58
N GLY A 252 -6.93 -10.25 29.05
CA GLY A 252 -8.19 -9.56 28.84
C GLY A 252 -8.84 -9.80 27.49
N ILE A 253 -8.25 -10.64 26.65
CA ILE A 253 -8.78 -10.94 25.31
C ILE A 253 -9.63 -12.20 25.38
N SER A 254 -10.86 -12.13 24.85
CA SER A 254 -11.70 -13.29 24.68
C SER A 254 -11.53 -13.83 23.26
N TYR A 255 -11.12 -15.10 23.16
CA TYR A 255 -10.88 -15.78 21.89
C TYR A 255 -12.14 -16.57 21.55
N GLN A 256 -12.89 -16.07 20.56
CA GLN A 256 -14.21 -16.58 20.20
C GLN A 256 -14.02 -17.52 19.02
N MET A 257 -14.10 -18.83 19.25
CA MET A 257 -13.71 -19.80 18.23
C MET A 257 -14.91 -20.65 17.79
N ARG A 258 -14.85 -21.13 16.56
CA ARG A 258 -15.98 -21.84 15.96
C ARG A 258 -15.54 -22.52 14.67
N GLN A 259 -16.34 -23.49 14.24
CA GLN A 259 -16.33 -23.91 12.84
C GLN A 259 -16.91 -22.77 11.99
N THR A 260 -16.69 -22.84 10.67
CA THR A 260 -17.23 -21.82 9.78
C THR A 260 -18.37 -22.33 8.89
N THR A 261 -18.59 -23.63 8.82
CA THR A 261 -19.68 -24.18 8.00
C THR A 261 -21.02 -23.66 8.49
N ARG A 262 -21.78 -23.07 7.57
CA ARG A 262 -23.08 -22.47 7.92
C ARG A 262 -24.19 -23.49 7.65
N ASP A 263 -24.19 -24.56 8.45
CA ASP A 263 -25.01 -25.73 8.13
C ASP A 263 -26.50 -25.46 8.23
N HIS A 264 -26.91 -24.49 9.04
CA HIS A 264 -28.29 -24.04 9.17
C HIS A 264 -28.36 -22.53 9.11
N PRO A 265 -29.44 -21.98 8.57
CA PRO A 265 -29.75 -20.57 8.85
C PRO A 265 -30.25 -20.45 10.29
N GLY A 266 -30.00 -19.30 10.90
CA GLY A 266 -30.51 -19.08 12.25
C GLY A 266 -32.02 -18.95 12.24
N VAL A 267 -32.54 -18.15 11.32
CA VAL A 267 -33.95 -18.02 11.01
C VAL A 267 -34.05 -18.03 9.49
N PHE A 268 -35.14 -18.59 8.96
CA PHE A 268 -35.32 -18.66 7.50
C PHE A 268 -36.70 -18.15 7.13
N LEU A 269 -36.74 -17.13 6.27
CA LEU A 269 -38.01 -16.52 5.84
C LEU A 269 -38.02 -16.55 4.31
N TRP A 270 -38.58 -17.62 3.74
CA TRP A 270 -38.45 -17.97 2.33
C TRP A 270 -39.81 -17.84 1.64
N LYS A 271 -39.86 -17.01 0.59
CA LYS A 271 -41.04 -16.90 -0.28
C LYS A 271 -42.26 -16.40 0.49
N ASP A 272 -42.03 -15.49 1.44
CA ASP A 272 -43.13 -14.98 2.26
C ASP A 272 -43.56 -13.61 1.77
N LYS A 273 -44.60 -13.09 2.44
CA LYS A 273 -45.02 -11.72 2.24
C LYS A 273 -45.46 -11.15 3.58
N ASP A 274 -44.94 -9.97 3.92
CA ASP A 274 -45.32 -9.23 5.12
C ASP A 274 -45.03 -10.03 6.40
N VAL A 275 -43.73 -10.21 6.65
CA VAL A 275 -43.26 -10.90 7.85
C VAL A 275 -42.78 -9.85 8.84
N THR A 276 -43.06 -10.08 10.13
CA THR A 276 -42.61 -9.19 11.20
C THR A 276 -41.89 -10.00 12.26
N LEU A 277 -40.71 -9.55 12.66
CA LEU A 277 -40.00 -10.03 13.84
C LEU A 277 -39.89 -8.84 14.79
N LYS A 278 -40.37 -9.00 16.02
CA LYS A 278 -40.27 -7.87 16.94
C LYS A 278 -40.15 -8.32 18.38
N GLY A 279 -39.43 -7.53 19.17
CA GLY A 279 -39.19 -7.83 20.56
C GLY A 279 -38.60 -9.20 20.78
N ILE A 280 -37.58 -9.57 20.00
CA ILE A 280 -36.89 -10.85 20.17
C ILE A 280 -35.46 -10.57 20.61
N ASP A 281 -35.02 -11.26 21.66
CA ASP A 281 -33.65 -11.20 22.14
C ASP A 281 -32.90 -12.41 21.61
N PHE A 282 -32.01 -12.19 20.64
CA PHE A 282 -31.18 -13.27 20.10
C PHE A 282 -29.91 -13.32 20.94
N ARG A 283 -29.89 -14.22 21.92
CA ARG A 283 -28.71 -14.37 22.77
C ARG A 283 -27.66 -15.26 22.14
N PHE A 284 -28.07 -16.21 21.31
CA PHE A 284 -27.15 -16.96 20.46
C PHE A 284 -27.94 -17.56 19.30
N LEU A 285 -27.42 -17.38 18.09
CA LEU A 285 -27.95 -18.03 16.90
C LEU A 285 -26.87 -18.94 16.34
N HIS A 286 -27.21 -20.21 16.13
CA HIS A 286 -26.26 -21.12 15.52
C HIS A 286 -26.32 -21.06 13.99
N GLY A 287 -25.18 -21.31 13.36
CA GLY A 287 -25.15 -21.55 11.91
C GLY A 287 -25.11 -20.33 11.03
N PHE A 288 -26.03 -19.40 11.22
CA PHE A 288 -26.11 -18.19 10.42
C PHE A 288 -27.12 -17.27 11.11
N GLY A 289 -27.43 -16.15 10.51
CA GLY A 289 -28.32 -15.18 11.09
C GLY A 289 -29.75 -15.36 10.60
N VAL A 290 -30.51 -14.26 10.67
CA VAL A 290 -31.85 -14.22 10.13
C VAL A 290 -31.75 -14.06 8.62
N VAL A 291 -32.24 -15.06 7.88
CA VAL A 291 -32.15 -15.04 6.42
C VAL A 291 -33.55 -14.82 5.86
N GLY A 292 -33.73 -13.71 5.14
CA GLY A 292 -34.88 -13.52 4.27
C GLY A 292 -34.45 -13.88 2.86
N GLN A 293 -35.31 -14.59 2.15
CA GLN A 293 -34.94 -15.06 0.81
C GLN A 293 -36.18 -15.07 -0.07
N SER A 294 -36.17 -14.24 -1.13
CA SER A 294 -37.31 -14.14 -2.06
C SER A 294 -38.60 -13.81 -1.32
N THR A 295 -38.50 -12.99 -0.27
CA THR A 295 -39.65 -12.59 0.53
C THR A 295 -39.96 -11.12 0.28
N ASP A 296 -41.26 -10.79 0.24
CA ASP A 296 -41.74 -9.42 0.00
C ASP A 296 -42.12 -8.82 1.34
N THR A 297 -41.32 -7.84 1.80
CA THR A 297 -41.53 -7.05 3.01
C THR A 297 -41.24 -7.83 4.29
N ILE A 298 -40.20 -7.40 5.00
CA ILE A 298 -39.84 -7.95 6.30
C ILE A 298 -39.56 -6.77 7.23
N THR A 299 -40.22 -6.75 8.38
CA THR A 299 -40.02 -5.71 9.38
C THR A 299 -39.38 -6.32 10.61
N MET A 300 -38.27 -5.73 11.04
CA MET A 300 -37.53 -6.17 12.21
C MET A 300 -37.46 -4.98 13.16
N ASP A 301 -38.06 -5.13 14.34
CA ASP A 301 -38.28 -3.98 15.22
C ASP A 301 -38.00 -4.43 16.65
N GLY A 302 -37.10 -3.74 17.34
CA GLY A 302 -36.81 -4.10 18.71
C GLY A 302 -36.11 -5.43 18.86
N LEU A 303 -35.26 -5.79 17.92
CA LEU A 303 -34.47 -7.01 18.02
C LEU A 303 -33.17 -6.69 18.75
N HIS A 304 -32.77 -7.57 19.66
CA HIS A 304 -31.51 -7.34 20.36
C HIS A 304 -30.64 -8.58 20.18
N PHE A 305 -29.65 -8.44 19.30
CA PHE A 305 -28.66 -9.48 19.06
C PHE A 305 -27.49 -9.20 19.98
N GLY A 306 -27.33 -10.03 21.01
CA GLY A 306 -26.28 -9.82 21.99
C GLY A 306 -26.48 -10.76 23.16
N THR A 307 -25.39 -11.18 23.80
CA THR A 307 -25.53 -12.03 24.96
C THR A 307 -26.00 -11.20 26.14
N GLY A 308 -26.83 -11.78 26.99
CA GLY A 308 -27.37 -11.07 28.12
C GLY A 308 -26.33 -10.84 29.20
N GLU A 309 -26.78 -10.27 30.31
CA GLU A 309 -25.89 -10.01 31.43
C GLU A 309 -25.71 -11.22 32.34
N GLY A 310 -26.49 -12.28 32.13
CA GLY A 310 -26.38 -13.48 32.95
C GLY A 310 -25.53 -14.58 32.35
N THR A 311 -24.60 -14.22 31.46
CA THR A 311 -23.64 -15.18 30.92
C THR A 311 -22.27 -14.55 30.84
N GLY A 312 -21.23 -15.39 30.94
CA GLY A 312 -19.88 -14.98 30.63
C GLY A 312 -19.52 -15.04 29.17
N ARG A 313 -20.43 -15.55 28.34
CA ARG A 313 -20.19 -15.59 26.91
C ARG A 313 -20.24 -14.18 26.32
N SER A 314 -19.70 -14.04 25.12
CA SER A 314 -19.71 -12.76 24.42
C SER A 314 -20.26 -12.83 23.00
N THR A 315 -20.20 -13.99 22.34
CA THR A 315 -20.66 -14.12 20.97
C THR A 315 -22.17 -14.33 20.92
N ALA A 316 -22.88 -13.49 20.17
CA ALA A 316 -24.30 -13.71 19.94
C ALA A 316 -24.61 -14.34 18.59
N GLY A 317 -23.70 -14.24 17.62
CA GLY A 317 -23.98 -14.80 16.32
C GLY A 317 -22.83 -15.63 15.79
N TYR A 318 -23.14 -16.86 15.38
CA TYR A 318 -22.18 -17.74 14.74
C TYR A 318 -21.63 -17.14 13.46
N ALA A 319 -22.41 -16.32 12.78
CA ALA A 319 -21.93 -15.58 11.63
C ALA A 319 -22.63 -14.22 11.58
N ASP A 320 -23.32 -13.93 10.49
CA ASP A 320 -23.99 -12.64 10.37
C ASP A 320 -25.28 -12.64 11.20
N PHE A 321 -25.86 -11.45 11.37
CA PHE A 321 -27.13 -11.35 12.08
C PHE A 321 -28.32 -11.32 11.14
N VAL A 322 -28.26 -10.51 10.10
CA VAL A 322 -29.40 -10.25 9.24
C VAL A 322 -28.94 -10.30 7.80
N GLN A 323 -29.47 -11.26 7.03
CA GLN A 323 -29.17 -11.46 5.63
C GLN A 323 -30.50 -11.38 4.87
N MET A 324 -30.66 -10.38 4.01
CA MET A 324 -31.89 -10.24 3.22
C MET A 324 -31.48 -10.39 1.76
N SER A 325 -31.68 -11.60 1.22
CA SER A 325 -31.10 -12.02 -0.05
C SER A 325 -32.22 -12.12 -1.09
N GLY A 326 -32.13 -11.31 -2.14
CA GLY A 326 -33.13 -11.33 -3.19
C GLY A 326 -34.56 -11.13 -2.70
N CYS A 327 -34.77 -10.16 -1.81
CA CYS A 327 -36.11 -9.84 -1.31
C CYS A 327 -36.68 -8.66 -2.09
N LYS A 328 -37.95 -8.32 -1.81
CA LYS A 328 -38.55 -7.13 -2.41
C LYS A 328 -39.47 -6.49 -1.38
N GLY A 329 -40.24 -5.48 -1.79
CA GLY A 329 -41.03 -4.74 -0.83
C GLY A 329 -40.14 -3.84 0.02
N VAL A 330 -40.46 -3.72 1.30
CA VAL A 330 -39.69 -2.87 2.21
C VAL A 330 -39.02 -3.76 3.26
N ILE A 331 -37.71 -3.63 3.39
CA ILE A 331 -36.93 -4.26 4.46
C ILE A 331 -36.69 -3.19 5.50
N THR A 332 -37.28 -3.36 6.68
CA THR A 332 -37.11 -2.41 7.78
C THR A 332 -36.32 -3.06 8.92
N VAL A 333 -35.30 -2.37 9.40
CA VAL A 333 -34.58 -2.74 10.62
C VAL A 333 -34.60 -1.52 11.54
N ALA A 334 -35.32 -1.62 12.66
CA ALA A 334 -35.59 -0.44 13.47
C ALA A 334 -35.43 -0.75 14.95
N ASN A 335 -34.90 0.22 15.71
CA ASN A 335 -34.91 0.15 17.17
C ASN A 335 -34.22 -1.11 17.69
N SER A 336 -33.19 -1.56 17.00
CA SER A 336 -32.56 -2.83 17.29
C SER A 336 -31.10 -2.62 17.69
N SER A 337 -30.49 -3.66 18.25
CA SER A 337 -29.08 -3.58 18.59
C SER A 337 -28.37 -4.86 18.17
N PHE A 338 -27.09 -4.71 17.85
CA PHE A 338 -26.29 -5.76 17.24
C PHE A 338 -24.93 -5.76 17.92
N SER A 339 -24.61 -6.85 18.62
CA SER A 339 -23.34 -6.94 19.33
C SER A 339 -22.73 -8.32 19.12
N ASN A 340 -21.52 -8.34 18.62
CA ASN A 340 -20.65 -9.50 18.50
C ASN A 340 -21.18 -10.61 17.60
N PRO A 341 -21.35 -10.34 16.31
CA PRO A 341 -21.45 -11.41 15.33
C PRO A 341 -20.04 -11.87 14.97
N HIS A 342 -19.97 -12.89 14.11
CA HIS A 342 -18.70 -13.29 13.50
C HIS A 342 -18.67 -12.92 12.03
N ASP A 343 -19.56 -12.03 11.60
CA ASP A 343 -19.64 -11.56 10.22
C ASP A 343 -20.49 -10.29 10.25
N ASP A 344 -20.74 -9.71 9.08
CA ASP A 344 -21.45 -8.42 9.04
C ASP A 344 -22.82 -8.50 9.71
N PRO A 345 -23.17 -7.55 10.58
CA PRO A 345 -24.53 -7.55 11.15
C PRO A 345 -25.65 -7.58 10.11
N ILE A 346 -25.58 -6.77 9.05
CA ILE A 346 -26.67 -6.66 8.07
C ILE A 346 -26.09 -6.66 6.67
N ASN A 347 -26.66 -7.50 5.79
CA ASN A 347 -26.35 -7.48 4.35
C ASN A 347 -27.66 -7.63 3.58
N VAL A 348 -28.05 -6.58 2.84
CA VAL A 348 -29.18 -6.63 1.93
C VAL A 348 -28.62 -6.64 0.50
N HIS A 349 -28.94 -7.69 -0.26
CA HIS A 349 -28.34 -7.85 -1.59
C HIS A 349 -29.19 -8.84 -2.36
N GLY A 350 -28.94 -8.90 -3.67
CA GLY A 350 -29.37 -10.00 -4.50
C GLY A 350 -28.18 -10.82 -4.98
N THR A 351 -28.44 -11.72 -5.94
CA THR A 351 -27.39 -12.56 -6.52
C THR A 351 -27.34 -12.35 -8.02
N PHE A 352 -26.18 -11.99 -8.55
CA PHE A 352 -25.96 -12.06 -10.00
C PHE A 352 -25.75 -13.50 -10.40
N LEU A 353 -26.36 -13.91 -11.50
CA LEU A 353 -26.04 -15.19 -12.11
C LEU A 353 -25.43 -14.93 -13.48
N GLN A 354 -24.42 -15.72 -13.82
CA GLN A 354 -23.63 -15.50 -15.02
C GLN A 354 -24.22 -16.26 -16.21
N VAL A 355 -24.32 -15.59 -17.35
CA VAL A 355 -24.75 -16.25 -18.58
C VAL A 355 -23.69 -17.28 -18.96
N VAL A 356 -24.09 -18.55 -18.98
CA VAL A 356 -23.18 -19.63 -19.38
C VAL A 356 -23.60 -20.33 -20.66
N GLU A 357 -24.79 -20.05 -21.18
CA GLU A 357 -25.19 -20.60 -22.48
C GLU A 357 -26.32 -19.75 -23.05
N LYS A 358 -26.17 -19.33 -24.30
CA LYS A 358 -27.27 -18.70 -25.04
C LYS A 358 -27.92 -19.79 -25.87
N ILE A 359 -29.06 -20.29 -25.38
CA ILE A 359 -29.77 -21.39 -26.05
C ILE A 359 -30.50 -20.88 -27.29
N SER A 360 -31.14 -19.72 -27.18
CA SER A 360 -31.70 -19.02 -28.33
C SER A 360 -31.70 -17.53 -28.02
N ASP A 361 -32.27 -16.74 -28.92
CA ASP A 361 -32.35 -15.30 -28.68
C ASP A 361 -33.25 -14.95 -27.50
N THR A 362 -34.10 -15.87 -27.06
CA THR A 362 -35.00 -15.64 -25.95
C THR A 362 -34.82 -16.65 -24.82
N LYS A 363 -33.75 -17.45 -24.86
CA LYS A 363 -33.57 -18.50 -23.87
C LYS A 363 -32.10 -18.61 -23.49
N ILE A 364 -31.81 -18.53 -22.19
CA ILE A 364 -30.44 -18.55 -21.68
C ILE A 364 -30.35 -19.46 -20.47
N LYS A 365 -29.16 -20.01 -20.25
CA LYS A 365 -28.82 -20.71 -19.02
C LYS A 365 -27.89 -19.82 -18.19
N VAL A 366 -28.24 -19.60 -16.93
CA VAL A 366 -27.46 -18.75 -16.03
C VAL A 366 -27.01 -19.60 -14.84
N ARG A 367 -25.90 -19.20 -14.21
CA ARG A 367 -25.23 -20.05 -13.22
C ARG A 367 -24.89 -19.28 -11.95
N TYR A 368 -25.14 -19.92 -10.80
CA TYR A 368 -24.64 -19.47 -9.51
C TYR A 368 -23.13 -19.70 -9.45
N MET A 369 -22.36 -18.60 -9.36
CA MET A 369 -20.91 -18.69 -9.45
C MET A 369 -20.19 -18.74 -8.09
N HIS A 370 -20.84 -18.41 -6.98
CA HIS A 370 -20.17 -18.51 -5.69
C HIS A 370 -20.63 -19.76 -4.95
N ASN A 371 -19.68 -20.49 -4.34
CA ASN A 371 -20.01 -21.83 -3.86
C ASN A 371 -20.89 -21.84 -2.61
N GLU A 372 -21.20 -20.69 -2.01
CA GLU A 372 -22.08 -20.68 -0.85
C GLU A 372 -23.51 -20.26 -1.19
N THR A 373 -23.78 -19.87 -2.43
CA THR A 373 -25.12 -19.47 -2.84
C THR A 373 -25.51 -20.21 -4.11
N ALA A 374 -26.44 -21.16 -3.97
CA ALA A 374 -26.89 -21.98 -5.09
C ALA A 374 -28.04 -22.86 -4.61
N GLY A 375 -28.77 -23.43 -5.59
CA GLY A 375 -29.74 -24.46 -5.29
C GLY A 375 -31.16 -24.01 -5.09
N PHE A 376 -31.44 -22.72 -5.22
CA PHE A 376 -32.77 -22.15 -5.01
C PHE A 376 -33.09 -21.24 -6.19
N PRO A 377 -34.37 -20.92 -6.41
CA PRO A 377 -34.71 -20.04 -7.53
C PRO A 377 -34.40 -18.59 -7.20
N SER A 378 -33.76 -17.89 -8.13
CA SER A 378 -33.66 -16.44 -8.09
C SER A 378 -34.59 -15.78 -9.11
N PHE A 379 -35.42 -16.57 -9.79
CA PHE A 379 -36.27 -16.06 -10.85
C PHE A 379 -37.61 -16.80 -10.82
N PHE A 380 -38.69 -16.05 -11.02
CA PHE A 380 -40.02 -16.61 -11.11
C PHE A 380 -40.70 -16.05 -12.36
N VAL A 381 -41.63 -16.84 -12.92
CA VAL A 381 -42.34 -16.39 -14.11
C VAL A 381 -43.02 -15.07 -13.82
N GLY A 382 -42.83 -14.10 -14.70
CA GLY A 382 -43.34 -12.77 -14.52
C GLY A 382 -42.33 -11.78 -13.99
N ASP A 383 -41.19 -12.24 -13.48
CA ASP A 383 -40.18 -11.34 -12.96
C ASP A 383 -39.49 -10.60 -14.10
N GLN A 384 -39.01 -9.41 -13.81
CA GLN A 384 -38.16 -8.66 -14.73
C GLN A 384 -36.68 -8.87 -14.39
N VAL A 385 -35.85 -8.94 -15.42
CA VAL A 385 -34.41 -9.12 -15.29
C VAL A 385 -33.72 -8.05 -16.10
N GLU A 386 -32.45 -7.81 -15.78
CA GLU A 386 -31.62 -6.85 -16.50
C GLU A 386 -30.21 -7.42 -16.58
N PHE A 387 -29.54 -7.15 -17.70
CA PHE A 387 -28.23 -7.71 -17.98
C PHE A 387 -27.15 -6.69 -17.67
N MET A 388 -26.01 -7.18 -17.18
CA MET A 388 -24.89 -6.33 -16.82
C MET A 388 -23.63 -6.89 -17.47
N THR A 389 -22.73 -6.00 -17.87
CA THR A 389 -21.37 -6.41 -18.21
C THR A 389 -20.52 -6.38 -16.95
N LYS A 390 -19.87 -7.53 -16.64
CA LYS A 390 -19.13 -7.68 -15.39
C LYS A 390 -17.98 -6.71 -15.26
N GLY A 391 -17.29 -6.45 -16.38
CA GLY A 391 -16.03 -5.71 -16.33
C GLY A 391 -16.18 -4.32 -15.75
N ASP A 392 -17.16 -3.55 -16.25
CA ASP A 392 -17.44 -2.22 -15.72
C ASP A 392 -18.67 -2.20 -14.81
N MET A 393 -19.34 -3.34 -14.64
CA MET A 393 -20.53 -3.48 -13.80
C MET A 393 -21.62 -2.49 -14.21
N LEU A 394 -21.73 -2.21 -15.53
CA LEU A 394 -22.78 -1.33 -16.00
C LEU A 394 -23.90 -2.12 -16.67
N PRO A 395 -25.14 -1.63 -16.64
CA PRO A 395 -26.22 -2.33 -17.32
C PRO A 395 -26.04 -2.29 -18.83
N VAL A 396 -26.52 -3.33 -19.50
CA VAL A 396 -26.62 -3.31 -20.96
C VAL A 396 -27.83 -2.48 -21.34
N SER A 397 -27.66 -1.56 -22.30
CA SER A 397 -28.74 -0.67 -22.71
C SER A 397 -29.98 -1.48 -23.12
N ASP A 398 -31.14 -1.05 -22.65
CA ASP A 398 -32.42 -1.59 -23.08
C ASP A 398 -32.47 -3.11 -22.96
N SER A 399 -32.02 -3.63 -21.80
CA SER A 399 -31.90 -5.07 -21.63
C SER A 399 -32.90 -5.62 -20.62
N VAL A 400 -33.86 -4.82 -20.17
CA VAL A 400 -34.87 -5.31 -19.25
C VAL A 400 -35.82 -6.24 -20.01
N ARG A 401 -35.96 -7.47 -19.51
CA ARG A 401 -36.84 -8.45 -20.10
C ARG A 401 -37.68 -9.08 -18.99
N THR A 402 -38.77 -9.73 -19.40
CA THR A 402 -39.66 -10.43 -18.48
C THR A 402 -39.47 -11.92 -18.64
N VAL A 403 -39.46 -12.64 -17.52
CA VAL A 403 -39.29 -14.09 -17.53
C VAL A 403 -40.62 -14.72 -17.91
N THR A 404 -40.61 -15.62 -18.90
CA THR A 404 -41.82 -16.34 -19.29
C THR A 404 -41.79 -17.80 -18.89
N ALA A 405 -40.61 -18.36 -18.62
CA ALA A 405 -40.50 -19.73 -18.16
C ALA A 405 -39.21 -19.86 -17.35
N VAL A 406 -39.23 -20.77 -16.39
CA VAL A 406 -38.06 -21.06 -15.56
C VAL A 406 -37.91 -22.57 -15.45
N ASP A 407 -36.72 -23.07 -15.79
CA ASP A 407 -36.37 -24.47 -15.59
C ASP A 407 -35.13 -24.53 -14.71
N GLY A 408 -35.29 -25.00 -13.49
CA GLY A 408 -34.20 -25.03 -12.53
C GLY A 408 -34.63 -25.48 -11.15
N PRO A 409 -33.73 -25.35 -10.18
CA PRO A 409 -34.04 -25.86 -8.83
C PRO A 409 -35.14 -25.05 -8.16
N ASP A 410 -36.00 -25.75 -7.43
CA ASP A 410 -37.11 -25.09 -6.73
C ASP A 410 -36.75 -24.70 -5.30
N GLY A 411 -35.56 -25.04 -4.82
CA GLY A 411 -35.12 -24.66 -3.50
C GLY A 411 -35.24 -25.74 -2.45
N GLN A 412 -35.96 -26.82 -2.74
CA GLN A 412 -36.09 -27.93 -1.81
C GLN A 412 -35.81 -29.27 -2.48
N GLY A 413 -34.98 -29.27 -3.52
CA GLY A 413 -34.54 -30.51 -4.14
C GLY A 413 -35.34 -30.96 -5.35
N GLY A 414 -36.36 -30.21 -5.76
CA GLY A 414 -37.16 -30.53 -6.92
C GLY A 414 -36.91 -29.58 -8.08
N ASP A 415 -37.78 -29.67 -9.07
CA ASP A 415 -37.64 -28.91 -10.31
C ASP A 415 -38.73 -27.86 -10.43
N MET A 416 -38.34 -26.65 -10.85
CA MET A 416 -39.26 -25.73 -11.47
C MET A 416 -39.29 -26.00 -12.96
N GLY A 417 -40.48 -26.00 -13.54
CA GLY A 417 -40.60 -26.34 -14.94
C GLY A 417 -39.97 -27.68 -15.23
N ALA A 418 -39.16 -27.73 -16.29
CA ALA A 418 -38.52 -28.97 -16.70
C ALA A 418 -37.31 -29.33 -15.85
N GLY A 419 -36.88 -28.43 -14.96
CA GLY A 419 -35.63 -28.61 -14.27
C GLY A 419 -34.45 -28.26 -15.16
N SER A 420 -33.27 -28.19 -14.55
CA SER A 420 -32.05 -27.88 -15.28
C SER A 420 -30.99 -28.97 -15.16
N GLY A 421 -31.18 -29.94 -14.28
CA GLY A 421 -30.17 -30.95 -14.06
C GLY A 421 -28.99 -30.49 -13.21
N SER A 422 -29.04 -29.28 -12.66
CA SER A 422 -27.95 -28.81 -11.80
C SER A 422 -28.49 -27.84 -10.77
N LEU A 423 -28.02 -27.98 -9.53
CA LEU A 423 -28.39 -27.05 -8.49
C LEU A 423 -27.84 -25.64 -8.74
N THR A 424 -26.82 -25.50 -9.59
CA THR A 424 -26.22 -24.19 -9.85
C THR A 424 -26.81 -23.48 -11.06
N ASP A 425 -27.64 -24.15 -11.85
CA ASP A 425 -27.99 -23.67 -13.18
C ASP A 425 -29.49 -23.44 -13.29
N ILE A 426 -29.86 -22.31 -13.88
CA ILE A 426 -31.25 -21.98 -14.15
C ILE A 426 -31.37 -21.62 -15.63
N VAL A 427 -32.40 -22.16 -16.29
CA VAL A 427 -32.68 -21.85 -17.69
C VAL A 427 -33.87 -20.90 -17.73
N LEU A 428 -33.67 -19.72 -18.29
CA LEU A 428 -34.70 -18.70 -18.37
C LEU A 428 -35.15 -18.50 -19.80
N THR A 429 -36.46 -18.41 -19.99
CA THR A 429 -37.04 -17.95 -21.25
C THR A 429 -37.55 -16.53 -21.04
N LEU A 430 -37.19 -15.65 -21.95
CA LEU A 430 -37.52 -14.23 -21.86
C LEU A 430 -38.57 -13.87 -22.89
N ASP A 431 -39.29 -12.78 -22.63
CA ASP A 431 -40.46 -12.41 -23.41
C ASP A 431 -40.09 -11.96 -24.83
N SER A 432 -38.93 -11.36 -25.01
CA SER A 432 -38.47 -10.96 -26.33
C SER A 432 -36.96 -11.14 -26.40
N ALA A 433 -36.42 -11.06 -27.62
CA ALA A 433 -35.01 -11.35 -27.84
C ALA A 433 -34.12 -10.46 -27.00
N ILE A 434 -33.12 -11.06 -26.37
CA ILE A 434 -32.18 -10.32 -25.52
C ILE A 434 -31.27 -9.49 -26.42
N PRO A 435 -30.65 -8.41 -25.92
CA PRO A 435 -29.70 -7.67 -26.76
C PRO A 435 -28.62 -8.58 -27.31
N SER A 436 -28.20 -8.31 -28.55
CA SER A 436 -27.26 -9.20 -29.21
C SER A 436 -25.86 -9.13 -28.62
N ALA A 437 -25.54 -8.05 -27.88
CA ALA A 437 -24.24 -7.94 -27.25
C ALA A 437 -24.10 -8.88 -26.05
N VAL A 438 -25.21 -9.40 -25.51
CA VAL A 438 -25.15 -10.30 -24.36
C VAL A 438 -24.47 -11.60 -24.77
N ALA A 439 -23.46 -12.01 -24.01
CA ALA A 439 -22.68 -13.20 -24.37
C ALA A 439 -22.37 -14.01 -23.13
N VAL A 440 -21.94 -15.25 -23.38
CA VAL A 440 -21.50 -16.15 -22.31
C VAL A 440 -20.33 -15.53 -21.55
N ASN A 441 -20.35 -15.66 -20.22
CA ASN A 441 -19.29 -15.31 -19.29
C ASN A 441 -19.04 -13.82 -19.10
N SER A 442 -19.13 -13.03 -20.18
CA SER A 442 -18.94 -11.60 -20.03
C SER A 442 -20.10 -10.92 -19.33
N HIS A 443 -21.27 -11.57 -19.28
CA HIS A 443 -22.49 -10.93 -18.83
C HIS A 443 -23.12 -11.70 -17.67
N VAL A 444 -23.82 -10.96 -16.80
CA VAL A 444 -24.58 -11.54 -15.71
C VAL A 444 -25.99 -10.98 -15.76
N VAL A 445 -26.89 -11.61 -15.01
CA VAL A 445 -28.30 -11.24 -14.95
C VAL A 445 -28.65 -10.90 -13.51
N GLU A 446 -29.44 -9.84 -13.34
CA GLU A 446 -30.00 -9.44 -12.05
C GLU A 446 -31.52 -9.51 -12.12
N ASN A 447 -32.14 -10.19 -11.15
CA ASN A 447 -33.60 -10.09 -10.98
C ASN A 447 -33.94 -8.73 -10.40
N ILE A 448 -34.46 -7.82 -11.22
CA ILE A 448 -34.72 -6.47 -10.72
C ILE A 448 -36.09 -6.36 -10.06
N THR A 449 -36.96 -7.35 -10.23
CA THR A 449 -38.20 -7.37 -9.45
C THR A 449 -37.90 -7.56 -7.97
N TYR A 450 -36.98 -8.48 -7.66
CA TYR A 450 -36.61 -8.78 -6.28
C TYR A 450 -35.46 -7.88 -5.83
N THR A 451 -35.77 -6.59 -5.77
CA THR A 451 -34.89 -5.58 -5.19
C THR A 451 -35.74 -4.84 -4.17
N PRO A 452 -35.29 -4.74 -2.92
CA PRO A 452 -36.14 -4.14 -1.89
C PRO A 452 -35.80 -2.69 -1.61
N GLU A 453 -36.79 -1.95 -1.14
CA GLU A 453 -36.53 -0.72 -0.41
C GLU A 453 -35.95 -1.06 0.97
N VAL A 454 -35.11 -0.18 1.52
CA VAL A 454 -34.41 -0.47 2.76
C VAL A 454 -34.50 0.73 3.68
N ASN A 455 -34.94 0.49 4.91
CA ASN A 455 -35.07 1.54 5.92
C ASN A 455 -34.45 0.98 7.20
N ILE A 456 -33.23 1.40 7.49
CA ILE A 456 -32.49 0.93 8.66
C ILE A 456 -32.28 2.13 9.57
N HIS A 457 -32.97 2.17 10.71
CA HIS A 457 -32.97 3.40 11.49
C HIS A 457 -33.06 3.12 12.99
N ASP A 458 -32.40 3.99 13.76
CA ASP A 458 -32.45 3.99 15.22
C ASP A 458 -31.94 2.67 15.80
N ASN A 459 -30.85 2.15 15.24
CA ASN A 459 -30.18 0.95 15.73
C ASN A 459 -28.82 1.28 16.33
N VAL A 460 -28.25 0.29 17.03
CA VAL A 460 -26.92 0.40 17.61
C VAL A 460 -26.09 -0.78 17.13
N PHE A 461 -24.93 -0.51 16.57
CA PHE A 461 -24.01 -1.53 16.10
C PHE A 461 -22.72 -1.38 16.90
N LYS A 462 -22.31 -2.45 17.59
CA LYS A 462 -21.04 -2.42 18.31
C LYS A 462 -20.43 -3.82 18.32
N GLU A 463 -19.19 -3.90 18.82
CA GLU A 463 -18.51 -5.18 19.05
C GLU A 463 -18.53 -6.06 17.79
N THR A 464 -18.09 -5.48 16.68
CA THR A 464 -18.25 -6.08 15.36
C THR A 464 -16.90 -6.08 14.64
N PRO A 465 -16.38 -7.26 14.24
CA PRO A 465 -15.05 -7.29 13.61
C PRO A 465 -15.05 -6.90 12.15
N THR A 466 -16.21 -6.91 11.47
CA THR A 466 -16.20 -6.66 10.04
C THR A 466 -16.96 -5.37 9.75
N ARG A 467 -17.81 -5.35 8.73
CA ARG A 467 -18.54 -4.15 8.34
C ARG A 467 -19.85 -4.07 9.12
N GLY A 468 -20.39 -2.87 9.26
CA GLY A 468 -21.66 -2.69 9.96
C GLY A 468 -22.86 -3.07 9.10
N ILE A 469 -23.04 -2.36 7.98
CA ILE A 469 -24.18 -2.58 7.07
C ILE A 469 -23.65 -2.71 5.65
N LEU A 470 -24.04 -3.78 4.96
CA LEU A 470 -23.91 -3.87 3.51
C LEU A 470 -25.29 -3.70 2.88
N VAL A 471 -25.40 -2.85 1.86
CA VAL A 471 -26.68 -2.73 1.16
C VAL A 471 -26.45 -2.41 -0.31
N THR A 472 -27.00 -3.25 -1.18
CA THR A 472 -26.89 -3.08 -2.64
C THR A 472 -28.28 -3.34 -3.25
N THR A 473 -29.05 -2.28 -3.42
CA THR A 473 -30.37 -2.37 -4.06
C THR A 473 -30.61 -1.08 -4.82
N ARG A 474 -31.34 -1.18 -5.94
CA ARG A 474 -31.67 0.01 -6.72
C ARG A 474 -32.85 0.79 -6.16
N LYS A 475 -33.59 0.21 -5.22
CA LYS A 475 -34.71 0.91 -4.60
C LYS A 475 -34.21 1.89 -3.55
N LYS A 476 -35.14 2.69 -3.02
CA LYS A 476 -34.81 3.69 -2.02
C LYS A 476 -34.14 3.05 -0.81
N VAL A 477 -33.00 3.61 -0.41
CA VAL A 477 -32.24 3.18 0.77
C VAL A 477 -32.14 4.35 1.72
N THR A 478 -32.52 4.11 2.98
CA THR A 478 -32.40 5.07 4.06
C THR A 478 -31.69 4.39 5.21
N ILE A 479 -30.55 4.94 5.61
CA ILE A 479 -29.79 4.49 6.79
C ILE A 479 -29.69 5.70 7.69
N GLU A 480 -30.45 5.70 8.80
CA GLU A 480 -30.72 6.96 9.46
C GLU A 480 -30.68 6.81 10.97
N ASN A 481 -29.98 7.72 11.64
CA ASN A 481 -30.02 7.82 13.10
C ASN A 481 -29.55 6.53 13.77
N ASN A 482 -28.52 5.90 13.21
CA ASN A 482 -27.89 4.75 13.84
C ASN A 482 -26.57 5.14 14.52
N LEU A 483 -26.17 4.31 15.49
CA LEU A 483 -24.86 4.45 16.12
C LEU A 483 -23.99 3.27 15.68
N PHE A 484 -22.82 3.58 15.11
CA PHE A 484 -21.79 2.60 14.78
C PHE A 484 -20.60 2.85 15.69
N ASP A 485 -20.30 1.88 16.57
CA ASP A 485 -19.21 2.06 17.54
C ASP A 485 -18.28 0.86 17.44
N GLY A 486 -17.09 1.08 16.90
CA GLY A 486 -16.06 0.06 16.88
C GLY A 486 -16.13 -0.93 15.75
N MET A 487 -16.72 -0.58 14.60
CA MET A 487 -16.71 -1.50 13.47
C MET A 487 -15.26 -1.77 13.05
N GLY A 488 -14.88 -3.05 12.97
CA GLY A 488 -13.51 -3.37 12.61
C GLY A 488 -13.18 -3.01 11.16
N MET A 489 -14.16 -3.10 10.28
CA MET A 489 -13.99 -2.68 8.88
C MET A 489 -14.97 -1.55 8.59
N ALA A 490 -15.32 -1.30 7.32
CA ALA A 490 -16.16 -0.13 7.01
C ALA A 490 -17.47 -0.14 7.80
N GLY A 491 -17.90 1.04 8.26
CA GLY A 491 -19.20 1.12 8.94
C GLY A 491 -20.33 0.75 8.01
N ILE A 492 -20.37 1.39 6.84
CA ILE A 492 -21.33 1.09 5.79
C ILE A 492 -20.53 0.76 4.54
N TYR A 493 -20.87 -0.35 3.89
CA TYR A 493 -20.15 -0.85 2.73
C TYR A 493 -21.16 -1.08 1.61
N ILE A 494 -21.03 -0.36 0.51
CA ILE A 494 -21.93 -0.49 -0.63
C ILE A 494 -21.06 -0.94 -1.80
N SER A 495 -21.28 -2.16 -2.29
CA SER A 495 -20.38 -2.74 -3.28
C SER A 495 -21.11 -2.84 -4.61
N ASN A 496 -21.64 -4.02 -5.00
CA ASN A 496 -22.09 -4.44 -6.33
C ASN A 496 -20.94 -5.16 -7.01
N ASP A 497 -21.05 -6.47 -7.15
CA ASP A 497 -19.90 -7.36 -7.30
C ASP A 497 -20.33 -8.52 -8.19
N ALA A 498 -19.71 -8.65 -9.36
CA ALA A 498 -19.80 -9.87 -10.16
C ALA A 498 -18.41 -10.45 -10.40
N GLN A 499 -17.56 -10.35 -9.39
CA GLN A 499 -16.16 -10.75 -9.48
C GLN A 499 -15.84 -11.92 -8.55
N SER A 500 -16.07 -11.78 -7.25
CA SER A 500 -15.85 -12.87 -6.30
C SER A 500 -17.13 -13.31 -5.63
N TRP A 501 -17.94 -12.38 -5.14
CA TRP A 501 -19.11 -12.70 -4.34
C TRP A 501 -20.39 -12.80 -5.15
N TYR A 502 -20.45 -12.13 -6.31
CA TYR A 502 -21.61 -12.14 -7.20
C TYR A 502 -22.87 -11.70 -6.46
N GLU A 503 -22.77 -10.58 -5.75
CA GLU A 503 -23.89 -9.99 -5.05
C GLU A 503 -24.27 -8.69 -5.73
N SER A 504 -25.54 -8.60 -6.14
CA SER A 504 -26.17 -7.45 -6.76
C SER A 504 -26.83 -6.60 -5.68
N GLY A 505 -27.28 -5.39 -6.02
CA GLY A 505 -27.14 -4.73 -7.32
C GLY A 505 -26.85 -3.25 -7.19
N PRO A 506 -26.84 -2.53 -8.33
CA PRO A 506 -26.46 -1.11 -8.29
C PRO A 506 -27.50 -0.28 -7.55
N THR A 507 -27.04 0.83 -6.96
CA THR A 507 -27.91 1.71 -6.19
C THR A 507 -28.31 2.93 -7.01
N ARG A 508 -29.53 3.42 -6.76
CA ARG A 508 -30.07 4.59 -7.46
C ARG A 508 -30.60 5.67 -6.53
N ASP A 509 -30.69 5.43 -5.22
CA ASP A 509 -31.30 6.40 -4.29
C ASP A 509 -30.91 6.00 -2.87
N VAL A 510 -29.77 6.51 -2.40
CA VAL A 510 -29.22 6.18 -1.09
C VAL A 510 -29.14 7.44 -0.26
N THR A 511 -29.69 7.38 0.96
CA THR A 511 -29.56 8.46 1.91
C THR A 511 -28.99 7.92 3.21
N ILE A 512 -27.88 8.50 3.64
CA ILE A 512 -27.20 8.12 4.88
C ILE A 512 -27.21 9.38 5.74
N ARG A 513 -28.05 9.38 6.79
CA ARG A 513 -28.40 10.63 7.46
C ARG A 513 -28.41 10.47 8.97
N GLY A 514 -27.78 11.40 9.68
CA GLY A 514 -27.94 11.51 11.12
C GLY A 514 -27.33 10.39 11.93
N ASN A 515 -26.41 9.63 11.35
CA ASN A 515 -25.75 8.54 12.05
C ASN A 515 -24.53 9.08 12.79
N THR A 516 -24.07 8.32 13.77
CA THR A 516 -22.81 8.61 14.44
C THR A 516 -21.87 7.44 14.26
N PHE A 517 -20.61 7.74 13.91
CA PHE A 517 -19.57 6.74 13.74
C PHE A 517 -18.48 7.04 14.78
N ARG A 518 -18.19 6.06 15.63
CA ARG A 518 -17.16 6.16 16.65
C ARG A 518 -16.22 4.98 16.52
N ARG A 519 -14.94 5.22 16.85
CA ARG A 519 -13.91 4.16 16.90
C ARG A 519 -13.93 3.32 15.62
N SER A 520 -13.91 4.02 14.49
CA SER A 520 -13.99 3.35 13.20
C SER A 520 -12.71 2.59 12.92
N GLY A 521 -12.83 1.27 12.73
CA GLY A 521 -11.66 0.47 12.43
C GLY A 521 -11.12 0.70 11.03
N SER A 522 -11.93 1.26 10.13
CA SER A 522 -11.49 1.54 8.77
C SER A 522 -12.23 2.79 8.25
N ASP A 523 -12.47 2.89 6.93
CA ASP A 523 -13.35 3.94 6.42
C ASP A 523 -14.68 3.91 7.17
N ALA A 524 -15.25 5.10 7.41
CA ALA A 524 -16.60 5.12 7.95
C ALA A 524 -17.60 4.62 6.91
N ILE A 525 -17.50 5.12 5.69
CA ILE A 525 -18.40 4.74 4.60
C ILE A 525 -17.53 4.36 3.41
N LEU A 526 -17.75 3.17 2.88
CA LEU A 526 -16.95 2.67 1.76
C LEU A 526 -17.91 2.28 0.65
N VAL A 527 -17.81 2.93 -0.50
CA VAL A 527 -18.58 2.56 -1.69
C VAL A 527 -17.56 2.00 -2.68
N GLU A 528 -17.63 0.70 -2.97
CA GLU A 528 -16.62 0.07 -3.80
C GLU A 528 -17.23 -1.10 -4.54
N PRO A 529 -17.98 -0.83 -5.61
CA PRO A 529 -18.26 -1.91 -6.57
C PRO A 529 -16.92 -2.48 -7.04
N THR A 530 -16.92 -3.76 -7.39
CA THR A 530 -15.65 -4.41 -7.66
C THR A 530 -15.35 -4.51 -9.16
N ASN A 531 -15.94 -3.65 -9.99
CA ASN A 531 -15.58 -3.58 -11.41
C ASN A 531 -14.09 -3.33 -11.59
N PRO A 532 -13.35 -4.23 -12.26
CA PRO A 532 -11.94 -3.94 -12.57
C PRO A 532 -11.78 -2.84 -13.61
N THR A 533 -12.78 -2.58 -14.44
CA THR A 533 -12.76 -1.51 -15.43
C THR A 533 -13.54 -0.32 -14.89
N VAL A 534 -12.88 0.84 -14.80
CA VAL A 534 -13.55 2.04 -14.31
C VAL A 534 -14.02 2.81 -15.53
N SER A 535 -15.31 2.69 -15.84
CA SER A 535 -15.87 3.39 -17.00
C SER A 535 -15.72 4.89 -16.84
N THR A 536 -15.23 5.54 -17.89
CA THR A 536 -15.01 6.98 -17.87
C THR A 536 -16.25 7.77 -18.21
N THR A 537 -17.35 7.09 -18.55
CA THR A 537 -18.59 7.75 -18.96
C THR A 537 -19.71 7.59 -17.95
N ASP A 538 -20.14 6.36 -17.66
CA ASP A 538 -21.25 6.10 -16.77
C ASP A 538 -20.76 5.50 -15.47
N THR A 539 -21.49 5.74 -14.38
CA THR A 539 -21.10 5.21 -13.09
C THR A 539 -21.99 4.04 -12.70
N VAL A 540 -21.45 3.18 -11.84
CA VAL A 540 -22.20 2.02 -11.32
C VAL A 540 -23.38 2.50 -10.47
N HIS A 541 -23.13 3.46 -9.59
CA HIS A 541 -24.09 3.94 -8.60
C HIS A 541 -24.50 5.37 -8.91
N LYS A 542 -25.72 5.75 -8.49
CA LYS A 542 -26.23 7.10 -8.73
C LYS A 542 -27.03 7.61 -7.54
N ASN A 543 -26.92 8.93 -7.28
CA ASN A 543 -27.81 9.65 -6.37
C ASN A 543 -27.64 9.19 -4.92
N MET A 544 -26.54 9.61 -4.31
CA MET A 544 -26.19 9.22 -2.96
C MET A 544 -25.99 10.49 -2.14
N THR A 545 -26.68 10.58 -1.01
CA THR A 545 -26.62 11.76 -0.16
C THR A 545 -26.22 11.33 1.25
N ILE A 546 -25.15 11.92 1.74
CA ILE A 546 -24.60 11.64 3.07
C ILE A 546 -24.67 12.95 3.83
N GLU A 547 -25.62 13.07 4.78
CA GLU A 547 -25.91 14.37 5.40
C GLU A 547 -26.24 14.23 6.87
N GLY A 548 -25.87 15.24 7.66
CA GLY A 548 -26.22 15.30 9.07
C GLY A 548 -25.59 14.23 9.95
N ASN A 549 -24.58 13.52 9.48
CA ASN A 549 -23.90 12.51 10.29
C ASN A 549 -22.80 13.14 11.13
N THR A 550 -22.41 12.44 12.18
CA THR A 550 -21.25 12.79 12.98
C THR A 550 -20.22 11.68 12.86
N PHE A 551 -19.01 12.05 12.47
CA PHE A 551 -17.88 11.13 12.29
C PHE A 551 -16.81 11.51 13.28
N TYR A 552 -16.51 10.60 14.21
CA TYR A 552 -15.34 10.75 15.06
C TYR A 552 -14.19 10.07 14.33
N VAL A 553 -13.07 10.77 14.14
CA VAL A 553 -12.03 10.27 13.27
C VAL A 553 -10.71 10.19 14.02
N ASN A 554 -9.86 9.28 13.57
CA ASN A 554 -8.58 9.01 14.20
C ASN A 554 -7.62 8.43 13.17
N GLY A 555 -7.51 9.07 12.02
CA GLY A 555 -6.55 8.67 11.01
C GLY A 555 -7.09 7.86 9.85
N ASN A 556 -8.32 7.36 9.92
CA ASN A 556 -8.94 6.66 8.81
C ASN A 556 -9.85 7.64 8.05
N ARG A 557 -10.40 7.16 6.95
CA ARG A 557 -11.19 8.04 6.10
C ARG A 557 -12.64 8.13 6.59
N VAL A 558 -13.29 9.23 6.21
CA VAL A 558 -14.73 9.33 6.39
C VAL A 558 -15.46 8.64 5.25
N LEU A 559 -15.04 8.93 4.02
CA LEU A 559 -15.74 8.48 2.83
C LEU A 559 -14.73 8.06 1.77
N ASN A 560 -14.89 6.85 1.27
CA ASN A 560 -14.03 6.32 0.22
C ASN A 560 -15.04 5.78 -0.79
N ALA A 561 -15.27 6.54 -1.88
CA ALA A 561 -16.38 6.22 -2.78
C ALA A 561 -15.87 6.00 -4.21
N LYS A 562 -16.38 4.94 -4.84
CA LYS A 562 -15.96 4.54 -6.18
C LYS A 562 -17.16 4.46 -7.11
N SER A 563 -17.11 5.17 -8.23
CA SER A 563 -18.11 5.07 -9.29
C SER A 563 -19.51 5.46 -8.79
N VAL A 564 -19.61 6.66 -8.24
CA VAL A 564 -20.91 7.24 -7.88
C VAL A 564 -21.07 8.55 -8.65
N SER A 565 -22.25 8.74 -9.25
CA SER A 565 -22.63 10.05 -9.77
C SER A 565 -23.69 10.67 -8.87
N ASP A 566 -23.69 12.00 -8.80
CA ASP A 566 -24.66 12.73 -7.97
C ASP A 566 -24.46 12.37 -6.49
N LEU A 567 -23.23 12.54 -6.03
CA LEU A 567 -22.81 12.21 -4.67
C LEU A 567 -22.69 13.50 -3.89
N THR A 568 -23.44 13.61 -2.79
CA THR A 568 -23.48 14.82 -1.99
C THR A 568 -23.08 14.49 -0.56
N PHE A 569 -22.09 15.20 -0.05
CA PHE A 569 -21.59 15.04 1.31
C PHE A 569 -21.78 16.41 1.97
N ARG A 570 -22.81 16.56 2.80
CA ARG A 570 -23.18 17.88 3.27
C ARG A 570 -23.67 17.86 4.71
N ASP A 571 -23.36 18.95 5.42
CA ASP A 571 -23.93 19.22 6.74
C ASP A 571 -23.56 18.14 7.75
N ASN A 572 -22.39 17.52 7.58
CA ASN A 572 -21.84 16.52 8.50
C ASN A 572 -20.88 17.18 9.47
N LYS A 573 -20.64 16.52 10.60
CA LYS A 573 -19.71 17.00 11.60
C LYS A 573 -18.59 15.98 11.76
N ILE A 574 -17.35 16.44 11.65
CA ILE A 574 -16.18 15.58 11.75
C ILE A 574 -15.41 16.05 12.97
N TYR A 575 -15.30 15.18 13.97
CA TYR A 575 -14.61 15.47 15.22
C TYR A 575 -13.40 14.56 15.38
N ARG A 576 -12.32 15.10 15.97
CA ARG A 576 -11.21 14.24 16.38
C ARG A 576 -11.66 13.35 17.52
N GLU A 577 -11.38 12.05 17.40
CA GLU A 577 -11.83 11.13 18.43
C GLU A 577 -11.09 11.35 19.75
N ASN A 578 -9.78 11.53 19.70
CA ASN A 578 -8.97 11.75 20.89
C ASN A 578 -8.45 13.18 20.88
N PRO A 579 -9.19 14.14 21.43
CA PRO A 579 -8.84 15.56 21.25
C PRO A 579 -7.63 16.02 22.05
N ASP A 580 -6.71 15.11 22.36
CA ASP A 580 -5.43 15.47 23.00
C ASP A 580 -4.30 14.87 22.17
N ASP A 581 -3.44 15.74 21.64
CA ASP A 581 -2.38 15.33 20.73
C ASP A 581 -1.45 16.51 20.43
N GLN A 609 4.68 14.08 6.65
CA GLN A 609 4.54 15.30 7.45
C GLN A 609 3.50 15.10 8.55
N VAL A 610 2.30 14.67 8.16
CA VAL A 610 1.18 14.47 9.08
C VAL A 610 0.65 13.05 8.90
N SER A 611 0.36 12.39 10.02
CA SER A 611 -0.09 11.00 9.98
C SER A 611 -1.58 10.92 9.64
N GLY A 612 -2.00 9.73 9.22
CA GLY A 612 -3.40 9.49 8.91
C GLY A 612 -3.73 9.81 7.46
N SER A 613 -4.85 9.25 7.01
CA SER A 613 -5.31 9.45 5.65
C SER A 613 -6.04 10.78 5.50
N ARG A 614 -6.03 11.33 4.29
CA ARG A 614 -7.00 12.37 4.00
C ARG A 614 -8.39 11.79 4.22
N LEU A 615 -9.31 12.64 4.70
CA LEU A 615 -10.63 12.15 5.10
C LEU A 615 -11.44 11.59 3.92
N PHE A 616 -11.14 11.98 2.67
CA PHE A 616 -12.00 11.65 1.54
C PHE A 616 -11.20 11.06 0.38
N ARG A 617 -11.80 10.06 -0.27
CA ARG A 617 -11.25 9.52 -1.51
C ARG A 617 -12.38 9.29 -2.48
N LEU A 618 -12.20 9.68 -3.73
CA LEU A 618 -13.20 9.50 -4.76
C LEU A 618 -12.53 8.82 -5.94
N ASN A 619 -13.19 7.81 -6.49
CA ASN A 619 -12.60 6.97 -7.54
C ASN A 619 -13.63 6.86 -8.66
N GLY A 620 -13.38 7.56 -9.78
CA GLY A 620 -14.31 7.45 -10.90
C GLY A 620 -15.70 7.98 -10.61
N CYS A 621 -15.83 9.03 -9.81
CA CYS A 621 -17.13 9.60 -9.49
C CYS A 621 -17.43 10.78 -10.42
N LYS A 622 -18.69 11.22 -10.41
CA LYS A 622 -19.17 12.33 -11.24
C LYS A 622 -20.11 13.20 -10.42
N GLN A 623 -20.06 14.51 -10.64
CA GLN A 623 -21.04 15.43 -10.05
C GLN A 623 -21.11 15.28 -8.53
N VAL A 624 -19.97 15.53 -7.90
CA VAL A 624 -19.79 15.39 -6.45
C VAL A 624 -19.90 16.78 -5.84
N VAL A 625 -20.63 16.90 -4.72
CA VAL A 625 -20.80 18.16 -4.03
C VAL A 625 -20.49 17.97 -2.55
N PHE A 626 -19.57 18.79 -2.04
CA PHE A 626 -19.30 18.93 -0.61
C PHE A 626 -19.85 20.28 -0.17
N GLY A 627 -20.61 20.30 0.93
CA GLY A 627 -21.03 21.61 1.42
C GLY A 627 -21.45 21.63 2.87
N GLY A 628 -21.07 22.68 3.61
CA GLY A 628 -21.61 22.92 4.93
C GLY A 628 -21.15 21.95 6.01
N ASN A 629 -20.08 21.19 5.76
CA ASN A 629 -19.55 20.29 6.78
C ASN A 629 -18.67 21.06 7.75
N THR A 630 -18.58 20.57 8.98
CA THR A 630 -17.68 21.16 9.96
C THR A 630 -16.61 20.15 10.32
N TYR A 631 -15.38 20.65 10.52
CA TYR A 631 -14.21 19.82 10.76
C TYR A 631 -13.45 20.36 11.96
N ASP A 632 -13.11 19.47 12.90
CA ASP A 632 -12.22 19.85 13.99
C ASP A 632 -10.85 20.26 13.46
N VAL A 633 -10.19 21.12 14.25
CA VAL A 633 -8.79 21.46 13.97
C VAL A 633 -7.96 20.18 13.93
N GLY A 634 -7.04 20.12 12.98
CA GLY A 634 -6.10 19.01 12.92
C GLY A 634 -6.53 17.79 12.12
N VAL A 635 -7.73 17.78 11.53
CA VAL A 635 -8.09 16.68 10.64
C VAL A 635 -7.73 17.06 9.21
N LYS A 636 -7.49 16.06 8.36
CA LYS A 636 -7.09 16.30 6.97
C LYS A 636 -8.33 16.36 6.10
N ALA A 637 -8.94 17.55 6.00
CA ALA A 637 -10.13 17.74 5.17
C ALA A 637 -9.67 17.89 3.71
N GLY A 638 -9.21 16.77 3.17
CA GLY A 638 -8.66 16.72 1.83
C GLY A 638 -9.23 15.53 1.09
N ILE A 639 -9.09 15.55 -0.24
CA ILE A 639 -9.74 14.60 -1.11
C ILE A 639 -8.70 13.98 -2.05
N ASP A 640 -8.48 12.66 -1.94
CA ASP A 640 -7.70 11.93 -2.92
C ASP A 640 -8.58 11.58 -4.11
N LEU A 641 -8.04 11.73 -5.32
CA LEU A 641 -8.79 11.46 -6.54
C LEU A 641 -8.13 10.32 -7.30
N ALA A 642 -8.94 9.36 -7.75
CA ALA A 642 -8.49 8.34 -8.69
C ALA A 642 -9.47 8.31 -9.84
N ASN A 643 -8.96 8.15 -11.07
CA ASN A 643 -9.81 7.96 -12.25
C ASN A 643 -10.83 9.10 -12.43
N MET A 644 -10.42 10.33 -12.11
CA MET A 644 -11.30 11.48 -12.25
C MET A 644 -10.50 12.74 -11.99
N GLY A 645 -10.99 13.83 -12.55
CA GLY A 645 -10.38 15.13 -12.36
C GLY A 645 -11.14 15.96 -11.34
N ALA A 646 -10.51 17.07 -10.94
CA ALA A 646 -11.06 17.93 -9.90
C ALA A 646 -12.36 18.61 -10.31
N SER A 647 -12.62 18.76 -11.61
CA SER A 647 -13.79 19.55 -12.01
C SER A 647 -15.10 18.84 -11.70
N GLU A 648 -15.06 17.52 -11.49
CA GLU A 648 -16.22 16.78 -11.02
C GLU A 648 -16.63 17.12 -9.58
N VAL A 649 -15.79 17.80 -8.82
CA VAL A 649 -15.97 17.93 -7.37
C VAL A 649 -16.17 19.40 -7.01
N ASN A 650 -17.36 19.74 -6.54
CA ASN A 650 -17.69 21.09 -6.14
C ASN A 650 -17.49 21.20 -4.63
N VAL A 651 -16.44 21.93 -4.24
CA VAL A 651 -16.16 22.20 -2.83
C VAL A 651 -16.29 23.69 -2.51
N SER A 652 -17.05 24.43 -3.33
CA SER A 652 -17.16 25.88 -3.15
C SER A 652 -17.77 26.24 -1.80
N ASP A 653 -18.72 25.43 -1.32
CA ASP A 653 -19.38 25.66 -0.04
C ASP A 653 -18.78 24.83 1.10
N ASP A 654 -17.49 24.44 1.00
CA ASP A 654 -16.92 23.53 1.98
C ASP A 654 -15.44 23.85 2.20
N SER A 655 -14.89 23.32 3.29
CA SER A 655 -13.48 23.46 3.58
C SER A 655 -12.61 22.37 2.95
N ALA A 656 -13.21 21.28 2.47
CA ALA A 656 -12.42 20.18 1.91
C ALA A 656 -11.63 20.65 0.71
N LYS A 657 -10.37 20.20 0.62
CA LYS A 657 -9.46 20.55 -0.46
C LYS A 657 -9.25 19.36 -1.41
N VAL A 658 -9.38 19.61 -2.70
CA VAL A 658 -9.12 18.57 -3.70
C VAL A 658 -7.63 18.46 -3.94
N GLY A 659 -7.08 17.25 -3.84
CA GLY A 659 -5.69 17.04 -4.21
C GLY A 659 -4.67 17.58 -3.22
N ALA A 660 -5.10 17.90 -2.00
CA ALA A 660 -4.24 18.43 -0.97
C ALA A 660 -4.70 17.86 0.37
N ASP A 661 -3.84 17.95 1.39
CA ASP A 661 -4.19 17.42 2.71
C ASP A 661 -5.39 18.15 3.31
N GLY A 662 -5.52 19.44 3.06
CA GLY A 662 -6.60 20.20 3.68
C GLY A 662 -6.58 20.17 5.20
N LEU A 663 -5.39 20.09 5.81
CA LEU A 663 -5.30 20.10 7.27
C LEU A 663 -5.99 21.34 7.82
N VAL A 664 -6.89 21.14 8.78
CA VAL A 664 -7.73 22.22 9.30
C VAL A 664 -6.95 22.96 10.39
N PRO A 665 -6.62 24.22 10.18
CA PRO A 665 -5.82 24.95 11.17
C PRO A 665 -6.71 25.52 12.25
N VAL A 666 -6.07 26.02 13.31
CA VAL A 666 -6.78 26.74 14.36
C VAL A 666 -7.64 27.83 13.74
N THR A 667 -8.85 27.97 14.26
CA THR A 667 -9.80 28.94 13.71
C THR A 667 -9.49 30.34 14.21
N GLY A 668 -9.71 31.33 13.35
CA GLY A 668 -9.55 32.72 13.72
C GLY A 668 -8.22 33.29 13.27
N SER A 669 -8.08 34.60 13.49
CA SER A 669 -6.88 35.32 13.10
C SER A 669 -5.79 35.30 14.16
N ILE A 670 -6.11 34.83 15.38
CA ILE A 670 -5.16 34.75 16.47
C ILE A 670 -5.17 33.33 17.02
N ALA A 671 -4.01 32.70 17.09
CA ALA A 671 -3.89 31.36 17.65
C ALA A 671 -3.20 31.46 19.00
N TYR A 672 -3.86 30.94 20.04
CA TYR A 672 -3.29 30.95 21.39
C TYR A 672 -2.50 29.65 21.59
N VAL A 673 -1.18 29.77 21.60
CA VAL A 673 -0.28 28.62 21.61
C VAL A 673 0.61 28.70 22.85
N SER A 674 0.69 27.60 23.60
CA SER A 674 1.61 27.54 24.74
C SER A 674 3.03 27.84 24.29
N ASP A 675 3.79 28.57 25.11
CA ASP A 675 5.13 28.91 24.66
C ASP A 675 6.09 27.74 24.75
N ASP A 676 5.64 26.54 25.14
CA ASP A 676 6.45 25.34 25.00
C ASP A 676 5.92 24.40 23.93
N ALA A 677 4.94 24.85 23.13
CA ALA A 677 4.46 24.07 22.00
C ALA A 677 5.05 24.63 20.72
N ALA A 678 5.20 23.76 19.73
CA ALA A 678 5.67 24.16 18.42
C ALA A 678 4.50 24.59 17.53
N VAL A 679 4.76 25.53 16.64
CA VAL A 679 3.78 25.96 15.65
C VAL A 679 4.11 25.29 14.32
N ALA A 680 3.12 24.59 13.75
CA ALA A 680 3.19 24.11 12.37
C ALA A 680 2.40 25.09 11.51
N SER A 681 3.09 25.79 10.61
CA SER A 681 2.46 26.77 9.73
C SER A 681 1.75 26.02 8.60
N VAL A 682 0.52 26.42 8.29
CA VAL A 682 -0.35 25.71 7.36
C VAL A 682 -0.73 26.66 6.23
N ASP A 683 -0.46 26.28 4.98
CA ASP A 683 -0.78 27.14 3.85
C ASP A 683 -2.26 27.01 3.50
N GLN A 684 -2.67 27.67 2.42
CA GLN A 684 -4.08 27.75 2.05
C GLN A 684 -4.65 26.44 1.53
N ASP A 685 -3.81 25.50 1.12
CA ASP A 685 -4.25 24.18 0.70
C ASP A 685 -4.27 23.19 1.84
N GLY A 686 -3.98 23.64 3.06
CA GLY A 686 -3.90 22.73 4.19
C GLY A 686 -2.62 21.92 4.22
N THR A 687 -1.54 22.44 3.64
CA THR A 687 -0.23 21.81 3.64
C THR A 687 0.67 22.54 4.64
N ILE A 688 1.43 21.77 5.42
CA ILE A 688 2.37 22.32 6.39
C ILE A 688 3.60 22.87 5.66
N THR A 689 3.94 24.13 5.92
CA THR A 689 5.12 24.73 5.30
C THR A 689 6.34 24.75 6.23
N ALA A 690 6.12 24.69 7.54
CA ALA A 690 7.22 24.80 8.50
C ALA A 690 6.71 24.33 9.84
N VAL A 691 7.61 23.81 10.65
CA VAL A 691 7.32 23.38 12.02
C VAL A 691 8.40 23.97 12.91
N GLY A 692 8.01 24.83 13.84
CA GLY A 692 8.97 25.67 14.53
C GLY A 692 9.42 25.18 15.88
N LEU A 693 8.77 25.72 16.93
CA LEU A 693 9.14 25.72 18.36
C LEU A 693 9.33 27.18 18.75
N GLU A 694 10.04 27.92 17.90
CA GLU A 694 10.10 29.37 18.00
C GLU A 694 8.86 29.94 17.32
N HIS A 695 7.99 30.57 18.09
CA HIS A 695 6.72 31.08 17.56
C HIS A 695 6.94 32.23 16.59
N GLY B 18 51.99 21.45 -27.46
CA GLY B 18 52.51 22.31 -26.42
C GLY B 18 53.48 21.63 -25.47
N ASP B 19 53.69 22.25 -24.32
CA ASP B 19 54.73 21.82 -23.39
C ASP B 19 54.31 20.56 -22.64
N VAL B 20 55.31 19.75 -22.31
CA VAL B 20 55.12 18.53 -21.53
C VAL B 20 55.87 18.68 -20.22
N VAL B 21 55.18 18.46 -19.11
CA VAL B 21 55.80 18.39 -17.80
C VAL B 21 55.71 16.95 -17.33
N SER B 22 56.85 16.30 -17.18
CA SER B 22 56.88 14.91 -16.75
C SER B 22 57.13 14.86 -15.25
N VAL B 23 56.30 14.08 -14.54
CA VAL B 23 56.47 14.00 -13.09
C VAL B 23 57.80 13.36 -12.73
N ALA B 24 58.41 12.61 -13.65
CA ALA B 24 59.71 11.99 -13.37
C ALA B 24 60.78 13.05 -13.13
N ASP B 25 60.66 14.23 -13.74
CA ASP B 25 61.60 15.32 -13.54
C ASP B 25 61.35 16.07 -12.24
N TYR B 26 60.37 15.66 -11.44
CA TYR B 26 60.08 16.33 -10.19
C TYR B 26 60.07 15.38 -9.02
N GLY B 27 60.63 14.18 -9.19
CA GLY B 27 60.87 13.26 -8.09
C GLY B 27 60.06 11.99 -8.10
N ALA B 28 59.11 11.83 -9.02
CA ALA B 28 58.19 10.70 -8.99
C ALA B 28 58.58 9.71 -10.09
N ALA B 29 59.25 8.62 -9.68
CA ALA B 29 59.57 7.54 -10.58
C ALA B 29 58.40 6.56 -10.63
N ALA B 30 58.15 5.98 -11.80
CA ALA B 30 57.11 4.97 -11.91
C ALA B 30 57.46 3.77 -11.05
N ASP B 31 56.45 3.16 -10.45
CA ASP B 31 56.61 1.91 -9.71
C ASP B 31 57.66 2.01 -8.61
N SER B 32 57.71 3.16 -7.93
CA SER B 32 58.77 3.42 -6.96
C SER B 32 58.42 2.96 -5.56
N GLY B 33 57.14 2.72 -5.26
CA GLY B 33 56.74 2.39 -3.91
C GLY B 33 56.84 3.58 -2.97
N GLU B 34 57.28 4.72 -3.50
CA GLU B 34 57.38 5.94 -2.70
C GLU B 34 56.11 6.78 -2.84
N ASP B 35 55.99 7.79 -1.98
CA ASP B 35 54.90 8.75 -2.04
C ASP B 35 55.18 9.78 -3.13
N SER B 36 54.31 9.85 -4.13
CA SER B 36 54.45 10.79 -5.22
C SER B 36 53.71 12.10 -5.00
N ALA B 37 52.99 12.24 -3.90
CA ALA B 37 52.20 13.47 -3.70
C ALA B 37 53.06 14.73 -3.76
N PRO B 38 54.20 14.83 -3.09
CA PRO B 38 55.01 16.06 -3.21
C PRO B 38 55.49 16.33 -4.62
N ALA B 39 55.93 15.29 -5.34
CA ALA B 39 56.39 15.50 -6.71
C ALA B 39 55.26 16.01 -7.60
N ILE B 40 54.05 15.47 -7.42
CA ILE B 40 52.91 15.90 -8.22
C ILE B 40 52.62 17.38 -8.00
N ILE B 41 52.70 17.85 -6.75
CA ILE B 41 52.51 19.27 -6.49
C ILE B 41 53.53 20.10 -7.25
N LYS B 42 54.80 19.69 -7.20
CA LYS B 42 55.85 20.42 -7.92
C LYS B 42 55.60 20.39 -9.42
N ALA B 43 55.19 19.24 -9.97
CA ALA B 43 54.90 19.18 -11.40
C ALA B 43 53.74 20.09 -11.76
N VAL B 44 52.71 20.15 -10.91
CA VAL B 44 51.57 21.02 -11.17
C VAL B 44 52.00 22.49 -11.10
N ASP B 45 52.83 22.84 -10.12
CA ASP B 45 53.34 24.22 -10.06
C ASP B 45 54.04 24.61 -11.36
N LYS B 46 54.88 23.72 -11.88
CA LYS B 46 55.55 24.00 -13.15
C LYS B 46 54.55 24.15 -14.28
N ALA B 47 53.56 23.25 -14.34
CA ALA B 47 52.55 23.32 -15.39
C ALA B 47 51.79 24.64 -15.35
N LYS B 48 51.47 25.13 -14.16
CA LYS B 48 50.73 26.38 -14.03
C LYS B 48 51.58 27.58 -14.47
N GLU B 49 52.88 27.55 -14.17
CA GLU B 49 53.80 28.57 -14.70
C GLU B 49 53.71 28.64 -16.21
N LEU B 50 53.85 27.49 -16.88
CA LEU B 50 53.76 27.47 -18.34
C LEU B 50 52.38 27.91 -18.82
N ALA B 51 51.32 27.45 -18.14
CA ALA B 51 49.96 27.84 -18.55
C ALA B 51 49.75 29.33 -18.42
N ALA B 52 50.33 29.95 -17.38
CA ALA B 52 50.19 31.40 -17.19
C ALA B 52 50.90 32.19 -18.28
N GLU B 53 51.86 31.57 -18.98
CA GLU B 53 52.53 32.18 -20.11
C GLU B 53 51.77 31.99 -21.42
N GLY B 54 50.67 31.24 -21.41
CA GLY B 54 49.86 31.02 -22.59
C GLY B 54 50.02 29.67 -23.25
N LYS B 55 50.79 28.76 -22.66
CA LYS B 55 51.02 27.47 -23.29
C LYS B 55 49.91 26.48 -22.92
N ASN B 56 49.69 25.52 -23.81
CA ASN B 56 48.90 24.34 -23.50
C ASN B 56 49.85 23.29 -22.92
N VAL B 57 49.52 22.77 -21.73
CA VAL B 57 50.44 21.95 -20.96
C VAL B 57 49.85 20.56 -20.74
N THR B 58 50.71 19.55 -20.85
CA THR B 58 50.37 18.18 -20.48
C THR B 58 51.28 17.76 -19.34
N ILE B 59 50.69 17.39 -18.20
CA ILE B 59 51.43 16.73 -17.14
C ILE B 59 51.37 15.24 -17.44
N ALA B 60 52.52 14.63 -17.72
CA ALA B 60 52.62 13.25 -18.14
C ALA B 60 53.16 12.37 -17.02
N PHE B 61 52.57 11.19 -16.88
CA PHE B 61 53.03 10.16 -15.95
C PHE B 61 53.59 9.00 -16.76
N PRO B 62 54.91 8.83 -16.86
CA PRO B 62 55.45 7.59 -17.45
C PRO B 62 54.76 6.37 -16.86
N LYS B 63 54.30 5.49 -17.75
CA LYS B 63 53.32 4.47 -17.36
C LYS B 63 53.86 3.58 -16.23
N GLY B 64 53.04 3.42 -15.20
CA GLY B 64 53.40 2.59 -14.07
C GLY B 64 52.49 2.89 -12.90
N ARG B 65 52.79 2.27 -11.77
CA ARG B 65 52.05 2.56 -10.56
C ARG B 65 52.63 3.78 -9.86
N TYR B 66 51.74 4.63 -9.34
CA TYR B 66 52.11 5.76 -8.51
C TYR B 66 51.25 5.73 -7.25
N ASP B 67 51.91 5.78 -6.09
CA ASP B 67 51.23 5.85 -4.82
C ASP B 67 51.15 7.30 -4.36
N ILE B 68 49.97 7.69 -3.87
CA ILE B 68 49.68 9.07 -3.50
C ILE B 68 49.08 9.02 -2.10
N TYR B 69 49.82 9.56 -1.12
CA TYR B 69 49.41 9.54 0.28
C TYR B 69 48.78 10.88 0.67
N PRO B 70 47.91 10.89 1.70
CA PRO B 70 47.25 12.14 2.10
C PRO B 70 48.13 13.07 2.93
N ASP B 71 49.21 12.56 3.53
CA ASP B 71 49.93 13.31 4.56
C ASP B 71 50.42 14.65 4.03
N LYS B 72 51.05 14.65 2.86
CA LYS B 72 51.63 15.83 2.26
C LYS B 72 50.82 16.36 1.09
N ALA B 73 49.65 15.77 0.81
CA ALA B 73 48.79 16.27 -0.24
C ALA B 73 48.26 17.66 0.12
N GLU B 74 47.89 18.41 -0.91
CA GLU B 74 47.25 19.71 -0.71
C GLU B 74 46.03 19.55 0.19
N ARG B 75 45.87 20.48 1.13
CA ARG B 75 44.75 20.47 2.05
C ARG B 75 43.94 21.74 1.88
N ARG B 76 42.61 21.59 1.77
CA ARG B 76 41.74 22.72 1.56
C ARG B 76 40.48 22.56 2.41
N THR B 77 40.06 23.66 3.05
CA THR B 77 38.72 23.73 3.61
C THR B 77 37.72 23.89 2.47
N LEU B 78 36.77 22.96 2.36
CA LEU B 78 35.83 22.95 1.25
C LEU B 78 34.47 22.45 1.72
N TYR B 79 33.41 23.11 1.26
CA TYR B 79 32.05 22.65 1.51
C TYR B 79 31.48 22.11 0.20
N VAL B 80 31.00 20.86 0.25
CA VAL B 80 30.78 20.04 -0.93
C VAL B 80 29.33 19.55 -0.92
N SER B 81 28.60 19.81 -2.00
CA SER B 81 27.19 19.40 -2.11
C SER B 81 27.02 17.92 -1.80
N ASN B 82 25.95 17.60 -1.07
CA ASN B 82 25.50 16.22 -0.88
C ASN B 82 26.53 15.37 -0.14
N THR B 83 27.36 15.97 0.72
CA THR B 83 28.26 15.13 1.52
C THR B 83 28.00 15.32 3.01
N VAL B 84 28.65 16.29 3.65
CA VAL B 84 28.59 16.43 5.10
C VAL B 84 28.11 17.82 5.53
N GLY B 85 27.63 18.64 4.61
CA GLY B 85 27.06 19.92 5.02
C GLY B 85 28.09 20.78 5.78
N THR B 86 27.67 21.33 6.92
CA THR B 86 28.49 22.23 7.71
C THR B 86 29.43 21.53 8.69
N ASN B 87 29.44 20.20 8.73
CA ASN B 87 30.10 19.48 9.83
C ASN B 87 31.59 19.85 9.91
N SER B 88 32.00 20.48 11.02
CA SER B 88 33.36 20.98 11.12
C SER B 88 34.39 19.86 11.20
N SER B 89 33.98 18.65 11.62
CA SER B 89 34.93 17.54 11.71
C SER B 89 35.46 17.09 10.35
N TYR B 90 34.78 17.44 9.25
CA TYR B 90 35.19 16.97 7.93
C TYR B 90 35.36 18.12 6.93
N LYS B 91 35.50 19.35 7.41
CA LYS B 91 35.56 20.48 6.48
C LYS B 91 36.87 20.53 5.72
N ASP B 92 37.94 19.89 6.20
CA ASP B 92 39.24 19.92 5.53
C ASP B 92 39.42 18.67 4.69
N LYS B 93 39.79 18.87 3.42
CA LYS B 93 39.99 17.77 2.49
C LYS B 93 41.46 17.68 2.10
N LYS B 94 41.96 16.45 2.02
CA LYS B 94 43.22 16.17 1.35
C LYS B 94 42.93 15.76 -0.10
N ILE B 95 43.73 16.28 -1.04
CA ILE B 95 43.47 16.14 -2.46
C ILE B 95 44.74 15.66 -3.15
N GLY B 96 44.67 14.49 -3.78
CA GLY B 96 45.87 13.89 -4.35
C GLY B 96 46.47 14.68 -5.51
N ILE B 97 45.62 15.11 -6.44
CA ILE B 97 46.07 15.92 -7.57
C ILE B 97 45.14 17.12 -7.69
N LEU B 98 45.68 18.33 -7.50
CA LEU B 98 44.86 19.53 -7.40
C LEU B 98 45.30 20.56 -8.44
N LEU B 99 44.42 20.85 -9.39
CA LEU B 99 44.59 21.96 -10.34
C LEU B 99 43.76 23.13 -9.85
N GLU B 100 44.42 24.21 -9.46
CA GLU B 100 43.77 25.33 -8.82
C GLU B 100 44.14 26.61 -9.55
N ASP B 101 43.13 27.39 -9.95
CA ASP B 101 43.32 28.75 -10.48
C ASP B 101 44.16 28.77 -11.76
N THR B 102 43.93 27.83 -12.67
CA THR B 102 44.79 27.70 -13.83
C THR B 102 43.95 27.36 -15.05
N LYS B 103 44.61 26.94 -16.13
CA LYS B 103 43.93 26.73 -17.40
C LYS B 103 44.82 25.90 -18.31
N ASN B 104 44.18 25.26 -19.30
CA ASN B 104 44.88 24.65 -20.42
C ASN B 104 45.90 23.62 -19.96
N ILE B 105 45.50 22.79 -19.01
CA ILE B 105 46.37 21.74 -18.49
C ILE B 105 45.65 20.41 -18.63
N THR B 106 46.35 19.45 -19.22
CA THR B 106 45.88 18.08 -19.31
C THR B 106 46.74 17.20 -18.43
N VAL B 107 46.10 16.44 -17.53
CA VAL B 107 46.77 15.41 -16.76
C VAL B 107 46.60 14.10 -17.52
N ASP B 108 47.70 13.57 -18.05
CA ASP B 108 47.72 12.36 -18.88
C ASP B 108 48.46 11.28 -18.10
N GLY B 109 47.70 10.35 -17.52
CA GLY B 109 48.32 9.25 -16.81
C GLY B 109 49.04 8.27 -17.70
N GLN B 110 48.76 8.30 -19.01
CA GLN B 110 49.39 7.42 -19.99
C GLN B 110 49.21 5.95 -19.65
N GLY B 111 48.07 5.61 -19.04
CA GLY B 111 47.80 4.25 -18.62
C GLY B 111 48.29 3.89 -17.24
N SER B 112 48.79 4.86 -16.48
CA SER B 112 49.29 4.60 -15.14
C SER B 112 48.18 4.16 -14.21
N ASP B 113 48.59 3.53 -13.10
CA ASP B 113 47.69 3.14 -12.03
C ASP B 113 47.99 4.01 -10.81
N PHE B 114 47.02 4.83 -10.41
CA PHE B 114 47.15 5.68 -9.24
C PHE B 114 46.54 4.97 -8.05
N VAL B 115 47.32 4.79 -6.99
CA VAL B 115 46.85 4.15 -5.76
C VAL B 115 46.89 5.19 -4.66
N PHE B 116 45.72 5.55 -4.14
CA PHE B 116 45.60 6.51 -3.06
C PHE B 116 45.51 5.76 -1.73
N HIS B 117 45.69 6.51 -0.63
CA HIS B 117 45.81 5.91 0.69
C HIS B 117 44.98 6.70 1.70
N GLY B 118 44.53 5.98 2.73
CA GLY B 118 43.75 6.61 3.78
C GLY B 118 42.41 7.09 3.24
N LYS B 119 41.97 8.24 3.71
CA LYS B 119 40.73 8.87 3.26
C LYS B 119 41.09 10.20 2.63
N MET B 120 40.81 10.35 1.33
CA MET B 120 41.18 11.57 0.63
C MET B 120 40.41 11.65 -0.68
N THR B 121 40.40 12.85 -1.26
CA THR B 121 39.94 13.10 -2.63
C THR B 121 41.05 12.77 -3.62
N THR B 122 40.71 12.09 -4.71
CA THR B 122 41.74 11.64 -5.64
C THR B 122 42.28 12.81 -6.47
N PHE B 123 41.42 13.49 -7.22
CA PHE B 123 41.86 14.68 -7.93
C PHE B 123 40.75 15.73 -7.96
N ALA B 124 41.12 16.95 -8.33
CA ALA B 124 40.22 18.08 -8.22
C ALA B 124 40.73 19.24 -9.08
N ALA B 125 39.80 20.04 -9.54
CA ALA B 125 40.09 21.29 -10.24
C ALA B 125 39.18 22.35 -9.66
N ILE B 126 39.75 23.48 -9.27
CA ILE B 126 39.01 24.58 -8.70
C ILE B 126 39.39 25.84 -9.47
N ASN B 127 38.38 26.63 -9.86
CA ASN B 127 38.61 27.93 -10.51
C ASN B 127 39.49 27.78 -11.76
N SER B 128 39.29 26.70 -12.52
CA SER B 128 40.17 26.41 -13.65
C SER B 128 39.34 26.21 -14.91
N ARG B 129 39.97 26.39 -16.07
CA ARG B 129 39.24 26.24 -17.31
C ARG B 129 40.07 25.42 -18.30
N ASN B 130 39.35 24.67 -19.13
CA ASN B 130 39.94 23.82 -20.16
C ASN B 130 40.98 22.88 -19.55
N VAL B 131 40.56 22.13 -18.54
CA VAL B 131 41.42 21.15 -17.89
C VAL B 131 40.87 19.77 -18.19
N THR B 132 41.78 18.81 -18.37
CA THR B 132 41.44 17.43 -18.70
C THR B 132 42.20 16.49 -17.77
N PHE B 133 41.52 15.45 -17.30
CA PHE B 133 42.16 14.33 -16.63
C PHE B 133 41.89 13.09 -17.46
N LYS B 134 42.94 12.36 -17.85
CA LYS B 134 42.71 11.20 -18.70
C LYS B 134 43.73 10.10 -18.47
N ASN B 135 43.33 8.88 -18.85
CA ASN B 135 44.19 7.71 -19.04
C ASN B 135 44.91 7.25 -17.78
N PHE B 136 44.15 6.96 -16.72
CA PHE B 136 44.72 6.30 -15.56
C PHE B 136 43.64 5.51 -14.86
N SER B 137 44.06 4.63 -13.94
CA SER B 137 43.14 3.98 -13.03
C SER B 137 43.24 4.62 -11.65
N VAL B 138 42.16 4.53 -10.89
CA VAL B 138 42.07 5.10 -9.55
C VAL B 138 41.68 4.00 -8.59
N ASP B 139 42.47 3.83 -7.52
CA ASP B 139 42.20 2.77 -6.56
C ASP B 139 42.73 3.21 -5.20
N PHE B 140 42.35 2.47 -4.16
CA PHE B 140 42.84 2.73 -2.81
C PHE B 140 43.52 1.47 -2.27
N GLN B 141 44.63 1.68 -1.55
CA GLN B 141 45.37 0.56 -0.98
C GLN B 141 44.47 -0.32 -0.13
N VAL B 142 43.77 0.28 0.82
CA VAL B 142 42.75 -0.40 1.60
C VAL B 142 41.43 0.33 1.39
N PRO B 143 40.55 -0.21 0.53
CA PRO B 143 39.26 0.44 0.31
C PRO B 143 38.44 0.51 1.60
N THR B 144 37.68 1.60 1.72
CA THR B 144 36.89 1.86 2.92
C THR B 144 35.54 1.17 2.89
N VAL B 145 35.23 0.44 1.84
CA VAL B 145 34.11 -0.50 1.85
C VAL B 145 34.70 -1.90 1.95
N ILE B 146 34.26 -2.66 2.94
CA ILE B 146 34.81 -3.98 3.20
C ILE B 146 33.79 -4.99 2.67
N ASP B 147 34.16 -5.67 1.57
CA ASP B 147 33.29 -6.64 0.91
C ASP B 147 33.63 -8.03 1.44
N LEU B 148 32.70 -8.62 2.19
CA LEU B 148 32.88 -9.95 2.78
C LEU B 148 31.86 -10.89 2.14
N THR B 149 32.34 -11.98 1.56
CA THR B 149 31.49 -12.95 0.89
C THR B 149 31.31 -14.19 1.78
N VAL B 150 30.06 -14.53 2.07
CA VAL B 150 29.74 -15.77 2.77
C VAL B 150 29.77 -16.89 1.73
N GLU B 151 30.80 -17.74 1.80
CA GLU B 151 30.95 -18.80 0.80
C GLU B 151 30.22 -20.09 1.18
N LYS B 152 30.03 -20.35 2.47
CA LYS B 152 29.29 -21.52 2.90
C LYS B 152 28.81 -21.31 4.32
N VAL B 153 27.71 -21.98 4.65
CA VAL B 153 27.09 -21.91 5.97
C VAL B 153 26.80 -23.33 6.44
N ASP B 154 27.01 -23.58 7.73
CA ASP B 154 26.76 -24.89 8.34
C ASP B 154 25.86 -24.66 9.54
N ALA B 155 24.55 -24.79 9.32
CA ALA B 155 23.59 -24.56 10.41
C ALA B 155 23.78 -25.56 11.55
N GLY B 156 24.25 -26.77 11.23
CA GLY B 156 24.51 -27.79 12.23
C GLY B 156 25.64 -27.39 13.17
N ALA B 157 26.82 -27.12 12.62
CA ALA B 157 27.92 -26.63 13.44
C ALA B 157 27.75 -25.17 13.84
N LYS B 158 26.77 -24.48 13.26
CA LYS B 158 26.54 -23.05 13.50
C LYS B 158 27.78 -22.24 13.14
N THR B 159 28.30 -22.48 11.95
CA THR B 159 29.44 -21.72 11.44
C THR B 159 29.10 -21.10 10.10
N ALA B 160 29.93 -20.12 9.72
CA ALA B 160 29.88 -19.51 8.41
C ALA B 160 31.31 -19.28 7.94
N THR B 161 31.61 -19.70 6.72
CA THR B 161 32.94 -19.50 6.16
C THR B 161 32.93 -18.26 5.28
N VAL B 162 33.70 -17.25 5.68
CA VAL B 162 33.64 -15.91 5.11
C VAL B 162 34.96 -15.63 4.39
N TYR B 163 34.88 -15.26 3.12
CA TYR B 163 36.04 -14.86 2.34
C TYR B 163 36.32 -13.38 2.56
N VAL B 164 37.55 -13.07 2.95
CA VAL B 164 38.02 -11.72 3.22
C VAL B 164 39.06 -11.36 2.16
N PRO B 165 38.76 -10.45 1.23
CA PRO B 165 39.74 -10.14 0.18
C PRO B 165 41.07 -9.65 0.75
N GLU B 166 42.13 -9.99 0.01
CA GLU B 166 43.53 -9.70 0.33
C GLU B 166 43.77 -8.27 0.81
N GLU B 167 43.04 -7.31 0.23
CA GLU B 167 43.30 -5.90 0.48
C GLU B 167 43.16 -5.53 1.94
N TYR B 168 42.26 -6.18 2.67
CA TYR B 168 41.93 -5.70 4.01
C TYR B 168 42.92 -6.23 5.05
N ASN B 169 43.16 -5.43 6.07
CA ASN B 169 43.94 -5.82 7.24
C ASN B 169 43.02 -5.96 8.44
N TYR B 170 43.25 -6.98 9.26
CA TYR B 170 42.45 -7.19 10.45
C TYR B 170 43.27 -7.88 11.54
N ARG B 171 42.81 -7.72 12.77
CA ARG B 171 43.34 -8.46 13.92
C ARG B 171 42.17 -9.13 14.63
N LEU B 172 42.28 -10.43 14.87
CA LEU B 172 41.25 -11.18 15.58
C LEU B 172 41.48 -11.09 17.08
N SER B 173 40.38 -10.97 17.83
CA SER B 173 40.46 -10.80 19.29
C SER B 173 39.22 -11.47 19.90
N GLY B 174 39.29 -12.79 20.02
CA GLY B 174 38.17 -13.56 20.53
C GLY B 174 37.05 -13.66 19.52
N SER B 175 35.89 -13.12 19.86
CA SER B 175 34.78 -13.05 18.93
C SER B 175 34.79 -11.75 18.11
N ASN B 176 35.78 -10.90 18.31
CA ASN B 176 35.87 -9.61 17.65
C ASN B 176 36.88 -9.66 16.50
N ILE B 177 36.57 -8.95 15.43
CA ILE B 177 37.52 -8.68 14.37
C ILE B 177 37.73 -7.18 14.29
N GLU B 178 38.98 -6.75 14.24
CA GLU B 178 39.32 -5.34 14.29
C GLU B 178 39.99 -4.97 12.98
N TRP B 179 39.33 -4.12 12.21
CA TRP B 179 39.81 -3.76 10.88
C TRP B 179 40.75 -2.57 10.99
N TYR B 180 41.72 -2.52 10.10
CA TYR B 180 42.56 -1.33 10.03
C TYR B 180 43.08 -1.13 8.61
N SER B 181 43.36 0.13 8.30
CA SER B 181 43.92 0.53 7.01
C SER B 181 45.42 0.26 6.99
N ASP B 182 46.10 0.72 5.94
CA ASP B 182 47.54 0.83 5.96
C ASP B 182 47.94 2.04 6.82
N SER B 183 49.25 2.22 7.02
CA SER B 183 49.77 3.23 7.93
C SER B 183 50.52 4.32 7.18
N SER B 184 50.59 5.50 7.81
CA SER B 184 51.33 6.60 7.23
C SER B 184 52.83 6.27 7.18
N PRO B 185 53.49 6.42 6.03
CA PRO B 185 54.95 6.28 6.00
C PRO B 185 55.65 7.40 6.75
N TYR B 186 54.96 8.50 7.03
CA TYR B 186 55.56 9.66 7.68
C TYR B 186 55.50 9.61 9.20
N THR B 187 54.43 9.02 9.74
CA THR B 187 54.22 9.00 11.18
C THR B 187 53.95 7.61 11.72
N GLY B 188 53.73 6.61 10.88
CA GLY B 188 53.27 5.31 11.35
C GLY B 188 51.87 5.28 11.92
N ALA B 189 51.11 6.38 11.80
CA ALA B 189 49.72 6.36 12.26
C ALA B 189 48.86 5.53 11.32
N THR B 190 47.95 4.76 11.89
CA THR B 190 46.95 4.05 11.09
C THR B 190 45.92 5.06 10.59
N TYR B 191 45.61 5.03 9.29
CA TYR B 191 44.70 6.04 8.75
C TYR B 191 43.29 5.88 9.32
N TRP B 192 42.81 4.64 9.43
CA TRP B 192 41.51 4.40 10.04
C TRP B 192 41.42 2.97 10.54
N THR B 193 40.54 2.77 11.51
CA THR B 193 40.19 1.46 12.03
C THR B 193 38.68 1.35 12.15
N ALA B 194 38.20 0.11 12.17
CA ALA B 194 36.80 -0.16 12.48
C ALA B 194 36.73 -1.50 13.20
N SER B 195 35.55 -1.80 13.76
CA SER B 195 35.35 -3.01 14.55
C SER B 195 34.13 -3.76 14.05
N ASN B 196 34.31 -5.05 13.76
CA ASN B 196 33.24 -5.97 13.41
C ASN B 196 32.38 -5.44 12.27
N ALA B 197 31.10 -5.16 12.53
CA ALA B 197 30.21 -4.69 11.49
C ALA B 197 30.32 -3.17 11.40
N LEU B 198 30.66 -2.68 10.21
CA LEU B 198 30.60 -1.25 9.94
C LEU B 198 29.12 -0.83 9.86
N PRO B 199 28.84 0.49 9.97
CA PRO B 199 27.43 0.91 10.12
C PRO B 199 26.46 0.42 9.05
N TYR B 200 26.82 0.46 7.78
CA TYR B 200 25.90 0.18 6.68
C TYR B 200 26.36 -1.05 5.92
N VAL B 201 25.43 -1.88 5.47
CA VAL B 201 25.76 -3.02 4.61
C VAL B 201 24.72 -3.11 3.49
N GLN B 202 25.18 -3.47 2.29
CA GLN B 202 24.29 -3.81 1.20
C GLN B 202 24.75 -5.14 0.62
N LEU B 203 23.91 -5.72 -0.25
CA LEU B 203 23.98 -7.15 -0.61
C LEU B 203 24.20 -7.32 -2.10
N TYR B 204 25.28 -8.01 -2.46
CA TYR B 204 25.56 -8.36 -3.85
C TYR B 204 25.49 -9.88 -3.99
N ASP B 205 24.55 -10.34 -4.81
CA ASP B 205 24.36 -11.77 -5.05
C ASP B 205 25.34 -12.23 -6.13
N THR B 206 26.34 -13.01 -5.73
CA THR B 206 27.36 -13.47 -6.67
C THR B 206 26.76 -14.33 -7.78
N LYS B 207 25.66 -15.03 -7.49
CA LYS B 207 24.96 -15.80 -8.51
C LYS B 207 24.37 -14.90 -9.59
N THR B 208 23.44 -14.03 -9.20
CA THR B 208 22.65 -13.26 -10.15
C THR B 208 23.33 -11.98 -10.61
N GLY B 209 24.26 -11.46 -9.84
CA GLY B 209 24.84 -10.17 -10.15
C GLY B 209 23.94 -9.00 -9.80
N LEU B 210 22.94 -9.20 -8.96
CA LEU B 210 22.04 -8.14 -8.54
C LEU B 210 22.48 -7.61 -7.18
N THR B 211 22.49 -6.29 -7.04
CA THR B 211 22.84 -5.63 -5.79
C THR B 211 21.60 -4.94 -5.24
N VAL B 212 21.31 -5.16 -3.96
CA VAL B 212 20.13 -4.61 -3.31
C VAL B 212 20.49 -4.16 -1.90
N ARG B 213 19.65 -3.30 -1.36
CA ARG B 213 19.65 -2.96 0.06
C ARG B 213 18.62 -3.82 0.77
N GLY B 214 19.05 -4.56 1.79
CA GLY B 214 18.13 -5.25 2.68
C GLY B 214 17.89 -4.41 3.92
N ASP B 215 18.06 -5.00 5.10
CA ASP B 215 18.18 -4.19 6.32
C ASP B 215 19.63 -3.73 6.39
N VAL B 216 19.89 -2.51 5.94
CA VAL B 216 21.27 -2.04 5.81
C VAL B 216 21.94 -1.86 7.15
N TRP B 217 21.18 -1.73 8.23
CA TRP B 217 21.75 -1.51 9.55
C TRP B 217 21.96 -2.80 10.34
N THR B 218 21.76 -3.96 9.73
CA THR B 218 21.90 -5.23 10.44
C THR B 218 22.66 -6.21 9.55
N ASN B 219 23.91 -6.50 9.93
CA ASN B 219 24.75 -7.41 9.17
C ASN B 219 24.67 -8.81 9.77
N PRO B 220 24.16 -9.81 9.04
CA PRO B 220 24.02 -11.15 9.64
C PRO B 220 25.34 -11.86 9.92
N ILE B 221 26.43 -11.45 9.28
CA ILE B 221 27.74 -12.04 9.57
C ILE B 221 28.13 -11.78 11.03
N PHE B 222 27.73 -10.63 11.57
CA PHE B 222 28.19 -10.20 12.89
C PHE B 222 27.10 -10.27 13.94
N GLN B 223 26.12 -11.16 13.76
CA GLN B 223 25.06 -11.40 14.73
C GLN B 223 25.40 -12.64 15.53
N ASN B 224 25.49 -12.49 16.86
CA ASN B 224 25.71 -13.61 17.78
C ASN B 224 26.99 -14.37 17.44
N VAL B 225 28.07 -13.63 17.23
CA VAL B 225 29.37 -14.26 17.00
C VAL B 225 29.93 -14.73 18.33
N THR B 226 30.43 -15.96 18.36
CA THR B 226 31.11 -16.48 19.55
C THR B 226 32.62 -16.57 19.38
N GLY B 227 33.11 -16.86 18.18
CA GLY B 227 34.53 -16.87 17.90
C GLY B 227 34.81 -16.83 16.42
N ILE B 228 36.05 -16.47 16.08
CA ILE B 228 36.53 -16.38 14.71
C ILE B 228 37.87 -17.08 14.62
N THR B 229 38.06 -17.89 13.57
CA THR B 229 39.35 -18.54 13.34
C THR B 229 39.78 -18.37 11.90
N ASP B 230 41.10 -18.17 11.72
CA ASP B 230 41.70 -17.97 10.41
C ASP B 230 41.96 -19.33 9.76
N ALA B 231 41.15 -19.67 8.75
CA ALA B 231 41.32 -20.91 8.02
C ALA B 231 42.32 -20.80 6.88
N GLY B 232 43.09 -19.72 6.82
CA GLY B 232 44.05 -19.52 5.75
C GLY B 232 43.42 -19.31 4.39
N ASN B 233 44.24 -18.98 3.40
CA ASN B 233 43.80 -18.73 2.03
C ASN B 233 42.66 -17.71 1.99
N HIS B 234 42.74 -16.70 2.85
CA HIS B 234 41.85 -15.54 2.87
C HIS B 234 40.43 -15.89 3.32
N ARG B 235 40.26 -16.98 4.06
CA ARG B 235 38.96 -17.38 4.58
C ARG B 235 38.97 -17.32 6.10
N LEU B 236 37.88 -16.85 6.67
CA LEU B 236 37.64 -16.91 8.10
C LEU B 236 36.43 -17.80 8.36
N VAL B 237 36.42 -18.45 9.53
CA VAL B 237 35.28 -19.25 9.96
C VAL B 237 34.71 -18.58 11.20
N PHE B 238 33.48 -18.09 11.09
CA PHE B 238 32.78 -17.50 12.22
C PHE B 238 31.94 -18.57 12.91
N SER B 239 31.86 -18.49 14.23
CA SER B 239 31.06 -19.42 15.02
C SER B 239 29.97 -18.64 15.74
N TYR B 240 28.77 -19.21 15.77
CA TYR B 240 27.58 -18.51 16.23
C TYR B 240 26.87 -19.30 17.31
N SER B 241 26.36 -18.59 18.31
CA SER B 241 25.48 -19.21 19.29
C SER B 241 24.15 -19.57 18.65
N SER B 242 23.57 -18.64 17.89
CA SER B 242 22.30 -18.86 17.20
C SER B 242 22.48 -18.70 15.70
N MET B 243 21.71 -19.46 14.93
CA MET B 243 21.73 -19.40 13.47
C MET B 243 20.44 -18.73 13.00
N SER B 244 20.54 -17.45 12.65
CA SER B 244 19.38 -16.73 12.16
C SER B 244 19.07 -17.15 10.72
N ASP B 245 17.82 -16.90 10.32
CA ASP B 245 17.41 -17.26 8.96
C ASP B 245 18.19 -16.47 7.93
N LYS B 246 18.42 -15.18 8.18
CA LYS B 246 19.24 -14.38 7.29
C LYS B 246 20.58 -15.06 7.04
N LEU B 247 21.29 -15.39 8.12
CA LEU B 247 22.60 -16.02 7.99
C LEU B 247 22.49 -17.36 7.29
N ALA B 248 21.42 -18.11 7.57
CA ALA B 248 21.27 -19.44 6.97
C ALA B 248 21.14 -19.38 5.45
N ASN B 249 20.62 -18.27 4.92
CA ASN B 249 20.48 -18.11 3.48
C ASN B 249 21.60 -17.29 2.85
N ALA B 250 22.69 -17.04 3.60
CA ALA B 250 23.71 -16.10 3.15
C ALA B 250 24.64 -16.65 2.08
N THR B 251 24.60 -17.95 1.79
CA THR B 251 25.55 -18.55 0.86
C THR B 251 25.56 -17.81 -0.47
N GLY B 252 26.75 -17.40 -0.90
CA GLY B 252 26.92 -16.70 -2.16
C GLY B 252 26.69 -15.20 -2.10
N ILE B 253 26.35 -14.64 -0.94
CA ILE B 253 26.09 -13.22 -0.80
C ILE B 253 27.36 -12.50 -0.36
N SER B 254 27.70 -11.42 -1.06
CA SER B 254 28.73 -10.50 -0.60
C SER B 254 28.08 -9.38 0.21
N TYR B 255 28.54 -9.20 1.44
CA TYR B 255 28.06 -8.15 2.33
C TYR B 255 29.03 -6.98 2.26
N GLN B 256 28.62 -5.90 1.58
CA GLN B 256 29.49 -4.76 1.29
C GLN B 256 29.21 -3.70 2.35
N MET B 257 30.12 -3.55 3.32
CA MET B 257 29.84 -2.71 4.49
C MET B 257 30.80 -1.53 4.59
N ARG B 258 30.32 -0.45 5.21
CA ARG B 258 31.06 0.81 5.22
C ARG B 258 30.43 1.75 6.23
N GLN B 259 31.22 2.75 6.66
CA GLN B 259 30.62 3.94 7.25
C GLN B 259 29.81 4.68 6.18
N THR B 260 29.01 5.64 6.60
CA THR B 260 28.22 6.42 5.64
C THR B 260 28.65 7.87 5.55
N THR B 261 29.53 8.32 6.43
CA THR B 261 29.98 9.70 6.39
C THR B 261 30.74 9.96 5.09
N ARG B 262 30.32 10.98 4.37
CA ARG B 262 30.93 11.31 3.07
C ARG B 262 32.01 12.37 3.28
N ASP B 263 33.07 11.96 3.99
CA ASP B 263 34.04 12.92 4.52
C ASP B 263 34.84 13.63 3.44
N HIS B 264 34.98 13.03 2.25
CA HIS B 264 35.65 13.62 1.10
C HIS B 264 34.82 13.35 -0.15
N PRO B 265 34.83 14.25 -1.13
CA PRO B 265 34.39 13.87 -2.48
C PRO B 265 35.45 12.97 -3.11
N GLY B 266 35.01 12.06 -3.98
CA GLY B 266 35.98 11.26 -4.71
C GLY B 266 36.78 12.10 -5.69
N VAL B 267 36.09 12.99 -6.39
CA VAL B 267 36.69 13.97 -7.30
C VAL B 267 35.87 15.24 -7.13
N PHE B 268 36.53 16.40 -7.19
CA PHE B 268 35.84 17.66 -6.95
C PHE B 268 36.16 18.65 -8.07
N LEU B 269 35.13 19.10 -8.76
CA LEU B 269 35.27 20.02 -9.90
C LEU B 269 34.42 21.26 -9.61
N TRP B 270 35.03 22.28 -9.01
CA TRP B 270 34.30 23.39 -8.41
C TRP B 270 34.64 24.71 -9.10
N LYS B 271 33.62 25.43 -9.56
CA LYS B 271 33.80 26.72 -10.24
C LYS B 271 34.77 26.62 -11.42
N ASP B 272 34.67 25.54 -12.19
CA ASP B 272 35.50 25.34 -13.36
C ASP B 272 34.72 25.64 -14.64
N LYS B 273 35.41 25.52 -15.76
CA LYS B 273 34.77 25.68 -17.06
C LYS B 273 35.46 24.74 -18.04
N ASP B 274 34.66 23.93 -18.75
CA ASP B 274 35.17 23.03 -19.78
C ASP B 274 36.15 22.02 -19.19
N VAL B 275 35.61 21.14 -18.34
CA VAL B 275 36.39 20.05 -17.74
C VAL B 275 36.11 18.77 -18.51
N THR B 276 37.16 17.99 -18.77
CA THR B 276 37.01 16.69 -19.39
C THR B 276 37.65 15.63 -18.52
N LEU B 277 36.90 14.55 -18.27
CA LEU B 277 37.41 13.32 -17.69
C LEU B 277 37.22 12.24 -18.74
N LYS B 278 38.30 11.57 -19.15
CA LYS B 278 38.11 10.50 -20.12
C LYS B 278 39.13 9.40 -19.93
N GLY B 279 38.72 8.18 -20.27
CA GLY B 279 39.61 7.03 -20.15
C GLY B 279 40.15 6.80 -18.76
N ILE B 280 39.32 6.97 -17.73
CA ILE B 280 39.71 6.69 -16.34
C ILE B 280 38.96 5.45 -15.86
N ASP B 281 39.70 4.49 -15.29
CA ASP B 281 39.11 3.33 -14.63
C ASP B 281 39.05 3.59 -13.12
N PHE B 282 37.85 3.86 -12.60
CA PHE B 282 37.65 4.05 -11.17
C PHE B 282 37.39 2.68 -10.52
N ARG B 283 38.45 2.10 -9.95
CA ARG B 283 38.31 0.80 -9.28
C ARG B 283 37.83 0.95 -7.85
N PHE B 284 38.12 2.08 -7.21
CA PHE B 284 37.49 2.39 -5.93
C PHE B 284 37.59 3.88 -5.70
N LEU B 285 36.49 4.51 -5.30
CA LEU B 285 36.46 5.90 -4.88
C LEU B 285 35.99 5.95 -3.44
N HIS B 286 36.82 6.52 -2.56
CA HIS B 286 36.42 6.71 -1.19
C HIS B 286 35.51 7.94 -1.03
N GLY B 287 34.64 7.88 -0.02
CA GLY B 287 33.95 9.08 0.44
C GLY B 287 32.73 9.51 -0.36
N PHE B 288 32.89 9.62 -1.67
CA PHE B 288 31.78 10.02 -2.54
C PHE B 288 32.27 9.81 -3.97
N GLY B 289 31.45 10.22 -4.93
CA GLY B 289 31.80 10.07 -6.34
C GLY B 289 32.46 11.32 -6.88
N VAL B 290 32.34 11.46 -8.21
CA VAL B 290 32.82 12.64 -8.92
C VAL B 290 31.80 13.74 -8.74
N VAL B 291 32.20 14.83 -8.10
CA VAL B 291 31.29 15.94 -7.79
C VAL B 291 31.67 17.13 -8.66
N GLY B 292 30.74 17.53 -9.52
CA GLY B 292 30.82 18.83 -10.18
C GLY B 292 29.93 19.79 -9.41
N GLN B 293 30.45 20.99 -9.18
CA GLN B 293 29.75 21.97 -8.34
C GLN B 293 30.01 23.36 -8.92
N SER B 294 28.95 24.03 -9.37
CA SER B 294 29.04 25.38 -9.94
C SER B 294 30.05 25.44 -11.09
N THR B 295 30.06 24.39 -11.91
CA THR B 295 30.99 24.30 -13.03
C THR B 295 30.22 24.37 -14.34
N ASP B 296 30.79 25.08 -15.32
CA ASP B 296 30.21 25.24 -16.64
C ASP B 296 30.84 24.22 -17.59
N THR B 297 30.07 23.18 -17.92
CA THR B 297 30.41 22.18 -18.93
C THR B 297 31.43 21.19 -18.42
N ILE B 298 30.97 19.93 -18.26
CA ILE B 298 31.83 18.81 -17.90
C ILE B 298 31.51 17.67 -18.85
N THR B 299 32.56 17.05 -19.40
CA THR B 299 32.43 15.93 -20.32
C THR B 299 33.11 14.72 -19.69
N MET B 300 32.36 13.63 -19.58
CA MET B 300 32.82 12.38 -18.98
C MET B 300 32.65 11.32 -20.04
N ASP B 301 33.77 10.76 -20.51
CA ASP B 301 33.74 9.90 -21.69
C ASP B 301 34.63 8.70 -21.44
N GLY B 302 34.08 7.49 -21.60
CA GLY B 302 34.88 6.30 -21.40
C GLY B 302 35.35 6.12 -19.97
N LEU B 303 34.50 6.43 -18.99
CA LEU B 303 34.81 6.16 -17.60
C LEU B 303 34.28 4.79 -17.24
N HIS B 304 35.04 4.04 -16.46
CA HIS B 304 34.59 2.74 -16.02
C HIS B 304 34.67 2.71 -14.50
N PHE B 305 33.50 2.80 -13.87
CA PHE B 305 33.37 2.64 -12.42
C PHE B 305 33.07 1.17 -12.17
N GLY B 306 34.03 0.47 -11.58
CA GLY B 306 33.90 -0.97 -11.38
C GLY B 306 35.22 -1.58 -10.98
N THR B 307 35.18 -2.56 -10.07
CA THR B 307 36.39 -3.22 -9.63
C THR B 307 37.03 -3.99 -10.79
N GLY B 308 38.35 -4.09 -10.75
CA GLY B 308 39.10 -4.75 -11.80
C GLY B 308 38.98 -6.26 -11.74
N GLU B 309 39.66 -6.90 -12.71
CA GLU B 309 39.73 -8.36 -12.71
C GLU B 309 40.60 -8.89 -11.58
N GLY B 310 41.60 -8.13 -11.17
CA GLY B 310 42.57 -8.62 -10.20
C GLY B 310 42.18 -8.40 -8.75
N THR B 311 40.89 -8.42 -8.45
CA THR B 311 40.46 -8.27 -7.07
C THR B 311 39.20 -9.09 -6.83
N GLY B 312 39.10 -9.65 -5.61
CA GLY B 312 37.88 -10.24 -5.12
C GLY B 312 36.91 -9.26 -4.52
N ARG B 313 37.20 -7.97 -4.58
CA ARG B 313 36.27 -6.94 -4.16
C ARG B 313 35.18 -6.76 -5.22
N SER B 314 34.06 -6.15 -4.81
CA SER B 314 32.97 -5.91 -5.73
C SER B 314 32.53 -4.44 -5.71
N THR B 315 32.73 -3.75 -4.60
CA THR B 315 32.33 -2.34 -4.49
C THR B 315 33.33 -1.46 -5.22
N ALA B 316 32.84 -0.66 -6.17
CA ALA B 316 33.67 0.38 -6.77
C ALA B 316 33.41 1.77 -6.20
N GLY B 317 32.24 2.00 -5.62
CA GLY B 317 31.92 3.31 -5.09
C GLY B 317 31.46 3.27 -3.65
N TYR B 318 32.10 4.09 -2.80
CA TYR B 318 31.67 4.23 -1.41
C TYR B 318 30.27 4.83 -1.32
N ALA B 319 29.89 5.68 -2.28
CA ALA B 319 28.52 6.17 -2.41
C ALA B 319 28.13 6.30 -3.88
N ASP B 320 27.72 7.49 -4.32
CA ASP B 320 27.35 7.72 -5.72
C ASP B 320 28.60 7.76 -6.61
N PHE B 321 28.38 7.69 -7.92
CA PHE B 321 29.50 7.78 -8.87
C PHE B 321 29.65 9.18 -9.44
N VAL B 322 28.56 9.80 -9.85
CA VAL B 322 28.60 11.08 -10.55
C VAL B 322 27.53 11.98 -9.96
N GLN B 323 27.96 13.08 -9.36
CA GLN B 323 27.08 14.07 -8.79
C GLN B 323 27.40 15.39 -9.46
N MET B 324 26.41 15.97 -10.15
CA MET B 324 26.61 17.25 -10.83
C MET B 324 25.63 18.23 -10.21
N SER B 325 26.10 19.03 -9.26
CA SER B 325 25.25 19.82 -8.40
C SER B 325 25.38 21.30 -8.74
N GLY B 326 24.28 21.91 -9.18
CA GLY B 326 24.32 23.33 -9.50
C GLY B 326 25.31 23.68 -10.59
N CYS B 327 25.42 22.84 -11.62
CA CYS B 327 26.31 23.13 -12.74
C CYS B 327 25.55 23.81 -13.87
N LYS B 328 26.26 24.16 -14.94
CA LYS B 328 25.62 24.71 -16.13
C LYS B 328 26.42 24.27 -17.35
N GLY B 329 26.10 24.87 -18.50
CA GLY B 329 26.68 24.37 -19.74
C GLY B 329 26.11 23.00 -20.06
N VAL B 330 26.94 22.16 -20.65
CA VAL B 330 26.53 20.81 -21.05
C VAL B 330 27.22 19.80 -20.14
N ILE B 331 26.43 18.96 -19.48
CA ILE B 331 26.94 17.80 -18.77
C ILE B 331 26.75 16.61 -19.68
N THR B 332 27.85 16.00 -20.11
CA THR B 332 27.85 14.84 -20.98
C THR B 332 28.43 13.64 -20.24
N VAL B 333 27.71 12.53 -20.23
CA VAL B 333 28.24 11.25 -19.76
C VAL B 333 28.09 10.25 -20.91
N ALA B 334 29.22 9.77 -21.43
CA ALA B 334 29.19 9.00 -22.67
C ALA B 334 30.12 7.79 -22.59
N ASN B 335 29.68 6.68 -23.18
CA ASN B 335 30.53 5.50 -23.41
C ASN B 335 31.16 4.99 -22.12
N SER B 336 30.41 5.06 -21.03
CA SER B 336 30.93 4.74 -19.71
C SER B 336 30.16 3.58 -19.10
N SER B 337 30.71 2.99 -18.05
CA SER B 337 30.02 1.91 -17.37
C SER B 337 30.06 2.14 -15.86
N PHE B 338 29.01 1.66 -15.20
CA PHE B 338 28.78 1.94 -13.79
C PHE B 338 28.39 0.64 -13.11
N SER B 339 29.18 0.20 -12.13
CA SER B 339 28.95 -1.09 -11.48
C SER B 339 29.24 -0.99 -10.00
N ASN B 340 28.25 -1.35 -9.20
CA ASN B 340 28.31 -1.46 -7.75
C ASN B 340 28.75 -0.20 -7.02
N PRO B 341 27.97 0.87 -7.10
CA PRO B 341 28.08 1.97 -6.13
C PRO B 341 27.28 1.58 -4.89
N HIS B 342 27.33 2.43 -3.87
CA HIS B 342 26.43 2.31 -2.73
C HIS B 342 25.35 3.38 -2.75
N ASP B 343 25.16 4.05 -3.88
CA ASP B 343 24.05 4.98 -4.07
C ASP B 343 23.89 5.21 -5.58
N ASP B 344 23.07 6.19 -5.95
CA ASP B 344 22.70 6.33 -7.35
C ASP B 344 23.93 6.59 -8.23
N PRO B 345 24.08 5.90 -9.36
CA PRO B 345 25.22 6.20 -10.25
C PRO B 345 25.35 7.66 -10.66
N ILE B 346 24.26 8.30 -11.08
CA ILE B 346 24.30 9.67 -11.59
C ILE B 346 23.16 10.47 -10.99
N ASN B 347 23.47 11.69 -10.53
CA ASN B 347 22.44 12.64 -10.09
C ASN B 347 22.85 14.04 -10.56
N VAL B 348 22.12 14.59 -11.53
CA VAL B 348 22.27 15.98 -11.97
C VAL B 348 21.12 16.79 -11.37
N HIS B 349 21.45 17.82 -10.59
CA HIS B 349 20.43 18.54 -9.84
C HIS B 349 21.02 19.87 -9.37
N GLY B 350 20.14 20.74 -8.88
CA GLY B 350 20.57 21.90 -8.11
C GLY B 350 20.02 21.84 -6.70
N THR B 351 20.10 22.94 -5.96
CA THR B 351 19.62 23.00 -4.57
C THR B 351 18.61 24.13 -4.43
N PHE B 352 17.41 23.80 -3.98
CA PHE B 352 16.47 24.81 -3.52
C PHE B 352 16.92 25.34 -2.17
N LEU B 353 16.92 26.66 -2.00
CA LEU B 353 17.09 27.26 -0.69
C LEU B 353 15.81 27.96 -0.27
N GLN B 354 15.46 27.83 1.01
CA GLN B 354 14.17 28.30 1.51
C GLN B 354 14.27 29.74 1.99
N VAL B 355 13.31 30.58 1.57
CA VAL B 355 13.24 31.95 2.09
C VAL B 355 12.99 31.89 3.59
N VAL B 356 13.94 32.41 4.38
CA VAL B 356 13.76 32.47 5.83
C VAL B 356 13.67 33.89 6.37
N GLU B 357 13.93 34.92 5.56
CA GLU B 357 13.69 36.29 6.00
C GLU B 357 13.52 37.17 4.77
N LYS B 358 12.51 38.04 4.82
CA LYS B 358 12.37 39.11 3.83
C LYS B 358 12.91 40.37 4.48
N ILE B 359 14.13 40.74 4.10
CA ILE B 359 14.76 41.91 4.69
C ILE B 359 14.17 43.18 4.09
N SER B 360 13.85 43.15 2.81
CA SER B 360 13.17 44.24 2.09
C SER B 360 12.56 43.65 0.83
N ASP B 361 11.95 44.51 0.02
CA ASP B 361 11.38 44.08 -1.25
C ASP B 361 12.42 43.52 -2.21
N THR B 362 13.70 43.85 -2.03
CA THR B 362 14.74 43.40 -2.94
C THR B 362 15.82 42.59 -2.23
N LYS B 363 15.63 42.23 -0.97
CA LYS B 363 16.67 41.57 -0.19
C LYS B 363 16.06 40.48 0.67
N ILE B 364 16.61 39.27 0.56
CA ILE B 364 16.08 38.10 1.26
C ILE B 364 17.24 37.30 1.82
N LYS B 365 16.97 36.59 2.90
CA LYS B 365 17.88 35.57 3.40
C LYS B 365 17.29 34.21 3.02
N VAL B 366 18.12 33.33 2.46
CA VAL B 366 17.67 32.00 2.09
C VAL B 366 18.60 30.99 2.77
N ARG B 367 18.10 29.78 2.95
CA ARG B 367 18.74 28.81 3.84
C ARG B 367 18.81 27.42 3.22
N TYR B 368 19.99 26.81 3.35
CA TYR B 368 20.17 25.39 3.08
C TYR B 368 19.43 24.55 4.13
N MET B 369 18.43 23.80 3.69
CA MET B 369 17.53 23.08 4.58
C MET B 369 17.90 21.60 4.78
N HIS B 370 18.76 21.03 3.94
CA HIS B 370 19.16 19.64 4.13
C HIS B 370 20.56 19.59 4.71
N ASN B 371 20.76 18.73 5.73
CA ASN B 371 21.98 18.84 6.52
C ASN B 371 23.22 18.28 5.81
N GLU B 372 23.11 17.75 4.60
CA GLU B 372 24.31 17.30 3.89
C GLU B 372 24.74 18.27 2.78
N THR B 373 23.98 19.33 2.52
CA THR B 373 24.31 20.32 1.50
C THR B 373 24.21 21.70 2.15
N ALA B 374 25.35 22.36 2.34
CA ALA B 374 25.47 23.65 2.98
C ALA B 374 26.91 24.12 2.88
N GLY B 375 27.12 25.42 3.11
CA GLY B 375 28.45 25.96 3.33
C GLY B 375 29.14 26.52 2.11
N PHE B 376 28.53 26.48 0.94
CA PHE B 376 29.12 26.96 -0.30
C PHE B 376 28.15 27.88 -1.01
N PRO B 377 28.62 28.65 -2.00
CA PRO B 377 27.72 29.54 -2.76
C PRO B 377 26.82 28.74 -3.69
N SER B 378 25.53 29.06 -3.67
CA SER B 378 24.64 28.65 -4.76
C SER B 378 24.23 29.81 -5.62
N PHE B 379 24.78 31.01 -5.36
CA PHE B 379 24.40 32.21 -6.10
C PHE B 379 25.62 33.10 -6.26
N PHE B 380 25.76 33.68 -7.45
CA PHE B 380 26.78 34.66 -7.74
C PHE B 380 26.10 35.90 -8.30
N VAL B 381 26.78 37.03 -8.21
CA VAL B 381 26.24 38.25 -8.78
C VAL B 381 26.07 38.07 -10.29
N GLY B 382 24.95 38.56 -10.82
CA GLY B 382 24.62 38.36 -12.21
C GLY B 382 23.78 37.14 -12.51
N ASP B 383 23.72 36.17 -11.59
CA ASP B 383 22.88 35.00 -11.80
C ASP B 383 21.40 35.38 -11.76
N GLN B 384 20.59 34.58 -12.44
CA GLN B 384 19.14 34.71 -12.37
C GLN B 384 18.57 33.64 -11.44
N VAL B 385 17.52 34.02 -10.70
CA VAL B 385 16.85 33.11 -9.79
C VAL B 385 15.35 33.17 -10.08
N GLU B 386 14.63 32.14 -9.64
CA GLU B 386 13.18 32.07 -9.77
C GLU B 386 12.63 31.52 -8.46
N PHE B 387 11.42 31.97 -8.11
CA PHE B 387 10.79 31.59 -6.86
C PHE B 387 9.76 30.50 -7.11
N MET B 388 9.64 29.56 -6.17
CA MET B 388 8.65 28.50 -6.23
C MET B 388 7.87 28.42 -4.91
N THR B 389 6.60 28.03 -5.02
CA THR B 389 5.83 27.62 -3.84
C THR B 389 6.06 26.14 -3.58
N LYS B 390 6.47 25.80 -2.35
CA LYS B 390 6.88 24.44 -2.00
C LYS B 390 5.74 23.44 -2.14
N GLY B 391 4.53 23.84 -1.74
CA GLY B 391 3.45 22.88 -1.59
C GLY B 391 3.07 22.21 -2.90
N ASP B 392 2.93 22.99 -3.97
CA ASP B 392 2.62 22.45 -5.29
C ASP B 392 3.85 22.40 -6.21
N MET B 393 4.99 22.94 -5.74
CA MET B 393 6.25 22.94 -6.48
C MET B 393 6.11 23.64 -7.84
N LEU B 394 5.29 24.70 -7.87
CA LEU B 394 5.10 25.50 -9.06
C LEU B 394 5.83 26.85 -8.93
N PRO B 395 6.31 27.41 -10.03
CA PRO B 395 6.94 28.73 -9.97
C PRO B 395 5.95 29.84 -9.63
N VAL B 396 6.46 30.87 -8.97
CA VAL B 396 5.69 32.10 -8.80
C VAL B 396 5.69 32.85 -10.13
N SER B 397 4.52 33.33 -10.53
CA SER B 397 4.42 34.06 -11.79
C SER B 397 5.35 35.27 -11.77
N ASP B 398 6.04 35.48 -12.89
CA ASP B 398 6.86 36.67 -13.11
C ASP B 398 7.86 36.89 -11.97
N SER B 399 8.51 35.81 -11.54
CA SER B 399 9.37 35.88 -10.35
C SER B 399 10.85 35.75 -10.68
N VAL B 400 11.24 35.80 -11.95
CA VAL B 400 12.66 35.75 -12.28
C VAL B 400 13.30 37.10 -11.91
N ARG B 401 14.40 37.03 -11.15
CA ARG B 401 15.15 38.22 -10.77
C ARG B 401 16.64 37.96 -10.97
N THR B 402 17.41 39.04 -11.07
CA THR B 402 18.86 38.95 -11.19
C THR B 402 19.52 39.34 -9.88
N VAL B 403 20.52 38.57 -9.49
CA VAL B 403 21.23 38.81 -8.24
C VAL B 403 22.17 40.00 -8.42
N THR B 404 22.08 40.96 -7.51
CA THR B 404 22.99 42.12 -7.51
C THR B 404 23.97 42.14 -6.35
N ALA B 405 23.75 41.31 -5.32
CA ALA B 405 24.71 41.19 -4.24
C ALA B 405 24.50 39.84 -3.56
N VAL B 406 25.59 39.29 -3.03
CA VAL B 406 25.57 38.01 -2.32
C VAL B 406 26.40 38.15 -1.05
N ASP B 407 25.78 37.97 0.10
CA ASP B 407 26.47 37.89 1.38
C ASP B 407 26.26 36.50 1.96
N GLY B 408 27.33 35.71 2.07
CA GLY B 408 27.24 34.38 2.63
C GLY B 408 28.53 33.60 2.50
N PRO B 409 28.48 32.29 2.76
CA PRO B 409 29.72 31.49 2.77
C PRO B 409 30.28 31.37 1.36
N ASP B 410 31.61 31.36 1.26
CA ASP B 410 32.25 31.27 -0.04
C ASP B 410 32.65 29.83 -0.39
N GLY B 411 32.37 28.87 0.50
CA GLY B 411 32.66 27.48 0.21
C GLY B 411 34.03 27.04 0.67
N GLN B 412 34.86 27.99 1.13
CA GLN B 412 36.18 27.68 1.67
C GLN B 412 36.34 28.21 3.09
N GLY B 413 35.23 28.51 3.77
CA GLY B 413 35.30 28.98 5.14
C GLY B 413 35.38 30.49 5.29
N GLY B 414 35.34 31.24 4.19
CA GLY B 414 35.29 32.68 4.22
C GLY B 414 33.94 33.21 3.76
N ASP B 415 33.91 34.54 3.54
CA ASP B 415 32.69 35.24 3.20
C ASP B 415 32.71 35.73 1.76
N MET B 416 31.59 35.53 1.06
CA MET B 416 31.24 36.37 -0.07
C MET B 416 30.56 37.62 0.45
N GLY B 417 30.89 38.77 -0.14
CA GLY B 417 30.27 40.01 0.29
C GLY B 417 30.49 40.27 1.76
N ALA B 418 29.46 40.81 2.43
CA ALA B 418 29.52 41.04 3.87
C ALA B 418 29.43 39.75 4.68
N GLY B 419 29.24 38.61 4.02
CA GLY B 419 29.02 37.37 4.74
C GLY B 419 27.66 37.34 5.40
N SER B 420 27.25 36.17 5.88
CA SER B 420 25.94 36.03 6.51
C SER B 420 26.02 35.56 7.95
N GLY B 421 27.20 35.21 8.45
CA GLY B 421 27.33 34.70 9.79
C GLY B 421 26.91 33.25 9.97
N SER B 422 26.51 32.57 8.90
CA SER B 422 26.08 31.18 9.00
C SER B 422 26.46 30.43 7.72
N LEU B 423 26.98 29.22 7.89
CA LEU B 423 27.26 28.37 6.75
C LEU B 423 25.99 27.90 6.02
N THR B 424 24.81 28.02 6.64
CA THR B 424 23.59 27.59 5.97
C THR B 424 22.84 28.73 5.29
N ASP B 425 23.20 29.99 5.53
CA ASP B 425 22.38 31.12 5.13
C ASP B 425 23.10 31.97 4.10
N ILE B 426 22.34 32.41 3.11
CA ILE B 426 22.84 33.33 2.09
C ILE B 426 21.87 34.50 1.99
N VAL B 427 22.39 35.71 2.05
CA VAL B 427 21.58 36.91 1.85
C VAL B 427 21.74 37.37 0.41
N LEU B 428 20.63 37.48 -0.32
CA LEU B 428 20.62 37.88 -1.71
C LEU B 428 19.97 39.24 -1.87
N THR B 429 20.63 40.13 -2.62
CA THR B 429 19.98 41.33 -3.11
C THR B 429 19.62 41.12 -4.57
N LEU B 430 18.41 41.51 -4.95
CA LEU B 430 17.87 41.27 -6.28
C LEU B 430 17.65 42.61 -6.98
N ASP B 431 17.56 42.55 -8.32
CA ASP B 431 17.58 43.77 -9.12
C ASP B 431 16.26 44.54 -9.09
N SER B 432 15.15 43.88 -8.73
CA SER B 432 13.89 44.59 -8.58
C SER B 432 13.06 43.88 -7.51
N ALA B 433 12.01 44.55 -7.06
CA ALA B 433 11.21 44.02 -5.96
C ALA B 433 10.65 42.65 -6.33
N ILE B 434 10.74 41.71 -5.39
CA ILE B 434 10.28 40.35 -5.61
C ILE B 434 8.76 40.33 -5.56
N PRO B 435 8.08 39.34 -6.15
CA PRO B 435 6.62 39.29 -6.07
C PRO B 435 6.15 39.37 -4.63
N SER B 436 5.09 40.14 -4.40
CA SER B 436 4.63 40.40 -3.04
C SER B 436 4.14 39.13 -2.35
N ALA B 437 3.83 38.08 -3.11
CA ALA B 437 3.36 36.84 -2.52
C ALA B 437 4.48 36.01 -1.89
N VAL B 438 5.74 36.23 -2.29
CA VAL B 438 6.85 35.48 -1.71
C VAL B 438 6.88 35.71 -0.22
N ALA B 439 6.89 34.61 0.55
CA ALA B 439 6.83 34.69 2.00
C ALA B 439 7.85 33.72 2.58
N VAL B 440 8.18 33.93 3.85
CA VAL B 440 9.08 33.02 4.54
C VAL B 440 8.45 31.64 4.63
N ASN B 441 9.30 30.62 4.52
CA ASN B 441 9.00 29.19 4.65
C ASN B 441 8.13 28.60 3.56
N SER B 442 7.15 29.34 3.04
CA SER B 442 6.32 28.77 1.98
C SER B 442 7.02 28.76 0.62
N HIS B 443 8.07 29.54 0.45
CA HIS B 443 8.70 29.74 -0.85
C HIS B 443 10.16 29.33 -0.81
N VAL B 444 10.66 28.82 -1.94
CA VAL B 444 12.07 28.51 -2.10
C VAL B 444 12.57 29.23 -3.35
N VAL B 445 13.89 29.27 -3.49
CA VAL B 445 14.55 29.93 -4.61
C VAL B 445 15.42 28.92 -5.34
N GLU B 446 15.37 28.95 -6.68
CA GLU B 446 16.25 28.17 -7.54
C GLU B 446 17.16 29.12 -8.31
N ASN B 447 18.46 28.81 -8.35
CA ASN B 447 19.36 29.46 -9.29
C ASN B 447 19.12 28.89 -10.68
N ILE B 448 18.50 29.66 -11.58
CA ILE B 448 18.17 29.12 -12.90
C ILE B 448 19.30 29.33 -13.91
N THR B 449 20.26 30.20 -13.60
CA THR B 449 21.49 30.26 -14.41
C THR B 449 22.25 28.95 -14.32
N TYR B 450 22.37 28.40 -13.11
CA TYR B 450 23.13 27.16 -12.92
C TYR B 450 22.21 25.94 -13.08
N THR B 451 21.64 25.84 -14.27
CA THR B 451 20.95 24.65 -14.73
C THR B 451 21.63 24.15 -15.99
N PRO B 452 22.04 22.88 -16.03
CA PRO B 452 22.78 22.36 -17.19
C PRO B 452 21.91 21.64 -18.20
N GLU B 453 22.34 21.67 -19.46
CA GLU B 453 21.90 20.69 -20.42
C GLU B 453 22.57 19.34 -20.11
N VAL B 454 21.85 18.24 -20.36
CA VAL B 454 22.33 16.92 -19.97
C VAL B 454 22.23 15.97 -21.15
N ASN B 455 23.34 15.30 -21.46
CA ASN B 455 23.39 14.31 -22.54
C ASN B 455 24.08 13.07 -21.97
N ILE B 456 23.30 12.04 -21.68
CA ILE B 456 23.78 10.82 -21.08
C ILE B 456 23.51 9.70 -22.09
N HIS B 457 24.56 9.20 -22.75
CA HIS B 457 24.29 8.28 -23.84
C HIS B 457 25.33 7.17 -23.92
N ASP B 458 24.86 6.00 -24.37
CA ASP B 458 25.74 4.87 -24.68
C ASP B 458 26.51 4.40 -23.44
N ASN B 459 25.80 4.31 -22.32
CA ASN B 459 26.41 3.87 -21.07
C ASN B 459 25.78 2.55 -20.64
N VAL B 460 26.44 1.90 -19.68
CA VAL B 460 25.94 0.67 -19.08
C VAL B 460 25.84 0.88 -17.58
N PHE B 461 24.66 0.57 -17.03
CA PHE B 461 24.39 0.65 -15.59
C PHE B 461 24.03 -0.75 -15.11
N LYS B 462 24.75 -1.25 -14.11
CA LYS B 462 24.42 -2.55 -13.56
C LYS B 462 24.90 -2.62 -12.12
N GLU B 463 24.48 -3.69 -11.43
CA GLU B 463 24.89 -3.96 -10.06
C GLU B 463 24.67 -2.74 -9.17
N THR B 464 23.45 -2.22 -9.18
CA THR B 464 23.13 -0.95 -8.52
C THR B 464 21.93 -1.18 -7.61
N PRO B 465 22.02 -0.90 -6.30
CA PRO B 465 20.87 -1.13 -5.42
C PRO B 465 19.83 -0.04 -5.45
N THR B 466 20.15 1.14 -5.97
CA THR B 466 19.21 2.25 -5.92
C THR B 466 18.75 2.61 -7.33
N ARG B 467 18.64 3.90 -7.63
CA ARG B 467 18.16 4.32 -8.94
C ARG B 467 19.34 4.43 -9.89
N GLY B 468 19.04 4.40 -11.19
CA GLY B 468 20.11 4.49 -12.18
C GLY B 468 20.57 5.92 -12.43
N ILE B 469 19.66 6.77 -12.90
CA ILE B 469 19.95 8.16 -13.23
C ILE B 469 18.88 9.03 -12.56
N LEU B 470 19.32 10.08 -11.88
CA LEU B 470 18.45 11.15 -11.41
C LEU B 470 18.81 12.40 -12.19
N VAL B 471 17.81 13.11 -12.72
CA VAL B 471 18.12 14.33 -13.46
C VAL B 471 16.97 15.32 -13.30
N THR B 472 17.29 16.54 -12.86
CA THR B 472 16.29 17.56 -12.63
C THR B 472 16.90 18.90 -13.05
N THR B 473 16.64 19.28 -14.30
CA THR B 473 17.09 20.54 -14.85
C THR B 473 16.08 20.96 -15.91
N ARG B 474 15.89 22.29 -16.04
CA ARG B 474 14.99 22.84 -17.05
C ARG B 474 15.59 22.88 -18.45
N LYS B 475 16.89 22.59 -18.60
CA LYS B 475 17.51 22.63 -19.92
C LYS B 475 17.27 21.31 -20.65
N LYS B 476 17.75 21.23 -21.89
CA LYS B 476 17.55 20.03 -22.68
C LYS B 476 18.19 18.82 -22.01
N VAL B 477 17.40 17.76 -21.84
CA VAL B 477 17.85 16.50 -21.28
C VAL B 477 17.70 15.40 -22.33
N THR B 478 18.78 14.69 -22.60
CA THR B 478 18.77 13.53 -23.48
C THR B 478 19.36 12.36 -22.73
N ILE B 479 18.59 11.30 -22.55
CA ILE B 479 19.05 10.03 -21.99
C ILE B 479 18.81 8.99 -23.09
N GLU B 480 19.88 8.48 -23.70
CA GLU B 480 19.74 7.84 -25.00
C GLU B 480 20.68 6.66 -25.15
N ASN B 481 20.15 5.52 -25.60
CA ASN B 481 20.96 4.35 -25.96
C ASN B 481 21.80 3.84 -24.78
N ASN B 482 21.21 3.83 -23.58
CA ASN B 482 21.83 3.26 -22.40
C ASN B 482 21.22 1.91 -22.08
N LEU B 483 21.99 1.06 -21.41
CA LEU B 483 21.50 -0.20 -20.86
C LEU B 483 21.40 -0.06 -19.34
N PHE B 484 20.20 -0.32 -18.80
CA PHE B 484 19.97 -0.41 -17.36
C PHE B 484 19.66 -1.87 -17.05
N ASP B 485 20.54 -2.52 -16.29
CA ASP B 485 20.39 -3.95 -16.01
C ASP B 485 20.43 -4.16 -14.50
N GLY B 486 19.27 -4.40 -13.88
CA GLY B 486 19.23 -4.75 -12.48
C GLY B 486 19.22 -3.60 -11.50
N MET B 487 18.70 -2.44 -11.88
CA MET B 487 18.55 -1.34 -10.94
C MET B 487 17.60 -1.77 -9.82
N GLY B 488 18.05 -1.63 -8.57
CA GLY B 488 17.21 -2.04 -7.45
C GLY B 488 15.97 -1.17 -7.28
N MET B 489 16.07 0.10 -7.67
CA MET B 489 14.95 1.02 -7.62
C MET B 489 14.74 1.53 -9.04
N ALA B 490 14.04 2.66 -9.21
CA ALA B 490 13.68 3.12 -10.55
C ALA B 490 14.92 3.28 -11.44
N GLY B 491 14.79 2.87 -12.71
CA GLY B 491 15.91 3.06 -13.64
C GLY B 491 16.25 4.53 -13.84
N ILE B 492 15.24 5.34 -14.19
CA ILE B 492 15.39 6.79 -14.30
C ILE B 492 14.40 7.42 -13.34
N TYR B 493 14.88 8.39 -12.55
CA TYR B 493 14.05 9.02 -11.52
C TYR B 493 14.16 10.54 -11.67
N ILE B 494 13.05 11.18 -12.01
CA ILE B 494 13.01 12.63 -12.16
C ILE B 494 12.06 13.16 -11.08
N SER B 495 12.60 13.91 -10.12
CA SER B 495 11.81 14.32 -8.97
C SER B 495 11.53 15.82 -9.07
N ASN B 496 12.30 16.68 -8.37
CA ASN B 496 12.04 18.09 -8.05
C ASN B 496 11.36 18.17 -6.68
N ASP B 497 12.09 18.64 -5.68
CA ASP B 497 11.81 18.29 -4.29
C ASP B 497 12.20 19.47 -3.42
N ALA B 498 11.22 20.03 -2.70
CA ALA B 498 11.53 20.98 -1.63
C ALA B 498 10.87 20.54 -0.35
N GLN B 499 10.88 19.23 -0.12
CA GLN B 499 10.24 18.59 1.01
C GLN B 499 11.24 17.95 1.95
N SER B 500 12.10 17.05 1.44
CA SER B 500 13.16 16.46 2.25
C SER B 500 14.54 16.79 1.73
N TRP B 501 14.76 16.55 0.44
CA TRP B 501 16.08 16.65 -0.15
C TRP B 501 16.41 18.02 -0.68
N TYR B 502 15.40 18.83 -1.00
CA TYR B 502 15.62 20.20 -1.48
C TYR B 502 16.51 20.20 -2.72
N GLU B 503 16.23 19.30 -3.65
CA GLU B 503 16.95 19.24 -4.92
C GLU B 503 16.05 19.75 -6.04
N SER B 504 16.50 20.81 -6.70
CA SER B 504 15.88 21.40 -7.88
C SER B 504 16.44 20.70 -9.13
N GLY B 505 15.87 20.97 -10.31
CA GLY B 505 14.69 21.79 -10.54
C GLY B 505 13.74 21.18 -11.57
N PRO B 506 12.65 21.90 -11.89
CA PRO B 506 11.65 21.35 -12.83
C PRO B 506 12.23 21.18 -14.23
N THR B 507 11.66 20.22 -14.97
CA THR B 507 12.12 19.93 -16.32
C THR B 507 11.19 20.56 -17.35
N ARG B 508 11.77 20.88 -18.51
CA ARG B 508 11.04 21.52 -19.59
C ARG B 508 11.27 20.87 -20.94
N ASP B 509 12.19 19.91 -21.04
CA ASP B 509 12.54 19.32 -22.33
C ASP B 509 13.34 18.03 -22.12
N VAL B 510 12.64 16.93 -21.87
CA VAL B 510 13.25 15.64 -21.56
C VAL B 510 12.95 14.65 -22.68
N THR B 511 14.00 14.01 -23.18
CA THR B 511 13.87 12.93 -24.17
C THR B 511 14.58 11.71 -23.62
N ILE B 512 13.84 10.62 -23.48
CA ILE B 512 14.37 9.32 -23.06
C ILE B 512 14.17 8.38 -24.23
N ARG B 513 15.25 8.03 -24.93
CA ARG B 513 15.14 7.38 -26.24
C ARG B 513 16.13 6.22 -26.37
N GLY B 514 15.64 5.11 -26.91
CA GLY B 514 16.54 4.05 -27.34
C GLY B 514 17.27 3.30 -26.25
N ASN B 515 16.81 3.39 -25.00
CA ASN B 515 17.42 2.67 -23.89
C ASN B 515 16.79 1.29 -23.73
N THR B 516 17.51 0.40 -23.05
CA THR B 516 16.99 -0.91 -22.68
C THR B 516 16.97 -1.04 -21.17
N PHE B 517 15.84 -1.53 -20.64
CA PHE B 517 15.66 -1.75 -19.21
C PHE B 517 15.46 -3.24 -18.98
N ARG B 518 16.35 -3.84 -18.18
CA ARG B 518 16.33 -5.26 -17.86
C ARG B 518 16.35 -5.45 -16.35
N ARG B 519 15.64 -6.47 -15.87
CA ARG B 519 15.65 -6.85 -14.45
C ARG B 519 15.41 -5.64 -13.56
N SER B 520 14.42 -4.86 -13.93
CA SER B 520 14.05 -3.67 -13.16
C SER B 520 13.54 -4.06 -11.78
N GLY B 521 14.21 -3.59 -10.73
CA GLY B 521 13.73 -3.85 -9.39
C GLY B 521 12.49 -3.05 -9.03
N SER B 522 12.17 -2.01 -9.80
CA SER B 522 10.98 -1.21 -9.54
C SER B 522 10.44 -0.66 -10.86
N ASP B 523 9.78 0.51 -10.83
CA ASP B 523 9.39 1.17 -12.07
C ASP B 523 10.63 1.34 -12.95
N ALA B 524 10.45 1.20 -14.26
CA ALA B 524 11.55 1.55 -15.16
C ALA B 524 11.82 3.05 -15.12
N ILE B 525 10.76 3.87 -15.26
CA ILE B 525 10.89 5.32 -15.27
C ILE B 525 9.89 5.89 -14.26
N LEU B 526 10.38 6.65 -13.30
CA LEU B 526 9.54 7.25 -12.26
C LEU B 526 9.73 8.76 -12.29
N VAL B 527 8.66 9.49 -12.54
CA VAL B 527 8.66 10.94 -12.45
C VAL B 527 7.81 11.29 -11.23
N GLU B 528 8.43 11.84 -10.21
CA GLU B 528 7.77 11.99 -8.92
C GLU B 528 8.34 13.20 -8.19
N PRO B 529 8.00 14.41 -8.63
CA PRO B 529 8.25 15.57 -7.77
C PRO B 529 7.49 15.35 -6.46
N THR B 530 8.01 15.89 -5.37
CA THR B 530 7.48 15.52 -4.06
C THR B 530 6.49 16.55 -3.51
N ASN B 531 5.90 17.37 -4.38
CA ASN B 531 4.84 18.29 -3.96
C ASN B 531 3.71 17.52 -3.28
N PRO B 532 3.34 17.86 -2.05
CA PRO B 532 2.15 17.24 -1.43
C PRO B 532 0.86 17.76 -2.00
N THR B 533 0.86 18.95 -2.60
CA THR B 533 -0.32 19.48 -3.27
C THR B 533 -0.19 19.19 -4.75
N VAL B 534 -1.18 18.52 -5.35
CA VAL B 534 -1.15 18.22 -6.78
C VAL B 534 -2.07 19.21 -7.47
N SER B 535 -1.49 20.16 -8.19
CA SER B 535 -2.28 21.10 -8.95
C SER B 535 -2.95 20.39 -10.11
N THR B 536 -4.25 20.67 -10.30
CA THR B 536 -4.99 20.13 -11.43
C THR B 536 -5.05 21.09 -12.61
N THR B 537 -4.30 22.19 -12.58
CA THR B 537 -4.34 23.21 -13.63
C THR B 537 -2.98 23.57 -14.21
N ASP B 538 -1.89 23.28 -13.51
CA ASP B 538 -0.54 23.49 -14.02
C ASP B 538 0.26 22.26 -13.62
N THR B 539 1.39 22.02 -14.28
CA THR B 539 2.19 20.86 -13.92
C THR B 539 3.60 21.32 -13.57
N VAL B 540 4.26 20.51 -12.73
CA VAL B 540 5.62 20.78 -12.32
C VAL B 540 6.56 20.63 -13.51
N HIS B 541 6.38 19.58 -14.30
CA HIS B 541 7.25 19.23 -15.43
C HIS B 541 6.47 19.37 -16.73
N LYS B 542 7.21 19.62 -17.81
CA LYS B 542 6.59 19.82 -19.12
C LYS B 542 7.48 19.22 -20.21
N ASN B 543 6.84 18.69 -21.26
CA ASN B 543 7.50 18.33 -22.53
C ASN B 543 8.50 17.20 -22.31
N MET B 544 7.95 16.01 -22.10
CA MET B 544 8.75 14.81 -21.87
C MET B 544 8.34 13.77 -22.91
N THR B 545 9.34 13.19 -23.59
CA THR B 545 9.11 12.24 -24.68
C THR B 545 9.90 10.97 -24.39
N ILE B 546 9.21 9.84 -24.37
CA ILE B 546 9.80 8.56 -24.02
C ILE B 546 9.54 7.65 -25.23
N GLU B 547 10.56 7.39 -26.04
CA GLU B 547 10.31 6.77 -27.34
C GLU B 547 11.46 5.83 -27.72
N GLY B 548 11.11 4.75 -28.42
CA GLY B 548 12.11 3.84 -28.95
C GLY B 548 12.88 3.05 -27.91
N ASN B 549 12.34 2.92 -26.70
CA ASN B 549 13.01 2.16 -25.65
C ASN B 549 12.51 0.73 -25.66
N THR B 550 13.31 -0.16 -25.10
CA THR B 550 12.89 -1.53 -24.85
C THR B 550 12.82 -1.76 -23.35
N PHE B 551 11.64 -2.16 -22.88
CA PHE B 551 11.41 -2.46 -21.46
C PHE B 551 11.11 -3.94 -21.31
N TYR B 552 11.96 -4.64 -20.55
CA TYR B 552 11.66 -6.00 -20.13
C TYR B 552 10.96 -5.93 -18.78
N VAL B 553 9.76 -6.52 -18.69
CA VAL B 553 8.91 -6.34 -17.52
C VAL B 553 8.62 -7.70 -16.89
N ASN B 554 8.30 -7.64 -15.60
CA ASN B 554 8.07 -8.82 -14.78
C ASN B 554 7.25 -8.44 -13.55
N GLY B 555 6.22 -7.61 -13.74
CA GLY B 555 5.30 -7.27 -12.67
C GLY B 555 5.42 -5.84 -12.16
N ASN B 556 6.46 -5.11 -12.52
CA ASN B 556 6.58 -3.70 -12.15
C ASN B 556 6.12 -2.83 -13.32
N ARG B 557 6.00 -1.53 -13.06
CA ARG B 557 5.53 -0.60 -14.06
C ARG B 557 6.64 -0.20 -15.02
N VAL B 558 6.23 0.24 -16.22
CA VAL B 558 7.14 0.86 -17.17
C VAL B 558 7.29 2.35 -16.85
N LEU B 559 6.18 3.05 -16.65
CA LEU B 559 6.18 4.49 -16.43
C LEU B 559 5.20 4.82 -15.31
N ASN B 560 5.69 5.55 -14.32
CA ASN B 560 4.88 6.03 -13.21
C ASN B 560 5.19 7.54 -13.16
N ALA B 561 4.30 8.37 -13.69
CA ALA B 561 4.62 9.78 -13.93
C ALA B 561 3.64 10.71 -13.20
N LYS B 562 4.19 11.72 -12.52
CA LYS B 562 3.43 12.65 -11.70
C LYS B 562 3.69 14.08 -12.16
N SER B 563 2.62 14.79 -12.49
CA SER B 563 2.65 16.24 -12.73
C SER B 563 3.56 16.57 -13.93
N VAL B 564 3.26 15.93 -15.07
CA VAL B 564 3.92 16.20 -16.35
C VAL B 564 2.86 16.62 -17.35
N SER B 565 3.10 17.70 -18.08
CA SER B 565 2.24 18.06 -19.20
C SER B 565 2.98 17.78 -20.49
N ASP B 566 2.23 17.42 -21.54
CA ASP B 566 2.83 17.10 -22.82
C ASP B 566 3.81 15.93 -22.68
N LEU B 567 3.27 14.83 -22.18
CA LEU B 567 4.02 13.59 -21.97
C LEU B 567 3.67 12.63 -23.09
N THR B 568 4.69 12.17 -23.82
CA THR B 568 4.47 11.27 -24.96
C THR B 568 5.24 9.97 -24.71
N PHE B 569 4.53 8.84 -24.83
CA PHE B 569 5.12 7.51 -24.72
C PHE B 569 4.82 6.80 -26.05
N ARG B 570 5.82 6.69 -26.93
CA ARG B 570 5.54 6.26 -28.29
C ARG B 570 6.65 5.38 -28.84
N ASP B 571 6.26 4.36 -29.61
CA ASP B 571 7.19 3.54 -30.37
C ASP B 571 8.17 2.79 -29.47
N ASN B 572 7.73 2.44 -28.27
CA ASN B 572 8.50 1.62 -27.36
C ASN B 572 8.13 0.15 -27.54
N LYS B 573 8.99 -0.73 -27.04
CA LYS B 573 8.75 -2.16 -27.07
C LYS B 573 8.74 -2.69 -25.64
N ILE B 574 7.67 -3.37 -25.28
CA ILE B 574 7.51 -3.94 -23.95
C ILE B 574 7.48 -5.46 -24.11
N TYR B 575 8.48 -6.14 -23.54
CA TYR B 575 8.62 -7.59 -23.61
C TYR B 575 8.54 -8.19 -22.23
N ARG B 576 7.97 -9.38 -22.12
CA ARG B 576 8.01 -10.11 -20.85
C ARG B 576 9.42 -10.63 -20.61
N GLU B 577 9.89 -10.54 -19.36
CA GLU B 577 11.27 -10.92 -19.07
C GLU B 577 11.46 -12.42 -19.05
N ASN B 578 10.50 -13.15 -18.47
CA ASN B 578 10.55 -14.61 -18.45
C ASN B 578 9.46 -15.18 -19.36
N PRO B 579 9.64 -15.10 -20.69
CA PRO B 579 8.57 -15.52 -21.60
C PRO B 579 8.48 -17.03 -21.76
N GLN B 609 -6.89 -11.18 -10.60
CA GLN B 609 -6.70 -12.54 -11.09
C GLN B 609 -5.34 -12.70 -11.75
N VAL B 610 -4.84 -11.60 -12.30
CA VAL B 610 -3.51 -11.54 -12.90
C VAL B 610 -2.62 -10.73 -11.97
N SER B 611 -1.45 -11.28 -11.65
CA SER B 611 -0.55 -10.60 -10.73
C SER B 611 0.22 -9.50 -11.44
N GLY B 612 0.80 -8.61 -10.65
CA GLY B 612 1.60 -7.53 -11.17
C GLY B 612 0.80 -6.26 -11.43
N SER B 613 1.53 -5.17 -11.60
CA SER B 613 0.91 -3.86 -11.76
C SER B 613 0.54 -3.62 -13.21
N ARG B 614 -0.46 -2.76 -13.40
CA ARG B 614 -0.62 -2.15 -14.71
C ARG B 614 0.67 -1.42 -15.07
N LEU B 615 1.03 -1.48 -16.36
CA LEU B 615 2.32 -0.97 -16.79
C LEU B 615 2.49 0.54 -16.57
N PHE B 616 1.39 1.28 -16.50
CA PHE B 616 1.46 2.74 -16.49
C PHE B 616 0.63 3.31 -15.35
N ARG B 617 1.14 4.37 -14.75
CA ARG B 617 0.38 5.18 -13.81
C ARG B 617 0.68 6.65 -14.11
N LEU B 618 -0.36 7.47 -14.14
CA LEU B 618 -0.25 8.89 -14.34
C LEU B 618 -0.95 9.59 -13.19
N ASN B 619 -0.31 10.62 -12.64
CA ASN B 619 -0.79 11.31 -11.45
C ASN B 619 -0.74 12.80 -11.73
N GLY B 620 -1.91 13.42 -11.90
CA GLY B 620 -1.99 14.85 -12.18
C GLY B 620 -1.25 15.29 -13.44
N CYS B 621 -1.28 14.48 -14.49
CA CYS B 621 -0.64 14.86 -15.75
C CYS B 621 -1.65 15.54 -16.68
N LYS B 622 -1.13 16.17 -17.75
CA LYS B 622 -1.93 16.82 -18.77
C LYS B 622 -1.40 16.44 -20.14
N GLN B 623 -2.32 16.36 -21.11
CA GLN B 623 -1.96 16.15 -22.52
C GLN B 623 -0.97 14.99 -22.68
N VAL B 624 -1.40 13.80 -22.26
CA VAL B 624 -0.58 12.61 -22.35
C VAL B 624 -0.95 11.86 -23.63
N VAL B 625 0.05 11.38 -24.37
CA VAL B 625 -0.18 10.68 -25.64
C VAL B 625 0.56 9.35 -25.64
N PHE B 626 -0.15 8.27 -25.92
CA PHE B 626 0.41 6.94 -26.16
C PHE B 626 0.23 6.61 -27.64
N GLY B 627 1.29 6.16 -28.30
CA GLY B 627 1.14 5.75 -29.68
C GLY B 627 2.20 4.79 -30.18
N GLY B 628 1.79 3.75 -30.92
CA GLY B 628 2.75 2.93 -31.65
C GLY B 628 3.58 2.00 -30.81
N ASN B 629 3.25 1.81 -29.54
CA ASN B 629 4.00 0.88 -28.71
C ASN B 629 3.60 -0.56 -29.05
N THR B 630 4.55 -1.48 -28.88
CA THR B 630 4.27 -2.89 -29.01
C THR B 630 4.41 -3.57 -27.65
N TYR B 631 3.48 -4.48 -27.36
CA TYR B 631 3.42 -5.16 -26.07
C TYR B 631 3.37 -6.66 -26.28
N ASP B 632 4.20 -7.41 -25.53
CA ASP B 632 4.10 -8.85 -25.49
C ASP B 632 2.72 -9.28 -24.97
N VAL B 633 2.29 -10.46 -25.42
CA VAL B 633 1.07 -11.06 -24.90
C VAL B 633 1.21 -11.25 -23.39
N GLY B 634 0.13 -10.97 -22.66
CA GLY B 634 0.09 -11.24 -21.25
C GLY B 634 0.61 -10.14 -20.33
N VAL B 635 1.00 -8.98 -20.86
CA VAL B 635 1.32 -7.85 -20.00
C VAL B 635 0.09 -6.97 -19.85
N LYS B 636 0.04 -6.22 -18.74
CA LYS B 636 -1.11 -5.37 -18.44
C LYS B 636 -0.85 -3.99 -19.02
N ALA B 637 -1.17 -3.83 -20.30
CA ALA B 637 -1.03 -2.55 -20.99
C ALA B 637 -2.21 -1.66 -20.59
N GLY B 638 -2.21 -1.28 -19.30
CA GLY B 638 -3.28 -0.49 -18.74
C GLY B 638 -2.72 0.67 -17.95
N ILE B 639 -3.59 1.65 -17.66
CA ILE B 639 -3.16 2.93 -17.11
C ILE B 639 -3.98 3.24 -15.86
N ASP B 640 -3.30 3.30 -14.71
CA ASP B 640 -3.90 3.82 -13.49
C ASP B 640 -3.86 5.34 -13.49
N LEU B 641 -4.95 5.98 -13.07
CA LEU B 641 -5.05 7.43 -13.09
C LEU B 641 -5.25 7.94 -11.67
N ALA B 642 -4.42 8.90 -11.27
CA ALA B 642 -4.59 9.62 -10.02
C ALA B 642 -4.67 11.11 -10.31
N ASN B 643 -5.56 11.81 -9.61
CA ASN B 643 -5.66 13.27 -9.71
C ASN B 643 -5.85 13.73 -11.14
N MET B 644 -6.58 12.95 -11.93
CA MET B 644 -6.81 13.29 -13.32
C MET B 644 -7.79 12.29 -13.92
N GLY B 645 -8.53 12.72 -14.94
CA GLY B 645 -9.47 11.90 -15.65
C GLY B 645 -8.96 11.51 -17.04
N ALA B 646 -9.76 10.68 -17.70
CA ALA B 646 -9.31 10.08 -18.96
C ALA B 646 -9.20 11.08 -20.10
N SER B 647 -9.82 12.25 -19.97
CA SER B 647 -9.82 13.22 -21.07
C SER B 647 -8.42 13.76 -21.36
N GLU B 648 -7.50 13.62 -20.41
CA GLU B 648 -6.13 14.11 -20.59
C GLU B 648 -5.19 13.06 -21.17
N VAL B 649 -5.69 11.88 -21.50
CA VAL B 649 -4.87 10.77 -21.98
C VAL B 649 -5.39 10.31 -23.34
N ASN B 650 -4.55 10.41 -24.37
CA ASN B 650 -4.89 10.01 -25.73
C ASN B 650 -4.23 8.66 -26.02
N VAL B 651 -5.03 7.60 -26.07
CA VAL B 651 -4.56 6.26 -26.40
C VAL B 651 -5.16 5.79 -27.72
N SER B 652 -5.65 6.72 -28.57
CA SER B 652 -6.33 6.28 -29.79
C SER B 652 -5.38 5.53 -30.73
N ASP B 653 -4.09 5.83 -30.67
CA ASP B 653 -3.09 5.20 -31.53
C ASP B 653 -2.29 4.12 -30.80
N ASP B 654 -2.85 3.52 -29.75
CA ASP B 654 -2.08 2.59 -28.95
C ASP B 654 -3.01 1.51 -28.42
N SER B 655 -2.42 0.39 -27.97
CA SER B 655 -3.17 -0.68 -27.33
C SER B 655 -3.44 -0.44 -25.84
N ALA B 656 -2.82 0.57 -25.23
CA ALA B 656 -2.96 0.73 -23.78
C ALA B 656 -4.37 1.23 -23.43
N LYS B 657 -4.91 0.71 -22.32
CA LYS B 657 -6.28 1.01 -21.89
C LYS B 657 -6.27 1.90 -20.65
N VAL B 658 -7.06 2.96 -20.68
CA VAL B 658 -7.18 3.86 -19.55
C VAL B 658 -8.19 3.28 -18.55
N GLY B 659 -7.76 3.16 -17.29
CA GLY B 659 -8.70 2.72 -16.26
C GLY B 659 -9.06 1.26 -16.32
N ALA B 660 -8.24 0.42 -16.95
CA ALA B 660 -8.48 -1.01 -17.07
C ALA B 660 -7.14 -1.73 -17.13
N ASP B 661 -7.17 -3.06 -16.97
CA ASP B 661 -5.92 -3.82 -16.96
C ASP B 661 -5.21 -3.76 -18.30
N GLY B 662 -5.96 -3.72 -19.40
CA GLY B 662 -5.33 -3.75 -20.70
C GLY B 662 -4.48 -4.97 -20.97
N LEU B 663 -4.77 -6.09 -20.30
CA LEU B 663 -4.07 -7.34 -20.57
C LEU B 663 -4.07 -7.65 -22.06
N VAL B 664 -2.88 -7.86 -22.61
CA VAL B 664 -2.68 -8.01 -24.05
C VAL B 664 -2.93 -9.46 -24.43
N PRO B 665 -3.96 -9.73 -25.24
CA PRO B 665 -4.28 -11.11 -25.60
C PRO B 665 -3.46 -11.53 -26.82
N VAL B 666 -3.56 -12.81 -27.14
CA VAL B 666 -2.98 -13.32 -28.38
C VAL B 666 -3.49 -12.47 -29.53
N THR B 667 -2.59 -12.16 -30.48
CA THR B 667 -2.99 -11.34 -31.61
C THR B 667 -3.67 -12.17 -32.69
N GLY B 668 -4.57 -11.55 -33.43
CA GLY B 668 -5.28 -12.20 -34.51
C GLY B 668 -6.65 -12.69 -34.08
N SER B 669 -7.38 -13.21 -35.07
CA SER B 669 -8.72 -13.74 -34.83
C SER B 669 -8.71 -15.22 -34.47
N ILE B 670 -7.55 -15.88 -34.51
CA ILE B 670 -7.45 -17.29 -34.16
C ILE B 670 -6.23 -17.49 -33.28
N ALA B 671 -6.44 -18.10 -32.11
CA ALA B 671 -5.36 -18.38 -31.17
C ALA B 671 -5.06 -19.87 -31.17
N TYR B 672 -3.80 -20.23 -31.29
CA TYR B 672 -3.37 -21.63 -31.30
C TYR B 672 -2.99 -22.04 -29.89
N VAL B 673 -3.81 -22.89 -29.26
CA VAL B 673 -3.69 -23.21 -27.84
C VAL B 673 -3.54 -24.71 -27.69
N SER B 674 -2.52 -25.15 -26.94
CA SER B 674 -2.38 -26.58 -26.64
C SER B 674 -3.67 -27.10 -26.04
N ASP B 675 -4.05 -28.33 -26.41
CA ASP B 675 -5.33 -28.83 -25.90
C ASP B 675 -5.23 -29.25 -24.44
N ASP B 676 -4.07 -29.11 -23.80
CA ASP B 676 -3.95 -29.32 -22.37
C ASP B 676 -3.79 -28.01 -21.59
N ALA B 677 -3.88 -26.86 -22.26
CA ALA B 677 -3.76 -25.57 -21.62
C ALA B 677 -5.14 -24.91 -21.50
N ALA B 678 -5.28 -24.04 -20.52
CA ALA B 678 -6.55 -23.37 -20.29
C ALA B 678 -6.60 -22.04 -21.04
N VAL B 679 -7.81 -21.65 -21.43
CA VAL B 679 -8.05 -20.38 -22.11
C VAL B 679 -8.60 -19.38 -21.08
N ALA B 680 -7.96 -18.22 -20.97
CA ALA B 680 -8.51 -17.09 -20.25
C ALA B 680 -9.08 -16.11 -21.28
N SER B 681 -10.40 -15.96 -21.28
CA SER B 681 -11.06 -15.05 -22.20
C SER B 681 -10.88 -13.61 -21.74
N VAL B 682 -10.50 -12.74 -22.67
CA VAL B 682 -10.15 -11.35 -22.39
C VAL B 682 -11.12 -10.44 -23.14
N ASP B 683 -11.76 -9.51 -22.42
CA ASP B 683 -12.73 -8.63 -23.07
C ASP B 683 -11.99 -7.49 -23.75
N GLN B 684 -12.74 -6.53 -24.29
CA GLN B 684 -12.10 -5.50 -25.11
C GLN B 684 -11.39 -4.44 -24.30
N ASP B 685 -11.53 -4.44 -22.97
CA ASP B 685 -10.76 -3.57 -22.10
C ASP B 685 -9.53 -4.28 -21.51
N GLY B 686 -9.28 -5.53 -21.91
CA GLY B 686 -8.17 -6.26 -21.34
C GLY B 686 -8.47 -6.86 -19.98
N THR B 687 -9.74 -7.15 -19.72
CA THR B 687 -10.20 -7.72 -18.46
C THR B 687 -10.55 -9.18 -18.68
N ILE B 688 -10.06 -10.06 -17.79
CA ILE B 688 -10.39 -11.47 -17.92
C ILE B 688 -11.83 -11.69 -17.49
N THR B 689 -12.60 -12.39 -18.34
CA THR B 689 -13.99 -12.68 -18.04
C THR B 689 -14.22 -14.11 -17.58
N ALA B 690 -13.31 -15.03 -17.89
CA ALA B 690 -13.46 -16.44 -17.56
C ALA B 690 -12.13 -17.12 -17.83
N VAL B 691 -11.85 -18.15 -17.03
CA VAL B 691 -10.70 -19.02 -17.23
C VAL B 691 -11.23 -20.45 -17.19
N GLY B 692 -11.17 -21.14 -18.32
CA GLY B 692 -11.59 -22.52 -18.36
C GLY B 692 -10.59 -23.41 -17.63
#